data_1XYN
# 
_entry.id   1XYN 
# 
_audit_conform.dict_name       mmcif_pdbx.dic 
_audit_conform.dict_version    5.386 
_audit_conform.dict_location   http://mmcif.pdb.org/dictionaries/ascii/mmcif_pdbx.dic 
# 
loop_
_database_2.database_id 
_database_2.database_code 
_database_2.pdbx_database_accession 
_database_2.pdbx_DOI 
PDB   1XYN         pdb_00001xyn 10.2210/pdb1xyn/pdb 
WWPDB D_1000177332 ?            ?                   
# 
loop_
_pdbx_audit_revision_history.ordinal 
_pdbx_audit_revision_history.data_content_type 
_pdbx_audit_revision_history.major_revision 
_pdbx_audit_revision_history.minor_revision 
_pdbx_audit_revision_history.revision_date 
1 'Structure model' 1 0 1995-08-08 
2 'Structure model' 1 1 2008-03-24 
3 'Structure model' 1 2 2011-07-13 
4 'Structure model' 1 3 2024-02-14 
# 
_pdbx_audit_revision_details.ordinal             1 
_pdbx_audit_revision_details.revision_ordinal    1 
_pdbx_audit_revision_details.data_content_type   'Structure model' 
_pdbx_audit_revision_details.provider            repository 
_pdbx_audit_revision_details.type                'Initial release' 
_pdbx_audit_revision_details.description         ? 
_pdbx_audit_revision_details.details             ? 
# 
loop_
_pdbx_audit_revision_group.ordinal 
_pdbx_audit_revision_group.revision_ordinal 
_pdbx_audit_revision_group.data_content_type 
_pdbx_audit_revision_group.group 
1 2 'Structure model' 'Version format compliance' 
2 3 'Structure model' 'Version format compliance' 
3 4 'Structure model' 'Data collection'           
4 4 'Structure model' 'Database references'       
5 4 'Structure model' 'Derived calculations'      
6 4 'Structure model' Other                       
# 
loop_
_pdbx_audit_revision_category.ordinal 
_pdbx_audit_revision_category.revision_ordinal 
_pdbx_audit_revision_category.data_content_type 
_pdbx_audit_revision_category.category 
1 4 'Structure model' chem_comp_atom         
2 4 'Structure model' chem_comp_bond         
3 4 'Structure model' database_2             
4 4 'Structure model' pdbx_database_status   
5 4 'Structure model' pdbx_struct_conn_angle 
6 4 'Structure model' struct_conn            
7 4 'Structure model' struct_site            
# 
loop_
_pdbx_audit_revision_item.ordinal 
_pdbx_audit_revision_item.revision_ordinal 
_pdbx_audit_revision_item.data_content_type 
_pdbx_audit_revision_item.item 
1  4 'Structure model' '_database_2.pdbx_DOI'                        
2  4 'Structure model' '_database_2.pdbx_database_accession'         
3  4 'Structure model' '_pdbx_database_status.process_site'          
4  4 'Structure model' '_pdbx_struct_conn_angle.ptnr1_auth_comp_id'  
5  4 'Structure model' '_pdbx_struct_conn_angle.ptnr1_auth_seq_id'   
6  4 'Structure model' '_pdbx_struct_conn_angle.ptnr1_label_atom_id' 
7  4 'Structure model' '_pdbx_struct_conn_angle.ptnr1_label_comp_id' 
8  4 'Structure model' '_pdbx_struct_conn_angle.ptnr1_label_seq_id'  
9  4 'Structure model' '_pdbx_struct_conn_angle.ptnr3_auth_comp_id'  
10 4 'Structure model' '_pdbx_struct_conn_angle.ptnr3_auth_seq_id'   
11 4 'Structure model' '_pdbx_struct_conn_angle.ptnr3_label_atom_id' 
12 4 'Structure model' '_pdbx_struct_conn_angle.ptnr3_label_comp_id' 
13 4 'Structure model' '_pdbx_struct_conn_angle.ptnr3_label_seq_id'  
14 4 'Structure model' '_pdbx_struct_conn_angle.value'               
15 4 'Structure model' '_struct_conn.pdbx_dist_value'                
16 4 'Structure model' '_struct_conn.ptnr1_auth_comp_id'             
17 4 'Structure model' '_struct_conn.ptnr1_auth_seq_id'              
18 4 'Structure model' '_struct_conn.ptnr1_label_asym_id'            
19 4 'Structure model' '_struct_conn.ptnr1_label_atom_id'            
20 4 'Structure model' '_struct_conn.ptnr1_label_comp_id'            
21 4 'Structure model' '_struct_conn.ptnr1_label_seq_id'             
22 4 'Structure model' '_struct_conn.ptnr2_auth_comp_id'             
23 4 'Structure model' '_struct_conn.ptnr2_auth_seq_id'              
24 4 'Structure model' '_struct_conn.ptnr2_label_asym_id'            
25 4 'Structure model' '_struct_conn.ptnr2_label_atom_id'            
26 4 'Structure model' '_struct_conn.ptnr2_label_comp_id'            
27 4 'Structure model' '_struct_conn.ptnr2_label_seq_id'             
28 4 'Structure model' '_struct_site.pdbx_auth_asym_id'              
29 4 'Structure model' '_struct_site.pdbx_auth_comp_id'              
30 4 'Structure model' '_struct_site.pdbx_auth_seq_id'               
# 
_pdbx_database_status.status_code                     REL 
_pdbx_database_status.entry_id                        1XYN 
_pdbx_database_status.recvd_initial_deposition_date   1994-08-09 
_pdbx_database_status.deposit_site                    ? 
_pdbx_database_status.process_site                    BNL 
_pdbx_database_status.SG_entry                        . 
_pdbx_database_status.pdb_format_compatible           Y 
_pdbx_database_status.status_code_mr                  ? 
_pdbx_database_status.status_code_sf                  ? 
_pdbx_database_status.status_code_cs                  ? 
_pdbx_database_status.status_code_nmr_data            ? 
_pdbx_database_status.methods_development_category    ? 
# 
loop_
_audit_author.name 
_audit_author.pdbx_ordinal 
'Rouvinen, J.' 1 
'Torronen, A.' 2 
# 
loop_
_citation.id 
_citation.title 
_citation.journal_abbrev 
_citation.journal_volume 
_citation.page_first 
_citation.page_last 
_citation.year 
_citation.journal_id_ASTM 
_citation.country 
_citation.journal_id_ISSN 
_citation.journal_id_CSD 
_citation.book_publisher 
_citation.pdbx_database_id_PubMed 
_citation.pdbx_database_id_DOI 
primary 'Structural comparison of two major endo-1,4-xylanases from Trichoderma reesei.' Biochemistry 34 847  856 1995 BICHAW US 
0006-2960 0033 ? 7827044 10.1021/bi00003a019 
1       
'Three-Dimensional Structure of Endo-1,4-Beta-Xylanase II from Trichoderma Reesei: Two Conformational States in the Active Site' 
'Embo J.'    13 2493 ?   1994 EMJODG UK 0261-4189 0897 ? ?       ?                   
# 
loop_
_citation_author.citation_id 
_citation_author.name 
_citation_author.ordinal 
_citation_author.identifier_ORCID 
primary 'Torronen, A.' 1 ? 
primary 'Rouvinen, J.' 2 ? 
1       'Torronen, A.' 3 ? 
1       'Harkki, A.'   4 ? 
1       'Rouvinen, J.' 5 ? 
# 
loop_
_entity.id 
_entity.type 
_entity.src_method 
_entity.pdbx_description 
_entity.formula_weight 
_entity.pdbx_number_of_molecules 
_entity.pdbx_ec 
_entity.pdbx_mutation 
_entity.pdbx_fragment 
_entity.details 
1 polymer     nat 'ENDO-1,4-BETA-XYLANASE I' 19054.369 1  3.2.1.8 ? ? ? 
2 non-polymer syn 'CALCIUM ION'              40.078    1  ?       ? ? ? 
3 water       nat water                      18.015    80 ?       ? ? ? 
# 
_entity_name_com.entity_id   1 
_entity_name_com.name        XYNI 
# 
_entity_poly.entity_id                      1 
_entity_poly.type                           'polypeptide(L)' 
_entity_poly.nstd_linkage                   no 
_entity_poly.nstd_monomer                   no 
_entity_poly.pdbx_seq_one_letter_code       
;ASINYDQNYQTGGQVSYSPSNTGFSVNWNTQDDFVVGVGWTTGSSAPINFGGSFSVNSGTGLLSVYGWSTNPLVEYYIME
DNHNYPAQGTVKGTVTSDGATYTIWENTRVNEPSIQGTATFNQYISVRNSPRTSGTVTVQNHFNAWASLGLHLGQMNYQV
VAVEGWGGSGSASQSVSN
;
_entity_poly.pdbx_seq_one_letter_code_can   
;ASINYDQNYQTGGQVSYSPSNTGFSVNWNTQDDFVVGVGWTTGSSAPINFGGSFSVNSGTGLLSVYGWSTNPLVEYYIME
DNHNYPAQGTVKGTVTSDGATYTIWENTRVNEPSIQGTATFNQYISVRNSPRTSGTVTVQNHFNAWASLGLHLGQMNYQV
VAVEGWGGSGSASQSVSN
;
_entity_poly.pdbx_strand_id                 A 
_entity_poly.pdbx_target_identifier         ? 
# 
loop_
_pdbx_entity_nonpoly.entity_id 
_pdbx_entity_nonpoly.name 
_pdbx_entity_nonpoly.comp_id 
2 'CALCIUM ION' CA  
3 water         HOH 
# 
loop_
_entity_poly_seq.entity_id 
_entity_poly_seq.num 
_entity_poly_seq.mon_id 
_entity_poly_seq.hetero 
1 1   ALA n 
1 2   SER n 
1 3   ILE n 
1 4   ASN n 
1 5   TYR n 
1 6   ASP n 
1 7   GLN n 
1 8   ASN n 
1 9   TYR n 
1 10  GLN n 
1 11  THR n 
1 12  GLY n 
1 13  GLY n 
1 14  GLN n 
1 15  VAL n 
1 16  SER n 
1 17  TYR n 
1 18  SER n 
1 19  PRO n 
1 20  SER n 
1 21  ASN n 
1 22  THR n 
1 23  GLY n 
1 24  PHE n 
1 25  SER n 
1 26  VAL n 
1 27  ASN n 
1 28  TRP n 
1 29  ASN n 
1 30  THR n 
1 31  GLN n 
1 32  ASP n 
1 33  ASP n 
1 34  PHE n 
1 35  VAL n 
1 36  VAL n 
1 37  GLY n 
1 38  VAL n 
1 39  GLY n 
1 40  TRP n 
1 41  THR n 
1 42  THR n 
1 43  GLY n 
1 44  SER n 
1 45  SER n 
1 46  ALA n 
1 47  PRO n 
1 48  ILE n 
1 49  ASN n 
1 50  PHE n 
1 51  GLY n 
1 52  GLY n 
1 53  SER n 
1 54  PHE n 
1 55  SER n 
1 56  VAL n 
1 57  ASN n 
1 58  SER n 
1 59  GLY n 
1 60  THR n 
1 61  GLY n 
1 62  LEU n 
1 63  LEU n 
1 64  SER n 
1 65  VAL n 
1 66  TYR n 
1 67  GLY n 
1 68  TRP n 
1 69  SER n 
1 70  THR n 
1 71  ASN n 
1 72  PRO n 
1 73  LEU n 
1 74  VAL n 
1 75  GLU n 
1 76  TYR n 
1 77  TYR n 
1 78  ILE n 
1 79  MET n 
1 80  GLU n 
1 81  ASP n 
1 82  ASN n 
1 83  HIS n 
1 84  ASN n 
1 85  TYR n 
1 86  PRO n 
1 87  ALA n 
1 88  GLN n 
1 89  GLY n 
1 90  THR n 
1 91  VAL n 
1 92  LYS n 
1 93  GLY n 
1 94  THR n 
1 95  VAL n 
1 96  THR n 
1 97  SER n 
1 98  ASP n 
1 99  GLY n 
1 100 ALA n 
1 101 THR n 
1 102 TYR n 
1 103 THR n 
1 104 ILE n 
1 105 TRP n 
1 106 GLU n 
1 107 ASN n 
1 108 THR n 
1 109 ARG n 
1 110 VAL n 
1 111 ASN n 
1 112 GLU n 
1 113 PRO n 
1 114 SER n 
1 115 ILE n 
1 116 GLN n 
1 117 GLY n 
1 118 THR n 
1 119 ALA n 
1 120 THR n 
1 121 PHE n 
1 122 ASN n 
1 123 GLN n 
1 124 TYR n 
1 125 ILE n 
1 126 SER n 
1 127 VAL n 
1 128 ARG n 
1 129 ASN n 
1 130 SER n 
1 131 PRO n 
1 132 ARG n 
1 133 THR n 
1 134 SER n 
1 135 GLY n 
1 136 THR n 
1 137 VAL n 
1 138 THR n 
1 139 VAL n 
1 140 GLN n 
1 141 ASN n 
1 142 HIS n 
1 143 PHE n 
1 144 ASN n 
1 145 ALA n 
1 146 TRP n 
1 147 ALA n 
1 148 SER n 
1 149 LEU n 
1 150 GLY n 
1 151 LEU n 
1 152 HIS n 
1 153 LEU n 
1 154 GLY n 
1 155 GLN n 
1 156 MET n 
1 157 ASN n 
1 158 TYR n 
1 159 GLN n 
1 160 VAL n 
1 161 VAL n 
1 162 ALA n 
1 163 VAL n 
1 164 GLU n 
1 165 GLY n 
1 166 TRP n 
1 167 GLY n 
1 168 GLY n 
1 169 SER n 
1 170 GLY n 
1 171 SER n 
1 172 ALA n 
1 173 SER n 
1 174 GLN n 
1 175 SER n 
1 176 VAL n 
1 177 SER n 
1 178 ASN n 
# 
_entity_src_nat.entity_id                  1 
_entity_src_nat.pdbx_src_id                1 
_entity_src_nat.pdbx_alt_source_flag       sample 
_entity_src_nat.pdbx_beg_seq_num           ? 
_entity_src_nat.pdbx_end_seq_num           ? 
_entity_src_nat.common_name                ? 
_entity_src_nat.pdbx_organism_scientific   'Hypocrea jecorina' 
_entity_src_nat.pdbx_ncbi_taxonomy_id      51453 
_entity_src_nat.genus                      Hypocrea 
_entity_src_nat.species                    ? 
_entity_src_nat.strain                     RUT-C30 
_entity_src_nat.tissue                     ? 
_entity_src_nat.tissue_fraction            ? 
_entity_src_nat.pdbx_secretion             ? 
_entity_src_nat.pdbx_fragment              ? 
_entity_src_nat.pdbx_variant               ? 
_entity_src_nat.pdbx_cell_line             ? 
_entity_src_nat.pdbx_atcc                  ? 
_entity_src_nat.pdbx_cellular_location     ? 
_entity_src_nat.pdbx_organ                 ? 
_entity_src_nat.pdbx_organelle             ? 
_entity_src_nat.pdbx_cell                  ? 
_entity_src_nat.pdbx_plasmid_name          ? 
_entity_src_nat.pdbx_plasmid_details       ? 
_entity_src_nat.details                    ? 
# 
loop_
_chem_comp.id 
_chem_comp.type 
_chem_comp.mon_nstd_flag 
_chem_comp.name 
_chem_comp.pdbx_synonyms 
_chem_comp.formula 
_chem_comp.formula_weight 
ALA 'L-peptide linking' y ALANINE         ? 'C3 H7 N O2'     89.093  
ARG 'L-peptide linking' y ARGININE        ? 'C6 H15 N4 O2 1' 175.209 
ASN 'L-peptide linking' y ASPARAGINE      ? 'C4 H8 N2 O3'    132.118 
ASP 'L-peptide linking' y 'ASPARTIC ACID' ? 'C4 H7 N O4'     133.103 
CA  non-polymer         . 'CALCIUM ION'   ? 'Ca 2'           40.078  
GLN 'L-peptide linking' y GLUTAMINE       ? 'C5 H10 N2 O3'   146.144 
GLU 'L-peptide linking' y 'GLUTAMIC ACID' ? 'C5 H9 N O4'     147.129 
GLY 'peptide linking'   y GLYCINE         ? 'C2 H5 N O2'     75.067  
HIS 'L-peptide linking' y HISTIDINE       ? 'C6 H10 N3 O2 1' 156.162 
HOH non-polymer         . WATER           ? 'H2 O'           18.015  
ILE 'L-peptide linking' y ISOLEUCINE      ? 'C6 H13 N O2'    131.173 
LEU 'L-peptide linking' y LEUCINE         ? 'C6 H13 N O2'    131.173 
LYS 'L-peptide linking' y LYSINE          ? 'C6 H15 N2 O2 1' 147.195 
MET 'L-peptide linking' y METHIONINE      ? 'C5 H11 N O2 S'  149.211 
PHE 'L-peptide linking' y PHENYLALANINE   ? 'C9 H11 N O2'    165.189 
PRO 'L-peptide linking' y PROLINE         ? 'C5 H9 N O2'     115.130 
SER 'L-peptide linking' y SERINE          ? 'C3 H7 N O3'     105.093 
THR 'L-peptide linking' y THREONINE       ? 'C4 H9 N O3'     119.119 
TRP 'L-peptide linking' y TRYPTOPHAN      ? 'C11 H12 N2 O2'  204.225 
TYR 'L-peptide linking' y TYROSINE        ? 'C9 H11 N O3'    181.189 
VAL 'L-peptide linking' y VALINE          ? 'C5 H11 N O2'    117.146 
# 
loop_
_pdbx_poly_seq_scheme.asym_id 
_pdbx_poly_seq_scheme.entity_id 
_pdbx_poly_seq_scheme.seq_id 
_pdbx_poly_seq_scheme.mon_id 
_pdbx_poly_seq_scheme.ndb_seq_num 
_pdbx_poly_seq_scheme.pdb_seq_num 
_pdbx_poly_seq_scheme.auth_seq_num 
_pdbx_poly_seq_scheme.pdb_mon_id 
_pdbx_poly_seq_scheme.auth_mon_id 
_pdbx_poly_seq_scheme.pdb_strand_id 
_pdbx_poly_seq_scheme.pdb_ins_code 
_pdbx_poly_seq_scheme.hetero 
A 1 1   ALA 1   1   1   ALA ALA A . n 
A 1 2   SER 2   2   2   SER SER A . n 
A 1 3   ILE 3   3   3   ILE ILE A . n 
A 1 4   ASN 4   4   4   ASN ASN A . n 
A 1 5   TYR 5   5   5   TYR TYR A . n 
A 1 6   ASP 6   6   6   ASP ASP A . n 
A 1 7   GLN 7   7   7   GLN GLN A . n 
A 1 8   ASN 8   8   8   ASN ASN A . n 
A 1 9   TYR 9   9   9   TYR TYR A . n 
A 1 10  GLN 10  10  10  GLN GLN A . n 
A 1 11  THR 11  11  11  THR THR A . n 
A 1 12  GLY 12  12  12  GLY GLY A . n 
A 1 13  GLY 13  13  13  GLY GLY A . n 
A 1 14  GLN 14  14  14  GLN GLN A . n 
A 1 15  VAL 15  15  15  VAL VAL A . n 
A 1 16  SER 16  16  16  SER SER A . n 
A 1 17  TYR 17  17  17  TYR TYR A . n 
A 1 18  SER 18  18  18  SER SER A . n 
A 1 19  PRO 19  19  19  PRO PRO A . n 
A 1 20  SER 20  20  20  SER SER A . n 
A 1 21  ASN 21  21  21  ASN ASN A . n 
A 1 22  THR 22  22  22  THR THR A . n 
A 1 23  GLY 23  23  23  GLY GLY A . n 
A 1 24  PHE 24  24  24  PHE PHE A . n 
A 1 25  SER 25  25  25  SER SER A . n 
A 1 26  VAL 26  26  26  VAL VAL A . n 
A 1 27  ASN 27  27  27  ASN ASN A . n 
A 1 28  TRP 28  28  28  TRP TRP A . n 
A 1 29  ASN 29  29  29  ASN ASN A . n 
A 1 30  THR 30  30  30  THR THR A . n 
A 1 31  GLN 31  31  31  GLN GLN A . n 
A 1 32  ASP 32  32  32  ASP ASP A . n 
A 1 33  ASP 33  33  33  ASP ASP A . n 
A 1 34  PHE 34  34  34  PHE PHE A . n 
A 1 35  VAL 35  35  35  VAL VAL A . n 
A 1 36  VAL 36  36  36  VAL VAL A . n 
A 1 37  GLY 37  37  37  GLY GLY A . n 
A 1 38  VAL 38  38  38  VAL VAL A . n 
A 1 39  GLY 39  39  39  GLY GLY A . n 
A 1 40  TRP 40  40  40  TRP TRP A . n 
A 1 41  THR 41  41  41  THR THR A . n 
A 1 42  THR 42  42  42  THR THR A . n 
A 1 43  GLY 43  43  43  GLY GLY A . n 
A 1 44  SER 44  44  44  SER SER A . n 
A 1 45  SER 45  45  45  SER SER A . n 
A 1 46  ALA 46  46  46  ALA ALA A . n 
A 1 47  PRO 47  47  47  PRO PRO A . n 
A 1 48  ILE 48  48  48  ILE ILE A . n 
A 1 49  ASN 49  49  49  ASN ASN A . n 
A 1 50  PHE 50  50  50  PHE PHE A . n 
A 1 51  GLY 51  51  51  GLY GLY A . n 
A 1 52  GLY 52  52  52  GLY GLY A . n 
A 1 53  SER 53  53  53  SER SER A . n 
A 1 54  PHE 54  54  54  PHE PHE A . n 
A 1 55  SER 55  55  55  SER SER A . n 
A 1 56  VAL 56  56  56  VAL VAL A . n 
A 1 57  ASN 57  57  57  ASN ASN A . n 
A 1 58  SER 58  58  58  SER SER A . n 
A 1 59  GLY 59  59  59  GLY GLY A . n 
A 1 60  THR 60  60  60  THR THR A . n 
A 1 61  GLY 61  61  61  GLY GLY A . n 
A 1 62  LEU 62  62  62  LEU LEU A . n 
A 1 63  LEU 63  63  63  LEU LEU A . n 
A 1 64  SER 64  64  64  SER SER A . n 
A 1 65  VAL 65  65  65  VAL VAL A . n 
A 1 66  TYR 66  66  66  TYR TYR A . n 
A 1 67  GLY 67  67  67  GLY GLY A . n 
A 1 68  TRP 68  68  68  TRP TRP A . n 
A 1 69  SER 69  69  69  SER SER A . n 
A 1 70  THR 70  70  70  THR THR A . n 
A 1 71  ASN 71  71  71  ASN ASN A . n 
A 1 72  PRO 72  72  72  PRO PRO A . n 
A 1 73  LEU 73  73  73  LEU LEU A . n 
A 1 74  VAL 74  74  74  VAL VAL A . n 
A 1 75  GLU 75  75  75  GLU GLU A . n 
A 1 76  TYR 76  76  76  TYR TYR A . n 
A 1 77  TYR 77  77  77  TYR TYR A . n 
A 1 78  ILE 78  78  78  ILE ILE A . n 
A 1 79  MET 79  79  79  MET MET A . n 
A 1 80  GLU 80  80  80  GLU GLU A . n 
A 1 81  ASP 81  81  81  ASP ASP A . n 
A 1 82  ASN 82  82  82  ASN ASN A . n 
A 1 83  HIS 83  83  83  HIS HIS A . n 
A 1 84  ASN 84  84  84  ASN ASN A . n 
A 1 85  TYR 85  85  85  TYR TYR A . n 
A 1 86  PRO 86  86  86  PRO PRO A . n 
A 1 87  ALA 87  87  87  ALA ALA A . n 
A 1 88  GLN 88  88  88  GLN GLN A . n 
A 1 89  GLY 89  89  89  GLY GLY A . n 
A 1 90  THR 90  90  90  THR THR A . n 
A 1 91  VAL 91  91  91  VAL VAL A . n 
A 1 92  LYS 92  92  92  LYS LYS A . n 
A 1 93  GLY 93  93  93  GLY GLY A . n 
A 1 94  THR 94  94  94  THR THR A . n 
A 1 95  VAL 95  95  95  VAL VAL A . n 
A 1 96  THR 96  96  96  THR THR A . n 
A 1 97  SER 97  97  97  SER SER A . n 
A 1 98  ASP 98  98  98  ASP ASP A . n 
A 1 99  GLY 99  99  99  GLY GLY A . n 
A 1 100 ALA 100 100 100 ALA ALA A . n 
A 1 101 THR 101 101 101 THR THR A . n 
A 1 102 TYR 102 102 102 TYR TYR A . n 
A 1 103 THR 103 103 103 THR THR A . n 
A 1 104 ILE 104 104 104 ILE ILE A . n 
A 1 105 TRP 105 105 105 TRP TRP A . n 
A 1 106 GLU 106 106 106 GLU GLU A . n 
A 1 107 ASN 107 107 107 ASN ASN A . n 
A 1 108 THR 108 108 108 THR THR A . n 
A 1 109 ARG 109 109 109 ARG ARG A . n 
A 1 110 VAL 110 110 110 VAL VAL A . n 
A 1 111 ASN 111 111 111 ASN ASN A . n 
A 1 112 GLU 112 112 112 GLU GLU A . n 
A 1 113 PRO 113 113 113 PRO PRO A . n 
A 1 114 SER 114 114 114 SER SER A . n 
A 1 115 ILE 115 115 115 ILE ILE A . n 
A 1 116 GLN 116 116 116 GLN GLN A . n 
A 1 117 GLY 117 117 117 GLY GLY A . n 
A 1 118 THR 118 118 118 THR THR A . n 
A 1 119 ALA 119 119 119 ALA ALA A . n 
A 1 120 THR 120 120 120 THR THR A . n 
A 1 121 PHE 121 121 121 PHE PHE A . n 
A 1 122 ASN 122 122 122 ASN ASN A . n 
A 1 123 GLN 123 123 123 GLN GLN A . n 
A 1 124 TYR 124 124 124 TYR TYR A . n 
A 1 125 ILE 125 125 125 ILE ILE A . n 
A 1 126 SER 126 126 126 SER SER A . n 
A 1 127 VAL 127 127 127 VAL VAL A . n 
A 1 128 ARG 128 128 128 ARG ARG A . n 
A 1 129 ASN 129 129 129 ASN ASN A . n 
A 1 130 SER 130 130 130 SER SER A . n 
A 1 131 PRO 131 131 131 PRO PRO A . n 
A 1 132 ARG 132 132 132 ARG ARG A . n 
A 1 133 THR 133 133 133 THR THR A . n 
A 1 134 SER 134 134 134 SER SER A . n 
A 1 135 GLY 135 135 135 GLY GLY A . n 
A 1 136 THR 136 136 136 THR THR A . n 
A 1 137 VAL 137 137 137 VAL VAL A . n 
A 1 138 THR 138 138 138 THR THR A . n 
A 1 139 VAL 139 139 139 VAL VAL A . n 
A 1 140 GLN 140 140 140 GLN GLN A . n 
A 1 141 ASN 141 141 141 ASN ASN A . n 
A 1 142 HIS 142 142 142 HIS HIS A . n 
A 1 143 PHE 143 143 143 PHE PHE A . n 
A 1 144 ASN 144 144 144 ASN ASN A . n 
A 1 145 ALA 145 145 145 ALA ALA A . n 
A 1 146 TRP 146 146 146 TRP TRP A . n 
A 1 147 ALA 147 147 147 ALA ALA A . n 
A 1 148 SER 148 148 148 SER SER A . n 
A 1 149 LEU 149 149 149 LEU LEU A . n 
A 1 150 GLY 150 150 150 GLY GLY A . n 
A 1 151 LEU 151 151 151 LEU LEU A . n 
A 1 152 HIS 152 152 152 HIS HIS A . n 
A 1 153 LEU 153 153 153 LEU LEU A . n 
A 1 154 GLY 154 154 154 GLY GLY A . n 
A 1 155 GLN 155 155 155 GLN GLN A . n 
A 1 156 MET 156 156 156 MET MET A . n 
A 1 157 ASN 157 157 157 ASN ASN A . n 
A 1 158 TYR 158 158 158 TYR TYR A . n 
A 1 159 GLN 159 159 159 GLN GLN A . n 
A 1 160 VAL 160 160 160 VAL VAL A . n 
A 1 161 VAL 161 161 161 VAL VAL A . n 
A 1 162 ALA 162 162 162 ALA ALA A . n 
A 1 163 VAL 163 163 163 VAL VAL A . n 
A 1 164 GLU 164 164 164 GLU GLU A . n 
A 1 165 GLY 165 165 165 GLY GLY A . n 
A 1 166 TRP 166 166 166 TRP TRP A . n 
A 1 167 GLY 167 167 167 GLY GLY A . n 
A 1 168 GLY 168 168 168 GLY GLY A . n 
A 1 169 SER 169 169 169 SER SER A . n 
A 1 170 GLY 170 170 170 GLY GLY A . n 
A 1 171 SER 171 171 171 SER SER A . n 
A 1 172 ALA 172 172 172 ALA ALA A . n 
A 1 173 SER 173 173 173 SER SER A . n 
A 1 174 GLN 174 174 174 GLN GLN A . n 
A 1 175 SER 175 175 175 SER SER A . n 
A 1 176 VAL 176 176 176 VAL VAL A . n 
A 1 177 SER 177 177 177 SER SER A . n 
A 1 178 ASN 178 178 178 ASN ASN A . n 
# 
loop_
_pdbx_nonpoly_scheme.asym_id 
_pdbx_nonpoly_scheme.entity_id 
_pdbx_nonpoly_scheme.mon_id 
_pdbx_nonpoly_scheme.ndb_seq_num 
_pdbx_nonpoly_scheme.pdb_seq_num 
_pdbx_nonpoly_scheme.auth_seq_num 
_pdbx_nonpoly_scheme.pdb_mon_id 
_pdbx_nonpoly_scheme.auth_mon_id 
_pdbx_nonpoly_scheme.pdb_strand_id 
_pdbx_nonpoly_scheme.pdb_ins_code 
B 2 CA  1  601 601 CA  CA  A . 
C 3 HOH 1  501 501 HOH HOH A . 
C 3 HOH 2  502 502 HOH HOH A . 
C 3 HOH 3  503 503 HOH HOH A . 
C 3 HOH 4  504 504 HOH HOH A . 
C 3 HOH 5  505 505 HOH HOH A . 
C 3 HOH 6  506 506 HOH HOH A . 
C 3 HOH 7  507 507 HOH HOH A . 
C 3 HOH 8  508 508 HOH HOH A . 
C 3 HOH 9  509 509 HOH HOH A . 
C 3 HOH 10 510 510 HOH HOH A . 
C 3 HOH 11 513 513 HOH HOH A . 
C 3 HOH 12 514 514 HOH HOH A . 
C 3 HOH 13 515 515 HOH HOH A . 
C 3 HOH 14 516 516 HOH HOH A . 
C 3 HOH 15 517 517 HOH HOH A . 
C 3 HOH 16 518 518 HOH HOH A . 
C 3 HOH 17 519 519 HOH HOH A . 
C 3 HOH 18 520 520 HOH HOH A . 
C 3 HOH 19 521 521 HOH HOH A . 
C 3 HOH 20 522 522 HOH HOH A . 
C 3 HOH 21 523 523 HOH HOH A . 
C 3 HOH 22 525 525 HOH HOH A . 
C 3 HOH 23 526 526 HOH HOH A . 
C 3 HOH 24 527 527 HOH HOH A . 
C 3 HOH 25 528 528 HOH HOH A . 
C 3 HOH 26 529 529 HOH HOH A . 
C 3 HOH 27 530 530 HOH HOH A . 
C 3 HOH 28 531 531 HOH HOH A . 
C 3 HOH 29 532 532 HOH HOH A . 
C 3 HOH 30 533 533 HOH HOH A . 
C 3 HOH 31 534 534 HOH HOH A . 
C 3 HOH 32 535 535 HOH HOH A . 
C 3 HOH 33 536 536 HOH HOH A . 
C 3 HOH 34 537 537 HOH HOH A . 
C 3 HOH 35 538 538 HOH HOH A . 
C 3 HOH 36 539 539 HOH HOH A . 
C 3 HOH 37 540 540 HOH HOH A . 
C 3 HOH 38 541 541 HOH HOH A . 
C 3 HOH 39 542 542 HOH HOH A . 
C 3 HOH 40 543 543 HOH HOH A . 
C 3 HOH 41 544 544 HOH HOH A . 
C 3 HOH 42 546 546 HOH HOH A . 
C 3 HOH 43 547 547 HOH HOH A . 
C 3 HOH 44 548 548 HOH HOH A . 
C 3 HOH 45 549 549 HOH HOH A . 
C 3 HOH 46 550 550 HOH HOH A . 
C 3 HOH 47 551 551 HOH HOH A . 
C 3 HOH 48 552 552 HOH HOH A . 
C 3 HOH 49 553 553 HOH HOH A . 
C 3 HOH 50 554 554 HOH HOH A . 
C 3 HOH 51 555 555 HOH HOH A . 
C 3 HOH 52 556 556 HOH HOH A . 
C 3 HOH 53 557 557 HOH HOH A . 
C 3 HOH 54 558 558 HOH HOH A . 
C 3 HOH 55 559 559 HOH HOH A . 
C 3 HOH 56 560 560 HOH HOH A . 
C 3 HOH 57 561 561 HOH HOH A . 
C 3 HOH 58 562 562 HOH HOH A . 
C 3 HOH 59 563 563 HOH HOH A . 
C 3 HOH 60 564 564 HOH HOH A . 
C 3 HOH 61 567 567 HOH HOH A . 
C 3 HOH 62 568 568 HOH HOH A . 
C 3 HOH 63 571 571 HOH HOH A . 
C 3 HOH 64 572 572 HOH HOH A . 
C 3 HOH 65 573 573 HOH HOH A . 
C 3 HOH 66 574 574 HOH HOH A . 
C 3 HOH 67 575 575 HOH HOH A . 
C 3 HOH 68 576 576 HOH HOH A . 
C 3 HOH 69 577 577 HOH HOH A . 
C 3 HOH 70 578 578 HOH HOH A . 
C 3 HOH 71 579 579 HOH HOH A . 
C 3 HOH 72 580 580 HOH HOH A . 
C 3 HOH 73 581 581 HOH HOH A . 
C 3 HOH 74 582 582 HOH HOH A . 
C 3 HOH 75 583 583 HOH HOH A . 
C 3 HOH 76 584 584 HOH HOH A . 
C 3 HOH 77 585 585 HOH HOH A . 
C 3 HOH 78 586 586 HOH HOH A . 
C 3 HOH 79 587 587 HOH HOH A . 
C 3 HOH 80 588 588 HOH HOH A . 
# 
loop_
_software.name 
_software.classification 
_software.version 
_software.citation_id 
_software.pdbx_ordinal 
X-PLOR 'model building' . ? 1 
X-PLOR refinement       . ? 2 
X-PLOR phasing          . ? 3 
# 
_cell.entry_id           1XYN 
_cell.length_a           72.250 
_cell.length_b           39.010 
_cell.length_c           54.300 
_cell.angle_alpha        90.00 
_cell.angle_beta         91.80 
_cell.angle_gamma        90.00 
_cell.Z_PDB              4 
_cell.pdbx_unique_axis   ? 
# 
_symmetry.entry_id                         1XYN 
_symmetry.space_group_name_H-M             'C 1 2 1' 
_symmetry.pdbx_full_space_group_name_H-M   ? 
_symmetry.cell_setting                     ? 
_symmetry.Int_Tables_number                5 
# 
_exptl.entry_id          1XYN 
_exptl.method            'X-RAY DIFFRACTION' 
_exptl.crystals_number   1 
# 
_exptl_crystal.id                    1 
_exptl_crystal.density_meas          ? 
_exptl_crystal.density_Matthews      2.01 
_exptl_crystal.density_percent_sol   38.69 
_exptl_crystal.description           ? 
# 
_diffrn.id                     1 
_diffrn.ambient_temp           ? 
_diffrn.ambient_temp_details   ? 
_diffrn.crystal_id             1 
# 
_diffrn_detector.diffrn_id              1 
_diffrn_detector.detector               'IMAGE PLATE' 
_diffrn_detector.type                   'RIGAKU RAXIS IIC' 
_diffrn_detector.pdbx_collection_date   1994-06-02 
_diffrn_detector.details                ? 
# 
_diffrn_radiation.diffrn_id                        1 
_diffrn_radiation.wavelength_id                    1 
_diffrn_radiation.pdbx_monochromatic_or_laue_m_l   M 
_diffrn_radiation.monochromator                    ? 
_diffrn_radiation.pdbx_diffrn_protocol             ? 
_diffrn_radiation.pdbx_scattering_type             x-ray 
# 
_diffrn_radiation_wavelength.id           1 
_diffrn_radiation_wavelength.wavelength   1.5418 
_diffrn_radiation_wavelength.wt           1.0 
# 
_diffrn_source.diffrn_id                   1 
_diffrn_source.source                      ? 
_diffrn_source.type                        ? 
_diffrn_source.pdbx_synchrotron_site       ? 
_diffrn_source.pdbx_synchrotron_beamline   ? 
_diffrn_source.pdbx_wavelength             ? 
_diffrn_source.pdbx_wavelength_list        1.5418 
# 
_reflns.entry_id                     1XYN 
_reflns.observed_criterion_sigma_I   ? 
_reflns.observed_criterion_sigma_F   1. 
_reflns.d_resolution_low             ? 
_reflns.d_resolution_high            ? 
_reflns.number_obs                   7631 
_reflns.number_all                   ? 
_reflns.percent_possible_obs         79. 
_reflns.pdbx_Rmerge_I_obs            0.0897 
_reflns.pdbx_Rsym_value              ? 
_reflns.pdbx_netI_over_sigmaI        ? 
_reflns.B_iso_Wilson_estimate        ? 
_reflns.pdbx_redundancy              2.65 
_reflns.pdbx_diffrn_id               1 
_reflns.pdbx_ordinal                 1 
# 
_refine.entry_id                                 1XYN 
_refine.ls_number_reflns_obs                     7475 
_refine.ls_number_reflns_all                     ? 
_refine.pdbx_ls_sigma_I                          ? 
_refine.pdbx_ls_sigma_F                          1. 
_refine.pdbx_data_cutoff_high_absF               ? 
_refine.pdbx_data_cutoff_low_absF                ? 
_refine.pdbx_data_cutoff_high_rms_absF           ? 
_refine.ls_d_res_low                             8.0 
_refine.ls_d_res_high                            2.0 
_refine.ls_percent_reflns_obs                    ? 
_refine.ls_R_factor_obs                          0.185 
_refine.ls_R_factor_all                          ? 
_refine.ls_R_factor_R_work                       0.185 
_refine.ls_R_factor_R_free                       ? 
_refine.ls_R_factor_R_free_error                 ? 
_refine.ls_R_factor_R_free_error_details         ? 
_refine.ls_percent_reflns_R_free                 ? 
_refine.ls_number_reflns_R_free                  ? 
_refine.ls_number_parameters                     ? 
_refine.ls_number_restraints                     ? 
_refine.occupancy_min                            ? 
_refine.occupancy_max                            ? 
_refine.B_iso_mean                               18.76 
_refine.aniso_B[1][1]                            ? 
_refine.aniso_B[2][2]                            ? 
_refine.aniso_B[3][3]                            ? 
_refine.aniso_B[1][2]                            ? 
_refine.aniso_B[1][3]                            ? 
_refine.aniso_B[2][3]                            ? 
_refine.solvent_model_details                    ? 
_refine.solvent_model_param_ksol                 ? 
_refine.solvent_model_param_bsol                 ? 
_refine.pdbx_ls_cross_valid_method               ? 
_refine.details                                  ? 
_refine.pdbx_starting_model                      ? 
_refine.pdbx_method_to_determine_struct          ? 
_refine.pdbx_isotropic_thermal_model             ? 
_refine.pdbx_stereochemistry_target_values       ? 
_refine.pdbx_stereochem_target_val_spec_case     ? 
_refine.pdbx_R_Free_selection_details            ? 
_refine.pdbx_overall_ESU_R                       ? 
_refine.pdbx_overall_ESU_R_Free                  ? 
_refine.overall_SU_ML                            ? 
_refine.overall_SU_B                             ? 
_refine.pdbx_refine_id                           'X-RAY DIFFRACTION' 
_refine.pdbx_diffrn_id                           1 
_refine.pdbx_TLS_residual_ADP_flag               ? 
_refine.correlation_coeff_Fo_to_Fc               ? 
_refine.correlation_coeff_Fo_to_Fc_free          ? 
_refine.pdbx_solvent_vdw_probe_radii             ? 
_refine.pdbx_solvent_ion_probe_radii             ? 
_refine.pdbx_solvent_shrinkage_radii             ? 
_refine.pdbx_overall_phase_error                 ? 
_refine.overall_SU_R_Cruickshank_DPI             ? 
_refine.pdbx_overall_SU_R_free_Cruickshank_DPI   ? 
_refine.pdbx_overall_SU_R_Blow_DPI               ? 
_refine.pdbx_overall_SU_R_free_Blow_DPI          ? 
# 
_refine_hist.pdbx_refine_id                   'X-RAY DIFFRACTION' 
_refine_hist.cycle_id                         LAST 
_refine_hist.pdbx_number_atoms_protein        1348 
_refine_hist.pdbx_number_atoms_nucleic_acid   0 
_refine_hist.pdbx_number_atoms_ligand         1 
_refine_hist.number_atoms_solvent             80 
_refine_hist.number_atoms_total               1429 
_refine_hist.d_res_high                       2.0 
_refine_hist.d_res_low                        8.0 
# 
loop_
_refine_ls_restr.type 
_refine_ls_restr.dev_ideal 
_refine_ls_restr.dev_ideal_target 
_refine_ls_restr.weight 
_refine_ls_restr.number 
_refine_ls_restr.pdbx_refine_id 
_refine_ls_restr.pdbx_restraint_function 
x_bond_d                0.007 ? ? ? 'X-RAY DIFFRACTION' ? 
x_bond_d_na             ?     ? ? ? 'X-RAY DIFFRACTION' ? 
x_bond_d_prot           ?     ? ? ? 'X-RAY DIFFRACTION' ? 
x_angle_d               ?     ? ? ? 'X-RAY DIFFRACTION' ? 
x_angle_d_na            ?     ? ? ? 'X-RAY DIFFRACTION' ? 
x_angle_d_prot          ?     ? ? ? 'X-RAY DIFFRACTION' ? 
x_angle_deg             1.5   ? ? ? 'X-RAY DIFFRACTION' ? 
x_angle_deg_na          ?     ? ? ? 'X-RAY DIFFRACTION' ? 
x_angle_deg_prot        ?     ? ? ? 'X-RAY DIFFRACTION' ? 
x_dihedral_angle_d      ?     ? ? ? 'X-RAY DIFFRACTION' ? 
x_dihedral_angle_d_na   ?     ? ? ? 'X-RAY DIFFRACTION' ? 
x_dihedral_angle_d_prot ?     ? ? ? 'X-RAY DIFFRACTION' ? 
x_improper_angle_d      1.1   ? ? ? 'X-RAY DIFFRACTION' ? 
x_improper_angle_d_na   ?     ? ? ? 'X-RAY DIFFRACTION' ? 
x_improper_angle_d_prot ?     ? ? ? 'X-RAY DIFFRACTION' ? 
x_mcbond_it             ?     ? ? ? 'X-RAY DIFFRACTION' ? 
x_mcangle_it            ?     ? ? ? 'X-RAY DIFFRACTION' ? 
x_scbond_it             ?     ? ? ? 'X-RAY DIFFRACTION' ? 
x_scangle_it            ?     ? ? ? 'X-RAY DIFFRACTION' ? 
# 
_struct.entry_id                  1XYN 
_struct.title                     'STRUCTURAL COMPARISON OF TWO MAJOR ENDO-1,4-BETA-XYLANASES FROM TRICHODREMA REESEI' 
_struct.pdbx_model_details        ? 
_struct.pdbx_CASP_flag            ? 
_struct.pdbx_model_type_details   ? 
# 
_struct_keywords.entry_id        1XYN 
_struct_keywords.pdbx_keywords   HYDROLASE 
_struct_keywords.text            'XYLANASE, HYDROLASE' 
# 
loop_
_struct_asym.id 
_struct_asym.pdbx_blank_PDB_chainid_flag 
_struct_asym.pdbx_modified 
_struct_asym.entity_id 
_struct_asym.details 
A N N 1 ? 
B N N 2 ? 
C N N 3 ? 
# 
_struct_ref.id                         1 
_struct_ref.db_name                    UNP 
_struct_ref.db_code                    XYN1_TRIRE 
_struct_ref.entity_id                  1 
_struct_ref.pdbx_db_accession          P36218 
_struct_ref.pdbx_align_begin           1 
_struct_ref.pdbx_seq_one_letter_code   
;MVAFSSLICALTSIASTLAMPTGLEPESSVNVTERGMYDFVLGAHNDHRRRASINYDQNYQTGGQVSYSPSNTGFSVNWN
TQDDFVVGVGWTTGSSAPINFGGSFSVNSGTGLLSVYGWSTNPLVEYYIMEDNHNYPAQGTVKGTVTSDGATYTIWENTR
VNEPSIQGTATFNQYISVRNSPRTSGTVTVQNHFNAWASLGLHLGQMNYQVVAVEGWGGSGSASQSVSN
;
_struct_ref.pdbx_db_isoform            ? 
# 
_struct_ref_seq.align_id                      1 
_struct_ref_seq.ref_id                        1 
_struct_ref_seq.pdbx_PDB_id_code              1XYN 
_struct_ref_seq.pdbx_strand_id                A 
_struct_ref_seq.seq_align_beg                 1 
_struct_ref_seq.pdbx_seq_align_beg_ins_code   ? 
_struct_ref_seq.seq_align_end                 178 
_struct_ref_seq.pdbx_seq_align_end_ins_code   ? 
_struct_ref_seq.pdbx_db_accession             P36218 
_struct_ref_seq.db_align_beg                  52 
_struct_ref_seq.pdbx_db_align_beg_ins_code    ? 
_struct_ref_seq.db_align_end                  229 
_struct_ref_seq.pdbx_db_align_end_ins_code    ? 
_struct_ref_seq.pdbx_auth_seq_align_beg       1 
_struct_ref_seq.pdbx_auth_seq_align_end       178 
# 
_pdbx_struct_assembly.id                   1 
_pdbx_struct_assembly.details              author_defined_assembly 
_pdbx_struct_assembly.method_details       ? 
_pdbx_struct_assembly.oligomeric_details   dimeric 
_pdbx_struct_assembly.oligomeric_count     2 
# 
_pdbx_struct_assembly_gen.assembly_id       1 
_pdbx_struct_assembly_gen.oper_expression   1,2 
_pdbx_struct_assembly_gen.asym_id_list      A,B,C 
# 
loop_
_pdbx_struct_oper_list.id 
_pdbx_struct_oper_list.type 
_pdbx_struct_oper_list.name 
_pdbx_struct_oper_list.symmetry_operation 
_pdbx_struct_oper_list.matrix[1][1] 
_pdbx_struct_oper_list.matrix[1][2] 
_pdbx_struct_oper_list.matrix[1][3] 
_pdbx_struct_oper_list.vector[1] 
_pdbx_struct_oper_list.matrix[2][1] 
_pdbx_struct_oper_list.matrix[2][2] 
_pdbx_struct_oper_list.matrix[2][3] 
_pdbx_struct_oper_list.vector[2] 
_pdbx_struct_oper_list.matrix[3][1] 
_pdbx_struct_oper_list.matrix[3][2] 
_pdbx_struct_oper_list.matrix[3][3] 
_pdbx_struct_oper_list.vector[3] 
1 'identity operation'         1_555 x,y,z   1.0000000000 0.0000000000 0.0000000000 0.0000000000 0.0000000000 1.0000000000  0.0000000000 0.0000000000   0.0000000000 0.0000000000 1.0000000000  0.0000000000   
2 'crystal symmetry operation' 2_555 -x,y,-z 0.9865476369 0.1614462422 0.0256684836 2.0168777706 0.1614462422 -0.9868793033 0.0020860714 -20.7811196461 0.0256684836 0.0020860714 -0.9996683336 -25.3848300093 
# 
_struct_biol.id   1 
# 
_struct_conf.conf_type_id            HELX_P 
_struct_conf.id                      HELX_P1 
_struct_conf.pdbx_PDB_helix_id       1 
_struct_conf.beg_label_comp_id       THR 
_struct_conf.beg_label_asym_id       A 
_struct_conf.beg_label_seq_id        138 
_struct_conf.pdbx_beg_PDB_ins_code   ? 
_struct_conf.end_label_comp_id       LEU 
_struct_conf.end_label_asym_id       A 
_struct_conf.end_label_seq_id        149 
_struct_conf.pdbx_end_PDB_ins_code   ? 
_struct_conf.beg_auth_comp_id        THR 
_struct_conf.beg_auth_asym_id        A 
_struct_conf.beg_auth_seq_id         138 
_struct_conf.end_auth_comp_id        LEU 
_struct_conf.end_auth_asym_id        A 
_struct_conf.end_auth_seq_id         149 
_struct_conf.pdbx_PDB_helix_class    1 
_struct_conf.details                 ? 
_struct_conf.pdbx_PDB_helix_length   12 
# 
_struct_conf_type.id          HELX_P 
_struct_conf_type.criteria    ? 
_struct_conf_type.reference   ? 
# 
loop_
_struct_conn.id 
_struct_conn.conn_type_id 
_struct_conn.pdbx_leaving_atom_flag 
_struct_conn.pdbx_PDB_id 
_struct_conn.ptnr1_label_asym_id 
_struct_conn.ptnr1_label_comp_id 
_struct_conn.ptnr1_label_seq_id 
_struct_conn.ptnr1_label_atom_id 
_struct_conn.pdbx_ptnr1_label_alt_id 
_struct_conn.pdbx_ptnr1_PDB_ins_code 
_struct_conn.pdbx_ptnr1_standard_comp_id 
_struct_conn.ptnr1_symmetry 
_struct_conn.ptnr2_label_asym_id 
_struct_conn.ptnr2_label_comp_id 
_struct_conn.ptnr2_label_seq_id 
_struct_conn.ptnr2_label_atom_id 
_struct_conn.pdbx_ptnr2_label_alt_id 
_struct_conn.pdbx_ptnr2_PDB_ins_code 
_struct_conn.ptnr1_auth_asym_id 
_struct_conn.ptnr1_auth_comp_id 
_struct_conn.ptnr1_auth_seq_id 
_struct_conn.ptnr2_auth_asym_id 
_struct_conn.ptnr2_auth_comp_id 
_struct_conn.ptnr2_auth_seq_id 
_struct_conn.ptnr2_symmetry 
_struct_conn.pdbx_ptnr3_label_atom_id 
_struct_conn.pdbx_ptnr3_label_seq_id 
_struct_conn.pdbx_ptnr3_label_comp_id 
_struct_conn.pdbx_ptnr3_label_asym_id 
_struct_conn.pdbx_ptnr3_label_alt_id 
_struct_conn.pdbx_ptnr3_PDB_ins_code 
_struct_conn.details 
_struct_conn.pdbx_dist_value 
_struct_conn.pdbx_value_order 
_struct_conn.pdbx_role 
metalc1 metalc ? ? A ASP 81 OD1 ? ? ? 1_555 B CA . CA ? ? A ASP 81  A CA 601 1_555 ? ? ? ? ? ? ? 2.917 ? ? 
metalc2 metalc ? ? A ASP 81 OD2 ? ? ? 1_555 B CA . CA ? ? A ASP 81  A CA 601 1_555 ? ? ? ? ? ? ? 2.644 ? ? 
metalc3 metalc ? ? A HIS 83 NE2 ? ? ? 1_555 B CA . CA ? ? A HIS 83  A CA 601 1_555 ? ? ? ? ? ? ? 2.711 ? ? 
metalc4 metalc ? ? C HOH .  O   ? ? ? 1_555 B CA . CA ? ? A HOH 556 A CA 601 1_555 ? ? ? ? ? ? ? 2.930 ? ? 
# 
_struct_conn_type.id          metalc 
_struct_conn_type.criteria    ? 
_struct_conn_type.reference   ? 
# 
loop_
_pdbx_struct_conn_angle.id 
_pdbx_struct_conn_angle.ptnr1_label_atom_id 
_pdbx_struct_conn_angle.ptnr1_label_alt_id 
_pdbx_struct_conn_angle.ptnr1_label_asym_id 
_pdbx_struct_conn_angle.ptnr1_label_comp_id 
_pdbx_struct_conn_angle.ptnr1_label_seq_id 
_pdbx_struct_conn_angle.ptnr1_auth_atom_id 
_pdbx_struct_conn_angle.ptnr1_auth_asym_id 
_pdbx_struct_conn_angle.ptnr1_auth_comp_id 
_pdbx_struct_conn_angle.ptnr1_auth_seq_id 
_pdbx_struct_conn_angle.ptnr1_PDB_ins_code 
_pdbx_struct_conn_angle.ptnr1_symmetry 
_pdbx_struct_conn_angle.ptnr2_label_atom_id 
_pdbx_struct_conn_angle.ptnr2_label_alt_id 
_pdbx_struct_conn_angle.ptnr2_label_asym_id 
_pdbx_struct_conn_angle.ptnr2_label_comp_id 
_pdbx_struct_conn_angle.ptnr2_label_seq_id 
_pdbx_struct_conn_angle.ptnr2_auth_atom_id 
_pdbx_struct_conn_angle.ptnr2_auth_asym_id 
_pdbx_struct_conn_angle.ptnr2_auth_comp_id 
_pdbx_struct_conn_angle.ptnr2_auth_seq_id 
_pdbx_struct_conn_angle.ptnr2_PDB_ins_code 
_pdbx_struct_conn_angle.ptnr2_symmetry 
_pdbx_struct_conn_angle.ptnr3_label_atom_id 
_pdbx_struct_conn_angle.ptnr3_label_alt_id 
_pdbx_struct_conn_angle.ptnr3_label_asym_id 
_pdbx_struct_conn_angle.ptnr3_label_comp_id 
_pdbx_struct_conn_angle.ptnr3_label_seq_id 
_pdbx_struct_conn_angle.ptnr3_auth_atom_id 
_pdbx_struct_conn_angle.ptnr3_auth_asym_id 
_pdbx_struct_conn_angle.ptnr3_auth_comp_id 
_pdbx_struct_conn_angle.ptnr3_auth_seq_id 
_pdbx_struct_conn_angle.ptnr3_PDB_ins_code 
_pdbx_struct_conn_angle.ptnr3_symmetry 
_pdbx_struct_conn_angle.value 
_pdbx_struct_conn_angle.value_esd 
1 OD1 ? A ASP 81 ? A ASP 81 ? 1_555 CA ? B CA . ? A CA 601 ? 1_555 OD2 ? A ASP 81 ? A ASP 81  ? 1_555 46.3  ? 
2 OD1 ? A ASP 81 ? A ASP 81 ? 1_555 CA ? B CA . ? A CA 601 ? 1_555 NE2 ? A HIS 83 ? A HIS 83  ? 1_555 74.8  ? 
3 OD2 ? A ASP 81 ? A ASP 81 ? 1_555 CA ? B CA . ? A CA 601 ? 1_555 NE2 ? A HIS 83 ? A HIS 83  ? 1_555 80.1  ? 
4 OD1 ? A ASP 81 ? A ASP 81 ? 1_555 CA ? B CA . ? A CA 601 ? 1_555 O   ? C HOH .  ? A HOH 556 ? 1_555 107.2 ? 
5 OD2 ? A ASP 81 ? A ASP 81 ? 1_555 CA ? B CA . ? A CA 601 ? 1_555 O   ? C HOH .  ? A HOH 556 ? 1_555 129.3 ? 
6 NE2 ? A HIS 83 ? A HIS 83 ? 1_555 CA ? B CA . ? A CA 601 ? 1_555 O   ? C HOH .  ? A HOH 556 ? 1_555 142.4 ? 
# 
_struct_mon_prot_cis.pdbx_id                1 
_struct_mon_prot_cis.label_comp_id          ASN 
_struct_mon_prot_cis.label_seq_id           71 
_struct_mon_prot_cis.label_asym_id          A 
_struct_mon_prot_cis.label_alt_id           . 
_struct_mon_prot_cis.pdbx_PDB_ins_code      ? 
_struct_mon_prot_cis.auth_comp_id           ASN 
_struct_mon_prot_cis.auth_seq_id            71 
_struct_mon_prot_cis.auth_asym_id           A 
_struct_mon_prot_cis.pdbx_label_comp_id_2   PRO 
_struct_mon_prot_cis.pdbx_label_seq_id_2    72 
_struct_mon_prot_cis.pdbx_label_asym_id_2   A 
_struct_mon_prot_cis.pdbx_PDB_ins_code_2    ? 
_struct_mon_prot_cis.pdbx_auth_comp_id_2    PRO 
_struct_mon_prot_cis.pdbx_auth_seq_id_2     72 
_struct_mon_prot_cis.pdbx_auth_asym_id_2    A 
_struct_mon_prot_cis.pdbx_PDB_model_num     1 
_struct_mon_prot_cis.pdbx_omega_angle       0.30 
# 
loop_
_struct_sheet.id 
_struct_sheet.type 
_struct_sheet.number_strands 
_struct_sheet.details 
A ? 8 ? 
B ? 5 ? 
# 
loop_
_struct_sheet_order.sheet_id 
_struct_sheet_order.range_id_1 
_struct_sheet_order.range_id_2 
_struct_sheet_order.offset 
_struct_sheet_order.sense 
A 1 2 ? anti-parallel 
A 2 3 ? anti-parallel 
A 3 4 ? anti-parallel 
A 4 5 ? anti-parallel 
A 5 6 ? parallel      
A 6 7 ? anti-parallel 
A 7 8 ? anti-parallel 
B 1 2 ? anti-parallel 
B 2 3 ? anti-parallel 
B 3 4 ? anti-parallel 
B 4 5 ? anti-parallel 
# 
loop_
_struct_sheet_range.sheet_id 
_struct_sheet_range.id 
_struct_sheet_range.beg_label_comp_id 
_struct_sheet_range.beg_label_asym_id 
_struct_sheet_range.beg_label_seq_id 
_struct_sheet_range.pdbx_beg_PDB_ins_code 
_struct_sheet_range.end_label_comp_id 
_struct_sheet_range.end_label_asym_id 
_struct_sheet_range.end_label_seq_id 
_struct_sheet_range.pdbx_end_PDB_ins_code 
_struct_sheet_range.beg_auth_comp_id 
_struct_sheet_range.beg_auth_asym_id 
_struct_sheet_range.beg_auth_seq_id 
_struct_sheet_range.end_auth_comp_id 
_struct_sheet_range.end_auth_asym_id 
_struct_sheet_range.end_auth_seq_id 
A 1 TYR A 5   ? GLN A 10  ? TYR A 5   GLN A 10  
A 2 PHE A 34  ? TRP A 40  ? PHE A 34  TRP A 40  
A 3 GLN A 155 ? TRP A 166 ? GLN A 155 TRP A 166 
A 4 THR A 60  ? THR A 70  ? THR A 60  THR A 70  
A 5 VAL A 74  ? HIS A 83  ? VAL A 74  HIS A 83  
A 6 GLY A 117 ? ARG A 128 ? GLY A 117 ARG A 128 
A 7 ALA A 100 ? SER A 114 ? ALA A 100 SER A 114 
A 8 THR A 90  ? SER A 97  ? THR A 90  SER A 97  
B 1 GLN A 14  ? PRO A 19  ? GLN A 14  PRO A 19  
B 2 GLY A 23  ? THR A 30  ? GLY A 23  THR A 30  
B 3 GLY A 168 ? SER A 177 ? GLY A 168 SER A 177 
B 4 ILE A 48  ? VAL A 56  ? ILE A 48  VAL A 56  
B 5 GLY A 135 ? VAL A 137 ? GLY A 135 VAL A 137 
# 
loop_
_pdbx_struct_sheet_hbond.sheet_id 
_pdbx_struct_sheet_hbond.range_id_1 
_pdbx_struct_sheet_hbond.range_id_2 
_pdbx_struct_sheet_hbond.range_1_label_atom_id 
_pdbx_struct_sheet_hbond.range_1_label_comp_id 
_pdbx_struct_sheet_hbond.range_1_label_asym_id 
_pdbx_struct_sheet_hbond.range_1_label_seq_id 
_pdbx_struct_sheet_hbond.range_1_PDB_ins_code 
_pdbx_struct_sheet_hbond.range_1_auth_atom_id 
_pdbx_struct_sheet_hbond.range_1_auth_comp_id 
_pdbx_struct_sheet_hbond.range_1_auth_asym_id 
_pdbx_struct_sheet_hbond.range_1_auth_seq_id 
_pdbx_struct_sheet_hbond.range_2_label_atom_id 
_pdbx_struct_sheet_hbond.range_2_label_comp_id 
_pdbx_struct_sheet_hbond.range_2_label_asym_id 
_pdbx_struct_sheet_hbond.range_2_label_seq_id 
_pdbx_struct_sheet_hbond.range_2_PDB_ins_code 
_pdbx_struct_sheet_hbond.range_2_auth_atom_id 
_pdbx_struct_sheet_hbond.range_2_auth_comp_id 
_pdbx_struct_sheet_hbond.range_2_auth_asym_id 
_pdbx_struct_sheet_hbond.range_2_auth_seq_id 
A 1 2 N TYR A 9   ? N TYR A 9   O VAL A 35  ? O VAL A 35  
A 2 3 N TRP A 40  ? N TRP A 40  O GLN A 159 ? O GLN A 159 
A 3 4 O TRP A 166 ? O TRP A 166 N THR A 60  ? N THR A 60  
A 4 5 O SER A 69  ? O SER A 69  N VAL A 74  ? N VAL A 74  
A 5 6 N GLU A 75  ? N GLU A 75  O ASN A 122 ? O ASN A 122 
A 6 7 N VAL A 127 ? N VAL A 127 O THR A 103 ? O THR A 103 
A 7 8 O GLU A 106 ? O GLU A 106 N THR A 90  ? N THR A 90  
B 1 2 N SER A 18  ? N SER A 18  O SER A 25  ? O SER A 25  
B 2 3 N THR A 30  ? N THR A 30  O GLY A 168 ? O GLY A 168 
B 3 4 O SER A 177 ? O SER A 177 N ASN A 49  ? N ASN A 49  
B 4 5 O PHE A 50  ? O PHE A 50  N GLY A 135 ? N GLY A 135 
# 
_struct_site.id                   AC1 
_struct_site.pdbx_evidence_code   Software 
_struct_site.pdbx_auth_asym_id    A 
_struct_site.pdbx_auth_comp_id    CA 
_struct_site.pdbx_auth_seq_id     601 
_struct_site.pdbx_auth_ins_code   ? 
_struct_site.pdbx_num_residues    3 
_struct_site.details              'BINDING SITE FOR RESIDUE CA A 601' 
# 
loop_
_struct_site_gen.id 
_struct_site_gen.site_id 
_struct_site_gen.pdbx_num_res 
_struct_site_gen.label_comp_id 
_struct_site_gen.label_asym_id 
_struct_site_gen.label_seq_id 
_struct_site_gen.pdbx_auth_ins_code 
_struct_site_gen.auth_comp_id 
_struct_site_gen.auth_asym_id 
_struct_site_gen.auth_seq_id 
_struct_site_gen.label_atom_id 
_struct_site_gen.label_alt_id 
_struct_site_gen.symmetry 
_struct_site_gen.details 
1 AC1 3 ASP A 81 ? ASP A 81  . ? 1_555 ? 
2 AC1 3 HIS A 83 ? HIS A 83  . ? 1_555 ? 
3 AC1 3 HOH C .  ? HOH A 556 . ? 1_555 ? 
# 
loop_
_pdbx_validate_torsion.id 
_pdbx_validate_torsion.PDB_model_num 
_pdbx_validate_torsion.auth_comp_id 
_pdbx_validate_torsion.auth_asym_id 
_pdbx_validate_torsion.auth_seq_id 
_pdbx_validate_torsion.PDB_ins_code 
_pdbx_validate_torsion.label_alt_id 
_pdbx_validate_torsion.phi 
_pdbx_validate_torsion.psi 
1 1 SER A 2   ? ? 148.74  120.68  
2 1 ASN A 29  ? ? -162.45 79.13   
3 1 PHE A 54  ? ? -165.20 99.11   
4 1 ASN A 71  ? ? 50.20   71.49   
5 1 PRO A 86  ? ? -63.69  85.54   
6 1 ALA A 87  ? ? -49.81  98.49   
7 1 ASN A 157 ? ? -111.19 -147.20 
# 
loop_
_chem_comp_atom.comp_id 
_chem_comp_atom.atom_id 
_chem_comp_atom.type_symbol 
_chem_comp_atom.pdbx_aromatic_flag 
_chem_comp_atom.pdbx_stereo_config 
_chem_comp_atom.pdbx_ordinal 
ALA N    N  N N 1   
ALA CA   C  N S 2   
ALA C    C  N N 3   
ALA O    O  N N 4   
ALA CB   C  N N 5   
ALA OXT  O  N N 6   
ALA H    H  N N 7   
ALA H2   H  N N 8   
ALA HA   H  N N 9   
ALA HB1  H  N N 10  
ALA HB2  H  N N 11  
ALA HB3  H  N N 12  
ALA HXT  H  N N 13  
ARG N    N  N N 14  
ARG CA   C  N S 15  
ARG C    C  N N 16  
ARG O    O  N N 17  
ARG CB   C  N N 18  
ARG CG   C  N N 19  
ARG CD   C  N N 20  
ARG NE   N  N N 21  
ARG CZ   C  N N 22  
ARG NH1  N  N N 23  
ARG NH2  N  N N 24  
ARG OXT  O  N N 25  
ARG H    H  N N 26  
ARG H2   H  N N 27  
ARG HA   H  N N 28  
ARG HB2  H  N N 29  
ARG HB3  H  N N 30  
ARG HG2  H  N N 31  
ARG HG3  H  N N 32  
ARG HD2  H  N N 33  
ARG HD3  H  N N 34  
ARG HE   H  N N 35  
ARG HH11 H  N N 36  
ARG HH12 H  N N 37  
ARG HH21 H  N N 38  
ARG HH22 H  N N 39  
ARG HXT  H  N N 40  
ASN N    N  N N 41  
ASN CA   C  N S 42  
ASN C    C  N N 43  
ASN O    O  N N 44  
ASN CB   C  N N 45  
ASN CG   C  N N 46  
ASN OD1  O  N N 47  
ASN ND2  N  N N 48  
ASN OXT  O  N N 49  
ASN H    H  N N 50  
ASN H2   H  N N 51  
ASN HA   H  N N 52  
ASN HB2  H  N N 53  
ASN HB3  H  N N 54  
ASN HD21 H  N N 55  
ASN HD22 H  N N 56  
ASN HXT  H  N N 57  
ASP N    N  N N 58  
ASP CA   C  N S 59  
ASP C    C  N N 60  
ASP O    O  N N 61  
ASP CB   C  N N 62  
ASP CG   C  N N 63  
ASP OD1  O  N N 64  
ASP OD2  O  N N 65  
ASP OXT  O  N N 66  
ASP H    H  N N 67  
ASP H2   H  N N 68  
ASP HA   H  N N 69  
ASP HB2  H  N N 70  
ASP HB3  H  N N 71  
ASP HD2  H  N N 72  
ASP HXT  H  N N 73  
CA  CA   CA N N 74  
GLN N    N  N N 75  
GLN CA   C  N S 76  
GLN C    C  N N 77  
GLN O    O  N N 78  
GLN CB   C  N N 79  
GLN CG   C  N N 80  
GLN CD   C  N N 81  
GLN OE1  O  N N 82  
GLN NE2  N  N N 83  
GLN OXT  O  N N 84  
GLN H    H  N N 85  
GLN H2   H  N N 86  
GLN HA   H  N N 87  
GLN HB2  H  N N 88  
GLN HB3  H  N N 89  
GLN HG2  H  N N 90  
GLN HG3  H  N N 91  
GLN HE21 H  N N 92  
GLN HE22 H  N N 93  
GLN HXT  H  N N 94  
GLU N    N  N N 95  
GLU CA   C  N S 96  
GLU C    C  N N 97  
GLU O    O  N N 98  
GLU CB   C  N N 99  
GLU CG   C  N N 100 
GLU CD   C  N N 101 
GLU OE1  O  N N 102 
GLU OE2  O  N N 103 
GLU OXT  O  N N 104 
GLU H    H  N N 105 
GLU H2   H  N N 106 
GLU HA   H  N N 107 
GLU HB2  H  N N 108 
GLU HB3  H  N N 109 
GLU HG2  H  N N 110 
GLU HG3  H  N N 111 
GLU HE2  H  N N 112 
GLU HXT  H  N N 113 
GLY N    N  N N 114 
GLY CA   C  N N 115 
GLY C    C  N N 116 
GLY O    O  N N 117 
GLY OXT  O  N N 118 
GLY H    H  N N 119 
GLY H2   H  N N 120 
GLY HA2  H  N N 121 
GLY HA3  H  N N 122 
GLY HXT  H  N N 123 
HIS N    N  N N 124 
HIS CA   C  N S 125 
HIS C    C  N N 126 
HIS O    O  N N 127 
HIS CB   C  N N 128 
HIS CG   C  Y N 129 
HIS ND1  N  Y N 130 
HIS CD2  C  Y N 131 
HIS CE1  C  Y N 132 
HIS NE2  N  Y N 133 
HIS OXT  O  N N 134 
HIS H    H  N N 135 
HIS H2   H  N N 136 
HIS HA   H  N N 137 
HIS HB2  H  N N 138 
HIS HB3  H  N N 139 
HIS HD1  H  N N 140 
HIS HD2  H  N N 141 
HIS HE1  H  N N 142 
HIS HE2  H  N N 143 
HIS HXT  H  N N 144 
HOH O    O  N N 145 
HOH H1   H  N N 146 
HOH H2   H  N N 147 
ILE N    N  N N 148 
ILE CA   C  N S 149 
ILE C    C  N N 150 
ILE O    O  N N 151 
ILE CB   C  N S 152 
ILE CG1  C  N N 153 
ILE CG2  C  N N 154 
ILE CD1  C  N N 155 
ILE OXT  O  N N 156 
ILE H    H  N N 157 
ILE H2   H  N N 158 
ILE HA   H  N N 159 
ILE HB   H  N N 160 
ILE HG12 H  N N 161 
ILE HG13 H  N N 162 
ILE HG21 H  N N 163 
ILE HG22 H  N N 164 
ILE HG23 H  N N 165 
ILE HD11 H  N N 166 
ILE HD12 H  N N 167 
ILE HD13 H  N N 168 
ILE HXT  H  N N 169 
LEU N    N  N N 170 
LEU CA   C  N S 171 
LEU C    C  N N 172 
LEU O    O  N N 173 
LEU CB   C  N N 174 
LEU CG   C  N N 175 
LEU CD1  C  N N 176 
LEU CD2  C  N N 177 
LEU OXT  O  N N 178 
LEU H    H  N N 179 
LEU H2   H  N N 180 
LEU HA   H  N N 181 
LEU HB2  H  N N 182 
LEU HB3  H  N N 183 
LEU HG   H  N N 184 
LEU HD11 H  N N 185 
LEU HD12 H  N N 186 
LEU HD13 H  N N 187 
LEU HD21 H  N N 188 
LEU HD22 H  N N 189 
LEU HD23 H  N N 190 
LEU HXT  H  N N 191 
LYS N    N  N N 192 
LYS CA   C  N S 193 
LYS C    C  N N 194 
LYS O    O  N N 195 
LYS CB   C  N N 196 
LYS CG   C  N N 197 
LYS CD   C  N N 198 
LYS CE   C  N N 199 
LYS NZ   N  N N 200 
LYS OXT  O  N N 201 
LYS H    H  N N 202 
LYS H2   H  N N 203 
LYS HA   H  N N 204 
LYS HB2  H  N N 205 
LYS HB3  H  N N 206 
LYS HG2  H  N N 207 
LYS HG3  H  N N 208 
LYS HD2  H  N N 209 
LYS HD3  H  N N 210 
LYS HE2  H  N N 211 
LYS HE3  H  N N 212 
LYS HZ1  H  N N 213 
LYS HZ2  H  N N 214 
LYS HZ3  H  N N 215 
LYS HXT  H  N N 216 
MET N    N  N N 217 
MET CA   C  N S 218 
MET C    C  N N 219 
MET O    O  N N 220 
MET CB   C  N N 221 
MET CG   C  N N 222 
MET SD   S  N N 223 
MET CE   C  N N 224 
MET OXT  O  N N 225 
MET H    H  N N 226 
MET H2   H  N N 227 
MET HA   H  N N 228 
MET HB2  H  N N 229 
MET HB3  H  N N 230 
MET HG2  H  N N 231 
MET HG3  H  N N 232 
MET HE1  H  N N 233 
MET HE2  H  N N 234 
MET HE3  H  N N 235 
MET HXT  H  N N 236 
PHE N    N  N N 237 
PHE CA   C  N S 238 
PHE C    C  N N 239 
PHE O    O  N N 240 
PHE CB   C  N N 241 
PHE CG   C  Y N 242 
PHE CD1  C  Y N 243 
PHE CD2  C  Y N 244 
PHE CE1  C  Y N 245 
PHE CE2  C  Y N 246 
PHE CZ   C  Y N 247 
PHE OXT  O  N N 248 
PHE H    H  N N 249 
PHE H2   H  N N 250 
PHE HA   H  N N 251 
PHE HB2  H  N N 252 
PHE HB3  H  N N 253 
PHE HD1  H  N N 254 
PHE HD2  H  N N 255 
PHE HE1  H  N N 256 
PHE HE2  H  N N 257 
PHE HZ   H  N N 258 
PHE HXT  H  N N 259 
PRO N    N  N N 260 
PRO CA   C  N S 261 
PRO C    C  N N 262 
PRO O    O  N N 263 
PRO CB   C  N N 264 
PRO CG   C  N N 265 
PRO CD   C  N N 266 
PRO OXT  O  N N 267 
PRO H    H  N N 268 
PRO HA   H  N N 269 
PRO HB2  H  N N 270 
PRO HB3  H  N N 271 
PRO HG2  H  N N 272 
PRO HG3  H  N N 273 
PRO HD2  H  N N 274 
PRO HD3  H  N N 275 
PRO HXT  H  N N 276 
SER N    N  N N 277 
SER CA   C  N S 278 
SER C    C  N N 279 
SER O    O  N N 280 
SER CB   C  N N 281 
SER OG   O  N N 282 
SER OXT  O  N N 283 
SER H    H  N N 284 
SER H2   H  N N 285 
SER HA   H  N N 286 
SER HB2  H  N N 287 
SER HB3  H  N N 288 
SER HG   H  N N 289 
SER HXT  H  N N 290 
THR N    N  N N 291 
THR CA   C  N S 292 
THR C    C  N N 293 
THR O    O  N N 294 
THR CB   C  N R 295 
THR OG1  O  N N 296 
THR CG2  C  N N 297 
THR OXT  O  N N 298 
THR H    H  N N 299 
THR H2   H  N N 300 
THR HA   H  N N 301 
THR HB   H  N N 302 
THR HG1  H  N N 303 
THR HG21 H  N N 304 
THR HG22 H  N N 305 
THR HG23 H  N N 306 
THR HXT  H  N N 307 
TRP N    N  N N 308 
TRP CA   C  N S 309 
TRP C    C  N N 310 
TRP O    O  N N 311 
TRP CB   C  N N 312 
TRP CG   C  Y N 313 
TRP CD1  C  Y N 314 
TRP CD2  C  Y N 315 
TRP NE1  N  Y N 316 
TRP CE2  C  Y N 317 
TRP CE3  C  Y N 318 
TRP CZ2  C  Y N 319 
TRP CZ3  C  Y N 320 
TRP CH2  C  Y N 321 
TRP OXT  O  N N 322 
TRP H    H  N N 323 
TRP H2   H  N N 324 
TRP HA   H  N N 325 
TRP HB2  H  N N 326 
TRP HB3  H  N N 327 
TRP HD1  H  N N 328 
TRP HE1  H  N N 329 
TRP HE3  H  N N 330 
TRP HZ2  H  N N 331 
TRP HZ3  H  N N 332 
TRP HH2  H  N N 333 
TRP HXT  H  N N 334 
TYR N    N  N N 335 
TYR CA   C  N S 336 
TYR C    C  N N 337 
TYR O    O  N N 338 
TYR CB   C  N N 339 
TYR CG   C  Y N 340 
TYR CD1  C  Y N 341 
TYR CD2  C  Y N 342 
TYR CE1  C  Y N 343 
TYR CE2  C  Y N 344 
TYR CZ   C  Y N 345 
TYR OH   O  N N 346 
TYR OXT  O  N N 347 
TYR H    H  N N 348 
TYR H2   H  N N 349 
TYR HA   H  N N 350 
TYR HB2  H  N N 351 
TYR HB3  H  N N 352 
TYR HD1  H  N N 353 
TYR HD2  H  N N 354 
TYR HE1  H  N N 355 
TYR HE2  H  N N 356 
TYR HH   H  N N 357 
TYR HXT  H  N N 358 
VAL N    N  N N 359 
VAL CA   C  N S 360 
VAL C    C  N N 361 
VAL O    O  N N 362 
VAL CB   C  N N 363 
VAL CG1  C  N N 364 
VAL CG2  C  N N 365 
VAL OXT  O  N N 366 
VAL H    H  N N 367 
VAL H2   H  N N 368 
VAL HA   H  N N 369 
VAL HB   H  N N 370 
VAL HG11 H  N N 371 
VAL HG12 H  N N 372 
VAL HG13 H  N N 373 
VAL HG21 H  N N 374 
VAL HG22 H  N N 375 
VAL HG23 H  N N 376 
VAL HXT  H  N N 377 
# 
loop_
_chem_comp_bond.comp_id 
_chem_comp_bond.atom_id_1 
_chem_comp_bond.atom_id_2 
_chem_comp_bond.value_order 
_chem_comp_bond.pdbx_aromatic_flag 
_chem_comp_bond.pdbx_stereo_config 
_chem_comp_bond.pdbx_ordinal 
ALA N   CA   sing N N 1   
ALA N   H    sing N N 2   
ALA N   H2   sing N N 3   
ALA CA  C    sing N N 4   
ALA CA  CB   sing N N 5   
ALA CA  HA   sing N N 6   
ALA C   O    doub N N 7   
ALA C   OXT  sing N N 8   
ALA CB  HB1  sing N N 9   
ALA CB  HB2  sing N N 10  
ALA CB  HB3  sing N N 11  
ALA OXT HXT  sing N N 12  
ARG N   CA   sing N N 13  
ARG N   H    sing N N 14  
ARG N   H2   sing N N 15  
ARG CA  C    sing N N 16  
ARG CA  CB   sing N N 17  
ARG CA  HA   sing N N 18  
ARG C   O    doub N N 19  
ARG C   OXT  sing N N 20  
ARG CB  CG   sing N N 21  
ARG CB  HB2  sing N N 22  
ARG CB  HB3  sing N N 23  
ARG CG  CD   sing N N 24  
ARG CG  HG2  sing N N 25  
ARG CG  HG3  sing N N 26  
ARG CD  NE   sing N N 27  
ARG CD  HD2  sing N N 28  
ARG CD  HD3  sing N N 29  
ARG NE  CZ   sing N N 30  
ARG NE  HE   sing N N 31  
ARG CZ  NH1  sing N N 32  
ARG CZ  NH2  doub N N 33  
ARG NH1 HH11 sing N N 34  
ARG NH1 HH12 sing N N 35  
ARG NH2 HH21 sing N N 36  
ARG NH2 HH22 sing N N 37  
ARG OXT HXT  sing N N 38  
ASN N   CA   sing N N 39  
ASN N   H    sing N N 40  
ASN N   H2   sing N N 41  
ASN CA  C    sing N N 42  
ASN CA  CB   sing N N 43  
ASN CA  HA   sing N N 44  
ASN C   O    doub N N 45  
ASN C   OXT  sing N N 46  
ASN CB  CG   sing N N 47  
ASN CB  HB2  sing N N 48  
ASN CB  HB3  sing N N 49  
ASN CG  OD1  doub N N 50  
ASN CG  ND2  sing N N 51  
ASN ND2 HD21 sing N N 52  
ASN ND2 HD22 sing N N 53  
ASN OXT HXT  sing N N 54  
ASP N   CA   sing N N 55  
ASP N   H    sing N N 56  
ASP N   H2   sing N N 57  
ASP CA  C    sing N N 58  
ASP CA  CB   sing N N 59  
ASP CA  HA   sing N N 60  
ASP C   O    doub N N 61  
ASP C   OXT  sing N N 62  
ASP CB  CG   sing N N 63  
ASP CB  HB2  sing N N 64  
ASP CB  HB3  sing N N 65  
ASP CG  OD1  doub N N 66  
ASP CG  OD2  sing N N 67  
ASP OD2 HD2  sing N N 68  
ASP OXT HXT  sing N N 69  
GLN N   CA   sing N N 70  
GLN N   H    sing N N 71  
GLN N   H2   sing N N 72  
GLN CA  C    sing N N 73  
GLN CA  CB   sing N N 74  
GLN CA  HA   sing N N 75  
GLN C   O    doub N N 76  
GLN C   OXT  sing N N 77  
GLN CB  CG   sing N N 78  
GLN CB  HB2  sing N N 79  
GLN CB  HB3  sing N N 80  
GLN CG  CD   sing N N 81  
GLN CG  HG2  sing N N 82  
GLN CG  HG3  sing N N 83  
GLN CD  OE1  doub N N 84  
GLN CD  NE2  sing N N 85  
GLN NE2 HE21 sing N N 86  
GLN NE2 HE22 sing N N 87  
GLN OXT HXT  sing N N 88  
GLU N   CA   sing N N 89  
GLU N   H    sing N N 90  
GLU N   H2   sing N N 91  
GLU CA  C    sing N N 92  
GLU CA  CB   sing N N 93  
GLU CA  HA   sing N N 94  
GLU C   O    doub N N 95  
GLU C   OXT  sing N N 96  
GLU CB  CG   sing N N 97  
GLU CB  HB2  sing N N 98  
GLU CB  HB3  sing N N 99  
GLU CG  CD   sing N N 100 
GLU CG  HG2  sing N N 101 
GLU CG  HG3  sing N N 102 
GLU CD  OE1  doub N N 103 
GLU CD  OE2  sing N N 104 
GLU OE2 HE2  sing N N 105 
GLU OXT HXT  sing N N 106 
GLY N   CA   sing N N 107 
GLY N   H    sing N N 108 
GLY N   H2   sing N N 109 
GLY CA  C    sing N N 110 
GLY CA  HA2  sing N N 111 
GLY CA  HA3  sing N N 112 
GLY C   O    doub N N 113 
GLY C   OXT  sing N N 114 
GLY OXT HXT  sing N N 115 
HIS N   CA   sing N N 116 
HIS N   H    sing N N 117 
HIS N   H2   sing N N 118 
HIS CA  C    sing N N 119 
HIS CA  CB   sing N N 120 
HIS CA  HA   sing N N 121 
HIS C   O    doub N N 122 
HIS C   OXT  sing N N 123 
HIS CB  CG   sing N N 124 
HIS CB  HB2  sing N N 125 
HIS CB  HB3  sing N N 126 
HIS CG  ND1  sing Y N 127 
HIS CG  CD2  doub Y N 128 
HIS ND1 CE1  doub Y N 129 
HIS ND1 HD1  sing N N 130 
HIS CD2 NE2  sing Y N 131 
HIS CD2 HD2  sing N N 132 
HIS CE1 NE2  sing Y N 133 
HIS CE1 HE1  sing N N 134 
HIS NE2 HE2  sing N N 135 
HIS OXT HXT  sing N N 136 
HOH O   H1   sing N N 137 
HOH O   H2   sing N N 138 
ILE N   CA   sing N N 139 
ILE N   H    sing N N 140 
ILE N   H2   sing N N 141 
ILE CA  C    sing N N 142 
ILE CA  CB   sing N N 143 
ILE CA  HA   sing N N 144 
ILE C   O    doub N N 145 
ILE C   OXT  sing N N 146 
ILE CB  CG1  sing N N 147 
ILE CB  CG2  sing N N 148 
ILE CB  HB   sing N N 149 
ILE CG1 CD1  sing N N 150 
ILE CG1 HG12 sing N N 151 
ILE CG1 HG13 sing N N 152 
ILE CG2 HG21 sing N N 153 
ILE CG2 HG22 sing N N 154 
ILE CG2 HG23 sing N N 155 
ILE CD1 HD11 sing N N 156 
ILE CD1 HD12 sing N N 157 
ILE CD1 HD13 sing N N 158 
ILE OXT HXT  sing N N 159 
LEU N   CA   sing N N 160 
LEU N   H    sing N N 161 
LEU N   H2   sing N N 162 
LEU CA  C    sing N N 163 
LEU CA  CB   sing N N 164 
LEU CA  HA   sing N N 165 
LEU C   O    doub N N 166 
LEU C   OXT  sing N N 167 
LEU CB  CG   sing N N 168 
LEU CB  HB2  sing N N 169 
LEU CB  HB3  sing N N 170 
LEU CG  CD1  sing N N 171 
LEU CG  CD2  sing N N 172 
LEU CG  HG   sing N N 173 
LEU CD1 HD11 sing N N 174 
LEU CD1 HD12 sing N N 175 
LEU CD1 HD13 sing N N 176 
LEU CD2 HD21 sing N N 177 
LEU CD2 HD22 sing N N 178 
LEU CD2 HD23 sing N N 179 
LEU OXT HXT  sing N N 180 
LYS N   CA   sing N N 181 
LYS N   H    sing N N 182 
LYS N   H2   sing N N 183 
LYS CA  C    sing N N 184 
LYS CA  CB   sing N N 185 
LYS CA  HA   sing N N 186 
LYS C   O    doub N N 187 
LYS C   OXT  sing N N 188 
LYS CB  CG   sing N N 189 
LYS CB  HB2  sing N N 190 
LYS CB  HB3  sing N N 191 
LYS CG  CD   sing N N 192 
LYS CG  HG2  sing N N 193 
LYS CG  HG3  sing N N 194 
LYS CD  CE   sing N N 195 
LYS CD  HD2  sing N N 196 
LYS CD  HD3  sing N N 197 
LYS CE  NZ   sing N N 198 
LYS CE  HE2  sing N N 199 
LYS CE  HE3  sing N N 200 
LYS NZ  HZ1  sing N N 201 
LYS NZ  HZ2  sing N N 202 
LYS NZ  HZ3  sing N N 203 
LYS OXT HXT  sing N N 204 
MET N   CA   sing N N 205 
MET N   H    sing N N 206 
MET N   H2   sing N N 207 
MET CA  C    sing N N 208 
MET CA  CB   sing N N 209 
MET CA  HA   sing N N 210 
MET C   O    doub N N 211 
MET C   OXT  sing N N 212 
MET CB  CG   sing N N 213 
MET CB  HB2  sing N N 214 
MET CB  HB3  sing N N 215 
MET CG  SD   sing N N 216 
MET CG  HG2  sing N N 217 
MET CG  HG3  sing N N 218 
MET SD  CE   sing N N 219 
MET CE  HE1  sing N N 220 
MET CE  HE2  sing N N 221 
MET CE  HE3  sing N N 222 
MET OXT HXT  sing N N 223 
PHE N   CA   sing N N 224 
PHE N   H    sing N N 225 
PHE N   H2   sing N N 226 
PHE CA  C    sing N N 227 
PHE CA  CB   sing N N 228 
PHE CA  HA   sing N N 229 
PHE C   O    doub N N 230 
PHE C   OXT  sing N N 231 
PHE CB  CG   sing N N 232 
PHE CB  HB2  sing N N 233 
PHE CB  HB3  sing N N 234 
PHE CG  CD1  doub Y N 235 
PHE CG  CD2  sing Y N 236 
PHE CD1 CE1  sing Y N 237 
PHE CD1 HD1  sing N N 238 
PHE CD2 CE2  doub Y N 239 
PHE CD2 HD2  sing N N 240 
PHE CE1 CZ   doub Y N 241 
PHE CE1 HE1  sing N N 242 
PHE CE2 CZ   sing Y N 243 
PHE CE2 HE2  sing N N 244 
PHE CZ  HZ   sing N N 245 
PHE OXT HXT  sing N N 246 
PRO N   CA   sing N N 247 
PRO N   CD   sing N N 248 
PRO N   H    sing N N 249 
PRO CA  C    sing N N 250 
PRO CA  CB   sing N N 251 
PRO CA  HA   sing N N 252 
PRO C   O    doub N N 253 
PRO C   OXT  sing N N 254 
PRO CB  CG   sing N N 255 
PRO CB  HB2  sing N N 256 
PRO CB  HB3  sing N N 257 
PRO CG  CD   sing N N 258 
PRO CG  HG2  sing N N 259 
PRO CG  HG3  sing N N 260 
PRO CD  HD2  sing N N 261 
PRO CD  HD3  sing N N 262 
PRO OXT HXT  sing N N 263 
SER N   CA   sing N N 264 
SER N   H    sing N N 265 
SER N   H2   sing N N 266 
SER CA  C    sing N N 267 
SER CA  CB   sing N N 268 
SER CA  HA   sing N N 269 
SER C   O    doub N N 270 
SER C   OXT  sing N N 271 
SER CB  OG   sing N N 272 
SER CB  HB2  sing N N 273 
SER CB  HB3  sing N N 274 
SER OG  HG   sing N N 275 
SER OXT HXT  sing N N 276 
THR N   CA   sing N N 277 
THR N   H    sing N N 278 
THR N   H2   sing N N 279 
THR CA  C    sing N N 280 
THR CA  CB   sing N N 281 
THR CA  HA   sing N N 282 
THR C   O    doub N N 283 
THR C   OXT  sing N N 284 
THR CB  OG1  sing N N 285 
THR CB  CG2  sing N N 286 
THR CB  HB   sing N N 287 
THR OG1 HG1  sing N N 288 
THR CG2 HG21 sing N N 289 
THR CG2 HG22 sing N N 290 
THR CG2 HG23 sing N N 291 
THR OXT HXT  sing N N 292 
TRP N   CA   sing N N 293 
TRP N   H    sing N N 294 
TRP N   H2   sing N N 295 
TRP CA  C    sing N N 296 
TRP CA  CB   sing N N 297 
TRP CA  HA   sing N N 298 
TRP C   O    doub N N 299 
TRP C   OXT  sing N N 300 
TRP CB  CG   sing N N 301 
TRP CB  HB2  sing N N 302 
TRP CB  HB3  sing N N 303 
TRP CG  CD1  doub Y N 304 
TRP CG  CD2  sing Y N 305 
TRP CD1 NE1  sing Y N 306 
TRP CD1 HD1  sing N N 307 
TRP CD2 CE2  doub Y N 308 
TRP CD2 CE3  sing Y N 309 
TRP NE1 CE2  sing Y N 310 
TRP NE1 HE1  sing N N 311 
TRP CE2 CZ2  sing Y N 312 
TRP CE3 CZ3  doub Y N 313 
TRP CE3 HE3  sing N N 314 
TRP CZ2 CH2  doub Y N 315 
TRP CZ2 HZ2  sing N N 316 
TRP CZ3 CH2  sing Y N 317 
TRP CZ3 HZ3  sing N N 318 
TRP CH2 HH2  sing N N 319 
TRP OXT HXT  sing N N 320 
TYR N   CA   sing N N 321 
TYR N   H    sing N N 322 
TYR N   H2   sing N N 323 
TYR CA  C    sing N N 324 
TYR CA  CB   sing N N 325 
TYR CA  HA   sing N N 326 
TYR C   O    doub N N 327 
TYR C   OXT  sing N N 328 
TYR CB  CG   sing N N 329 
TYR CB  HB2  sing N N 330 
TYR CB  HB3  sing N N 331 
TYR CG  CD1  doub Y N 332 
TYR CG  CD2  sing Y N 333 
TYR CD1 CE1  sing Y N 334 
TYR CD1 HD1  sing N N 335 
TYR CD2 CE2  doub Y N 336 
TYR CD2 HD2  sing N N 337 
TYR CE1 CZ   doub Y N 338 
TYR CE1 HE1  sing N N 339 
TYR CE2 CZ   sing Y N 340 
TYR CE2 HE2  sing N N 341 
TYR CZ  OH   sing N N 342 
TYR OH  HH   sing N N 343 
TYR OXT HXT  sing N N 344 
VAL N   CA   sing N N 345 
VAL N   H    sing N N 346 
VAL N   H2   sing N N 347 
VAL CA  C    sing N N 348 
VAL CA  CB   sing N N 349 
VAL CA  HA   sing N N 350 
VAL C   O    doub N N 351 
VAL C   OXT  sing N N 352 
VAL CB  CG1  sing N N 353 
VAL CB  CG2  sing N N 354 
VAL CB  HB   sing N N 355 
VAL CG1 HG11 sing N N 356 
VAL CG1 HG12 sing N N 357 
VAL CG1 HG13 sing N N 358 
VAL CG2 HG21 sing N N 359 
VAL CG2 HG22 sing N N 360 
VAL CG2 HG23 sing N N 361 
VAL OXT HXT  sing N N 362 
# 
_atom_sites.entry_id                    1XYN 
_atom_sites.fract_transf_matrix[1][1]   0.00000929 
_atom_sites.fract_transf_matrix[1][2]   -0.00228573 
_atom_sites.fract_transf_matrix[1][3]   0.01365789 
_atom_sites.fract_transf_matrix[2][1]   0.02554765 
_atom_sites.fract_transf_matrix[2][2]   0.00207625 
_atom_sites.fract_transf_matrix[2][3]   0.00033011 
_atom_sites.fract_transf_matrix[3][1]   -0.00150991 
_atom_sites.fract_transf_matrix[3][2]   0.01800642 
_atom_sites.fract_transf_matrix[3][3]   0.00360134 
_atom_sites.fract_transf_vector[1]      0.149592 
_atom_sites.fract_transf_vector[2]      0.263526 
_atom_sites.fract_transf_vector[3]      0.234329 
# 
_atom_sites_footnote.id     1 
_atom_sites_footnote.text   'CIS PROLINE - PRO      72' 
# 
loop_
_atom_type.symbol 
C  
CA 
N  
O  
S  
# 
loop_
_atom_site.group_PDB 
_atom_site.id 
_atom_site.type_symbol 
_atom_site.label_atom_id 
_atom_site.label_alt_id 
_atom_site.label_comp_id 
_atom_site.label_asym_id 
_atom_site.label_entity_id 
_atom_site.label_seq_id 
_atom_site.pdbx_PDB_ins_code 
_atom_site.Cartn_x 
_atom_site.Cartn_y 
_atom_site.Cartn_z 
_atom_site.occupancy 
_atom_site.B_iso_or_equiv 
_atom_site.pdbx_formal_charge 
_atom_site.auth_seq_id 
_atom_site.auth_comp_id 
_atom_site.auth_asym_id 
_atom_site.auth_atom_id 
_atom_site.pdbx_PDB_model_num 
ATOM   1    N  N   . ALA A 1 1   ? 8.830   1.728   15.896  1.00 44.83 ? 1   ALA A N   1 
ATOM   2    C  CA  . ALA A 1 1   ? 9.534   0.424   16.052  1.00 40.59 ? 1   ALA A CA  1 
ATOM   3    C  C   . ALA A 1 1   ? 10.986  0.584   15.621  1.00 41.64 ? 1   ALA A C   1 
ATOM   4    O  O   . ALA A 1 1   ? 11.882  0.682   16.459  1.00 52.20 ? 1   ALA A O   1 
ATOM   5    C  CB  . ALA A 1 1   ? 8.849   -0.667  15.236  1.00 38.90 ? 1   ALA A CB  1 
ATOM   6    N  N   . SER A 1 2   ? 11.190  0.624   14.311  1.00 35.55 ? 2   SER A N   1 
ATOM   7    C  CA  . SER A 1 2   ? 12.490  0.769   13.649  1.00 31.69 ? 2   SER A CA  1 
ATOM   8    C  C   . SER A 1 2   ? 12.323  0.004   12.358  1.00 28.25 ? 2   SER A C   1 
ATOM   9    O  O   . SER A 1 2   ? 11.979  -1.186  12.373  1.00 22.97 ? 2   SER A O   1 
ATOM   10   C  CB  . SER A 1 2   ? 13.678  0.195   14.456  1.00 33.18 ? 2   SER A CB  1 
ATOM   11   O  OG  . SER A 1 2   ? 13.785  -1.214  14.370  1.00 37.29 ? 2   SER A OG  1 
ATOM   12   N  N   . ILE A 1 3   ? 12.501  0.706   11.243  1.00 25.97 ? 3   ILE A N   1 
ATOM   13   C  CA  . ILE A 1 3   ? 12.359  0.088   9.936   1.00 19.19 ? 3   ILE A CA  1 
ATOM   14   C  C   . ILE A 1 3   ? 13.359  -1.051  9.839   1.00 20.09 ? 3   ILE A C   1 
ATOM   15   O  O   . ILE A 1 3   ? 14.542  -0.871  10.135  1.00 15.08 ? 3   ILE A O   1 
ATOM   16   C  CB  . ILE A 1 3   ? 12.626  1.089   8.797   1.00 22.68 ? 3   ILE A CB  1 
ATOM   17   C  CG1 . ILE A 1 3   ? 11.930  2.429   9.067   1.00 29.18 ? 3   ILE A CG1 1 
ATOM   18   C  CG2 . ILE A 1 3   ? 12.160  0.511   7.489   1.00 20.57 ? 3   ILE A CG2 1 
ATOM   19   C  CD1 . ILE A 1 3   ? 10.443  2.334   9.328   1.00 32.22 ? 3   ILE A CD1 1 
ATOM   20   N  N   . ASN A 1 4   ? 12.864  -2.239  9.502   1.00 15.83 ? 4   ASN A N   1 
ATOM   21   C  CA  . ASN A 1 4   ? 13.716  -3.407  9.357   1.00 14.12 ? 4   ASN A CA  1 
ATOM   22   C  C   . ASN A 1 4   ? 13.364  -4.165  8.086   1.00 15.49 ? 4   ASN A C   1 
ATOM   23   O  O   . ASN A 1 4   ? 13.750  -5.326  7.922   1.00 15.54 ? 4   ASN A O   1 
ATOM   24   C  CB  . ASN A 1 4   ? 13.607  -4.321  10.584  1.00 16.60 ? 4   ASN A CB  1 
ATOM   25   C  CG  . ASN A 1 4   ? 12.266  -5.036  10.678  1.00 19.76 ? 4   ASN A CG  1 
ATOM   26   O  OD1 . ASN A 1 4   ? 11.215  -4.464  10.406  1.00 28.97 ? 4   ASN A OD1 1 
ATOM   27   N  ND2 . ASN A 1 4   ? 12.305  -6.299  11.076  1.00 27.90 ? 4   ASN A ND2 1 
ATOM   28   N  N   . TYR A 1 5   ? 12.598  -3.519  7.206   1.00 13.20 ? 5   TYR A N   1 
ATOM   29   C  CA  . TYR A 1 5   ? 12.216  -4.137  5.940   1.00 14.19 ? 5   TYR A CA  1 
ATOM   30   C  C   . TYR A 1 5   ? 12.188  -3.135  4.798   1.00 16.44 ? 5   TYR A C   1 
ATOM   31   O  O   . TYR A 1 5   ? 11.655  -2.033  4.924   1.00 14.43 ? 5   TYR A O   1 
ATOM   32   C  CB  . TYR A 1 5   ? 10.870  -4.852  6.027   1.00 13.74 ? 5   TYR A CB  1 
ATOM   33   C  CG  . TYR A 1 5   ? 10.601  -5.717  4.820   1.00 11.42 ? 5   TYR A CG  1 
ATOM   34   C  CD1 . TYR A 1 5   ? 11.211  -6.964  4.694   1.00 19.48 ? 5   TYR A CD1 1 
ATOM   35   C  CD2 . TYR A 1 5   ? 9.769   -5.283  3.788   1.00 11.03 ? 5   TYR A CD2 1 
ATOM   36   C  CE1 . TYR A 1 5   ? 11.002  -7.764  3.570   1.00 21.62 ? 5   TYR A CE1 1 
ATOM   37   C  CE2 . TYR A 1 5   ? 9.553   -6.072  2.654   1.00 12.89 ? 5   TYR A CE2 1 
ATOM   38   C  CZ  . TYR A 1 5   ? 10.174  -7.312  2.554   1.00 21.09 ? 5   TYR A CZ  1 
ATOM   39   O  OH  . TYR A 1 5   ? 9.976   -8.106  1.448   1.00 21.94 ? 5   TYR A OH  1 
ATOM   40   N  N   . ASP A 1 6   ? 12.774  -3.542  3.682   1.00 16.75 ? 6   ASP A N   1 
ATOM   41   C  CA  . ASP A 1 6   ? 12.844  -2.713  2.492   1.00 18.30 ? 6   ASP A CA  1 
ATOM   42   C  C   . ASP A 1 6   ? 12.120  -3.407  1.340   1.00 17.82 ? 6   ASP A C   1 
ATOM   43   O  O   . ASP A 1 6   ? 12.536  -4.468  0.860   1.00 10.17 ? 6   ASP A O   1 
ATOM   44   C  CB  . ASP A 1 6   ? 14.311  -2.428  2.138   1.00 25.27 ? 6   ASP A CB  1 
ATOM   45   C  CG  . ASP A 1 6   ? 14.483  -1.766  0.775   1.00 30.25 ? 6   ASP A CG  1 
ATOM   46   O  OD1 . ASP A 1 6   ? 13.532  -1.129  0.276   1.00 33.01 ? 6   ASP A OD1 1 
ATOM   47   O  OD2 . ASP A 1 6   ? 15.585  -1.881  0.199   1.00 34.14 ? 6   ASP A OD2 1 
ATOM   48   N  N   . GLN A 1 7   ? 11.002  -2.815  0.942   1.00 18.89 ? 7   GLN A N   1 
ATOM   49   C  CA  . GLN A 1 7   ? 10.199  -3.324  -0.153  1.00 11.58 ? 7   GLN A CA  1 
ATOM   50   C  C   . GLN A 1 7   ? 10.807  -2.780  -1.431  1.00 10.16 ? 7   GLN A C   1 
ATOM   51   O  O   . GLN A 1 7   ? 10.819  -1.569  -1.649  1.00 9.38  ? 7   GLN A O   1 
ATOM   52   C  CB  . GLN A 1 7   ? 8.749   -2.847  0.003   1.00 15.13 ? 7   GLN A CB  1 
ATOM   53   C  CG  . GLN A 1 7   ? 7.832   -3.137  -1.184  1.00 14.86 ? 7   GLN A CG  1 
ATOM   54   C  CD  . GLN A 1 7   ? 7.835   -4.598  -1.612  1.00 8.88  ? 7   GLN A CD  1 
ATOM   55   O  OE1 . GLN A 1 7   ? 7.565   -4.906  -2.774  1.00 21.42 ? 7   GLN A OE1 1 
ATOM   56   N  NE2 . GLN A 1 7   ? 8.135   -5.500  -0.683  1.00 10.20 ? 7   GLN A NE2 1 
ATOM   57   N  N   . ASN A 1 8   ? 11.360  -3.667  -2.249  1.00 7.88  ? 8   ASN A N   1 
ATOM   58   C  CA  . ASN A 1 8   ? 11.958  -3.243  -3.507  1.00 14.11 ? 8   ASN A CA  1 
ATOM   59   C  C   . ASN A 1 8   ? 11.573  -4.169  -4.654  1.00 16.50 ? 8   ASN A C   1 
ATOM   60   O  O   . ASN A 1 8   ? 12.273  -5.138  -4.961  1.00 15.22 ? 8   ASN A O   1 
ATOM   61   C  CB  . ASN A 1 8   ? 13.475  -3.147  -3.387  1.00 19.31 ? 8   ASN A CB  1 
ATOM   62   C  CG  . ASN A 1 8   ? 14.109  -2.502  -4.603  1.00 26.90 ? 8   ASN A CG  1 
ATOM   63   O  OD1 . ASN A 1 8   ? 13.421  -2.120  -5.557  1.00 24.70 ? 8   ASN A OD1 1 
ATOM   64   N  ND2 . ASN A 1 8   ? 15.428  -2.355  -4.567  1.00 37.29 ? 8   ASN A ND2 1 
ATOM   65   N  N   . TYR A 1 9   ? 10.461  -3.835  -5.301  1.00 17.49 ? 9   TYR A N   1 
ATOM   66   C  CA  . TYR A 1 9   ? 9.942   -4.613  -6.412  1.00 21.09 ? 9   TYR A CA  1 
ATOM   67   C  C   . TYR A 1 9   ? 9.821   -3.715  -7.632  1.00 17.02 ? 9   TYR A C   1 
ATOM   68   O  O   . TYR A 1 9   ? 9.362   -2.584  -7.533  1.00 23.84 ? 9   TYR A O   1 
ATOM   69   C  CB  . TYR A 1 9   ? 8.574   -5.194  -6.034  1.00 27.21 ? 9   TYR A CB  1 
ATOM   70   C  CG  . TYR A 1 9   ? 7.886   -5.974  -7.125  1.00 27.74 ? 9   TYR A CG  1 
ATOM   71   C  CD1 . TYR A 1 9   ? 8.144   -7.329  -7.305  1.00 33.39 ? 9   TYR A CD1 1 
ATOM   72   C  CD2 . TYR A 1 9   ? 6.962   -5.358  -7.971  1.00 34.46 ? 9   TYR A CD2 1 
ATOM   73   C  CE1 . TYR A 1 9   ? 7.500   -8.060  -8.300  1.00 35.22 ? 9   TYR A CE1 1 
ATOM   74   C  CE2 . TYR A 1 9   ? 6.313   -6.076  -8.972  1.00 36.13 ? 9   TYR A CE2 1 
ATOM   75   C  CZ  . TYR A 1 9   ? 6.587   -7.427  -9.129  1.00 39.15 ? 9   TYR A CZ  1 
ATOM   76   O  OH  . TYR A 1 9   ? 5.957   -8.141  -10.123 1.00 46.67 ? 9   TYR A OH  1 
ATOM   77   N  N   . GLN A 1 10  ? 10.268  -4.213  -8.776  1.00 18.61 ? 10  GLN A N   1 
ATOM   78   C  CA  . GLN A 1 10  ? 10.201  -3.463  -10.025 1.00 19.08 ? 10  GLN A CA  1 
ATOM   79   C  C   . GLN A 1 10  ? 10.435  -4.393  -11.202 1.00 16.90 ? 10  GLN A C   1 
ATOM   80   O  O   . GLN A 1 10  ? 11.208  -5.339  -11.099 1.00 15.30 ? 10  GLN A O   1 
ATOM   81   C  CB  . GLN A 1 10  ? 11.170  -2.270  -10.026 1.00 21.01 ? 10  GLN A CB  1 
ATOM   82   C  CG  . GLN A 1 10  ? 12.507  -2.513  -9.358  1.00 21.82 ? 10  GLN A CG  1 
ATOM   83   C  CD  . GLN A 1 10  ? 13.361  -1.253  -9.324  1.00 27.77 ? 10  GLN A CD  1 
ATOM   84   O  OE1 . GLN A 1 10  ? 13.765  -0.736  -10.366 1.00 31.28 ? 10  GLN A OE1 1 
ATOM   85   N  NE2 . GLN A 1 10  ? 13.640  -0.755  -8.124  1.00 31.18 ? 10  GLN A NE2 1 
ATOM   86   N  N   . THR A 1 11  ? 9.729   -4.132  -12.301 1.00 19.52 ? 11  THR A N   1 
ATOM   87   C  CA  . THR A 1 11  ? 9.796   -4.958  -13.503 1.00 18.91 ? 11  THR A CA  1 
ATOM   88   C  C   . THR A 1 11  ? 10.465  -4.336  -14.732 1.00 21.18 ? 11  THR A C   1 
ATOM   89   O  O   . THR A 1 11  ? 10.826  -5.050  -15.665 1.00 28.63 ? 11  THR A O   1 
ATOM   90   C  CB  . THR A 1 11  ? 8.388   -5.462  -13.894 1.00 17.37 ? 11  THR A CB  1 
ATOM   91   O  OG1 . THR A 1 11  ? 7.473   -4.358  -13.940 1.00 21.07 ? 11  THR A OG1 1 
ATOM   92   C  CG2 . THR A 1 11  ? 7.885   -6.470  -12.875 1.00 25.00 ? 11  THR A CG2 1 
ATOM   93   N  N   . GLY A 1 12  ? 10.635  -3.018  -14.746 1.00 18.69 ? 12  GLY A N   1 
ATOM   94   C  CA  . GLY A 1 12  ? 11.273  -2.402  -15.892 1.00 12.97 ? 12  GLY A CA  1 
ATOM   95   C  C   . GLY A 1 12  ? 11.244  -0.891  -15.868 1.00 11.68 ? 12  GLY A C   1 
ATOM   96   O  O   . GLY A 1 12  ? 10.710  -0.290  -14.940 1.00 18.17 ? 12  GLY A O   1 
ATOM   97   N  N   . GLY A 1 13  ? 11.864  -0.284  -16.875 1.00 11.52 ? 13  GLY A N   1 
ATOM   98   C  CA  . GLY A 1 13  ? 11.893  1.164   -16.979 1.00 8.40  ? 13  GLY A CA  1 
ATOM   99   C  C   . GLY A 1 13  ? 12.797  1.876   -15.995 1.00 11.09 ? 13  GLY A C   1 
ATOM   100  O  O   . GLY A 1 13  ? 13.593  1.264   -15.276 1.00 15.10 ? 13  GLY A O   1 
ATOM   101  N  N   . GLN A 1 14  ? 12.656  3.196   -15.957 1.00 17.86 ? 14  GLN A N   1 
ATOM   102  C  CA  . GLN A 1 14  ? 13.466  4.027   -15.081 1.00 19.00 ? 14  GLN A CA  1 
ATOM   103  C  C   . GLN A 1 14  ? 12.853  4.191   -13.684 1.00 19.32 ? 14  GLN A C   1 
ATOM   104  O  O   . GLN A 1 14  ? 11.864  4.897   -13.513 1.00 18.00 ? 14  GLN A O   1 
ATOM   105  C  CB  . GLN A 1 14  ? 13.707  5.385   -15.757 1.00 19.76 ? 14  GLN A CB  1 
ATOM   106  C  CG  . GLN A 1 14  ? 14.668  6.312   -15.022 1.00 30.68 ? 14  GLN A CG  1 
ATOM   107  C  CD  . GLN A 1 14  ? 15.027  7.562   -15.811 1.00 27.87 ? 14  GLN A CD  1 
ATOM   108  O  OE1 . GLN A 1 14  ? 14.439  7.854   -16.850 1.00 33.30 ? 14  GLN A OE1 1 
ATOM   109  N  NE2 . GLN A 1 14  ? 16.006  8.307   -15.314 1.00 39.09 ? 14  GLN A NE2 1 
ATOM   110  N  N   . VAL A 1 15  ? 13.402  3.466   -12.708 1.00 19.99 ? 15  VAL A N   1 
ATOM   111  C  CA  . VAL A 1 15  ? 12.943  3.542   -11.316 1.00 17.04 ? 15  VAL A CA  1 
ATOM   112  C  C   . VAL A 1 15  ? 14.164  3.724   -10.408 1.00 15.60 ? 15  VAL A C   1 
ATOM   113  O  O   . VAL A 1 15  ? 14.977  2.813   -10.255 1.00 10.02 ? 15  VAL A O   1 
ATOM   114  C  CB  . VAL A 1 15  ? 12.153  2.269   -10.869 1.00 18.46 ? 15  VAL A CB  1 
ATOM   115  C  CG1 . VAL A 1 15  ? 11.752  2.381   -9.392  1.00 21.28 ? 15  VAL A CG1 1 
ATOM   116  C  CG2 . VAL A 1 15  ? 10.900  2.084   -11.717 1.00 17.80 ? 15  VAL A CG2 1 
ATOM   117  N  N   . SER A 1 16  ? 14.299  4.926   -9.856  1.00 13.03 ? 16  SER A N   1 
ATOM   118  C  CA  . SER A 1 16  ? 15.399  5.276   -8.969  1.00 13.60 ? 16  SER A CA  1 
ATOM   119  C  C   . SER A 1 16  ? 14.911  5.280   -7.525  1.00 10.37 ? 16  SER A C   1 
ATOM   120  O  O   . SER A 1 16  ? 14.367  6.268   -7.047  1.00 13.33 ? 16  SER A O   1 
ATOM   121  C  CB  . SER A 1 16  ? 15.930  6.660   -9.333  1.00 18.25 ? 16  SER A CB  1 
ATOM   122  O  OG  . SER A 1 16  ? 15.942  6.831   -10.742 1.00 36.27 ? 16  SER A OG  1 
ATOM   123  N  N   . TYR A 1 17  ? 15.117  4.165   -6.838  1.00 12.60 ? 17  TYR A N   1 
ATOM   124  C  CA  . TYR A 1 17  ? 14.696  4.004   -5.457  1.00 11.67 ? 17  TYR A CA  1 
ATOM   125  C  C   . TYR A 1 17  ? 15.861  4.179   -4.483  1.00 12.09 ? 17  TYR A C   1 
ATOM   126  O  O   . TYR A 1 17  ? 16.894  3.533   -4.622  1.00 13.82 ? 17  TYR A O   1 
ATOM   127  C  CB  . TYR A 1 17  ? 14.069  2.613   -5.288  1.00 9.61  ? 17  TYR A CB  1 
ATOM   128  C  CG  . TYR A 1 17  ? 13.708  2.257   -3.866  1.00 8.29  ? 17  TYR A CG  1 
ATOM   129  C  CD1 . TYR A 1 17  ? 12.953  3.128   -3.077  1.00 4.81  ? 17  TYR A CD1 1 
ATOM   130  C  CD2 . TYR A 1 17  ? 14.136  1.054   -3.302  1.00 11.74 ? 17  TYR A CD2 1 
ATOM   131  C  CE1 . TYR A 1 17  ? 12.634  2.813   -1.761  1.00 10.34 ? 17  TYR A CE1 1 
ATOM   132  C  CE2 . TYR A 1 17  ? 13.824  0.731   -1.994  1.00 16.17 ? 17  TYR A CE2 1 
ATOM   133  C  CZ  . TYR A 1 17  ? 13.076  1.614   -1.229  1.00 13.66 ? 17  TYR A CZ  1 
ATOM   134  O  OH  . TYR A 1 17  ? 12.780  1.303   0.070   1.00 18.95 ? 17  TYR A OH  1 
ATOM   135  N  N   . SER A 1 18  ? 15.663  5.016   -3.472  1.00 13.27 ? 18  SER A N   1 
ATOM   136  C  CA  . SER A 1 18  ? 16.688  5.269   -2.469  1.00 18.59 ? 18  SER A CA  1 
ATOM   137  C  C   . SER A 1 18  ? 16.159  5.089   -1.049  1.00 18.50 ? 18  SER A C   1 
ATOM   138  O  O   . SER A 1 18  ? 15.593  6.017   -0.468  1.00 13.29 ? 18  SER A O   1 
ATOM   139  C  CB  . SER A 1 18  ? 17.252  6.683   -2.619  1.00 17.23 ? 18  SER A CB  1 
ATOM   140  O  OG  . SER A 1 18  ? 17.738  6.907   -3.928  1.00 31.51 ? 18  SER A OG  1 
ATOM   141  N  N   . PRO A 1 19  ? 16.303  3.873   -0.486  1.00 19.53 ? 19  PRO A N   1 
ATOM   142  C  CA  . PRO A 1 19  ? 15.842  3.596   0.879   1.00 17.83 ? 19  PRO A CA  1 
ATOM   143  C  C   . PRO A 1 19  ? 16.751  4.257   1.917   1.00 19.32 ? 19  PRO A C   1 
ATOM   144  O  O   . PRO A 1 19  ? 17.909  4.567   1.644   1.00 19.65 ? 19  PRO A O   1 
ATOM   145  C  CB  . PRO A 1 19  ? 15.921  2.071   0.963   1.00 13.75 ? 19  PRO A CB  1 
ATOM   146  C  CG  . PRO A 1 19  ? 17.052  1.740   0.047   1.00 15.36 ? 19  PRO A CG  1 
ATOM   147  C  CD  . PRO A 1 19  ? 16.789  2.642   -1.134  1.00 14.56 ? 19  PRO A CD  1 
ATOM   148  N  N   . SER A 1 20  ? 16.211  4.477   3.109   1.00 18.93 ? 20  SER A N   1 
ATOM   149  C  CA  . SER A 1 20  ? 16.976  5.087   4.177   1.00 20.37 ? 20  SER A CA  1 
ATOM   150  C  C   . SER A 1 20  ? 16.477  4.564   5.515   1.00 23.67 ? 20  SER A C   1 
ATOM   151  O  O   . SER A 1 20  ? 15.576  3.717   5.578   1.00 22.88 ? 20  SER A O   1 
ATOM   152  C  CB  . SER A 1 20  ? 16.891  6.622   4.103   1.00 21.74 ? 20  SER A CB  1 
ATOM   153  O  OG  . SER A 1 20  ? 16.014  7.164   5.076   1.00 26.53 ? 20  SER A OG  1 
ATOM   154  N  N   . ASN A 1 21  ? 17.110  5.028   6.581   1.00 23.69 ? 21  ASN A N   1 
ATOM   155  C  CA  . ASN A 1 21  ? 16.742  4.605   7.919   1.00 32.17 ? 21  ASN A CA  1 
ATOM   156  C  C   . ASN A 1 21  ? 15.395  5.154   8.385   1.00 28.16 ? 21  ASN A C   1 
ATOM   157  O  O   . ASN A 1 21  ? 14.687  4.498   9.146   1.00 32.02 ? 21  ASN A O   1 
ATOM   158  C  CB  . ASN A 1 21  ? 17.868  4.934   8.927   1.00 39.69 ? 21  ASN A CB  1 
ATOM   159  C  CG  . ASN A 1 21  ? 18.234  6.432   8.981   1.00 46.21 ? 21  ASN A CG  1 
ATOM   160  O  OD1 . ASN A 1 21  ? 18.658  6.925   10.028  1.00 49.58 ? 21  ASN A OD1 1 
ATOM   161  N  ND2 . ASN A 1 21  ? 18.111  7.141   7.858   1.00 48.98 ? 21  ASN A ND2 1 
ATOM   162  N  N   . THR A 1 22  ? 15.016  6.319   7.872   1.00 20.23 ? 22  THR A N   1 
ATOM   163  C  CA  . THR A 1 22  ? 13.765  6.951   8.270   1.00 21.76 ? 22  THR A CA  1 
ATOM   164  C  C   . THR A 1 22  ? 12.764  7.127   7.136   1.00 21.08 ? 22  THR A C   1 
ATOM   165  O  O   . THR A 1 22  ? 11.797  7.875   7.273   1.00 22.86 ? 22  THR A O   1 
ATOM   166  C  CB  . THR A 1 22  ? 14.021  8.344   8.867   1.00 21.51 ? 22  THR A CB  1 
ATOM   167  O  OG1 . THR A 1 22  ? 14.653  9.177   7.884   1.00 25.32 ? 22  THR A OG1 1 
ATOM   168  C  CG2 . THR A 1 22  ? 14.907  8.244   10.088  1.00 23.58 ? 22  THR A CG2 1 
ATOM   169  N  N   . GLY A 1 23  ? 13.017  6.487   6.002   1.00 17.53 ? 23  GLY A N   1 
ATOM   170  C  CA  . GLY A 1 23  ? 12.101  6.616   4.888   1.00 12.39 ? 23  GLY A CA  1 
ATOM   171  C  C   . GLY A 1 23  ? 12.663  6.154   3.567   1.00 8.56  ? 23  GLY A C   1 
ATOM   172  O  O   . GLY A 1 23  ? 13.471  5.221   3.501   1.00 12.15 ? 23  GLY A O   1 
ATOM   173  N  N   . PHE A 1 24  ? 12.206  6.796   2.501   1.00 14.12 ? 24  PHE A N   1 
ATOM   174  C  CA  . PHE A 1 24  ? 12.651  6.450   1.163   1.00 11.38 ? 24  PHE A CA  1 
ATOM   175  C  C   . PHE A 1 24  ? 12.351  7.551   0.167   1.00 12.09 ? 24  PHE A C   1 
ATOM   176  O  O   . PHE A 1 24  ? 11.553  8.464   0.424   1.00 12.12 ? 24  PHE A O   1 
ATOM   177  C  CB  . PHE A 1 24  ? 12.014  5.133   0.693   1.00 12.55 ? 24  PHE A CB  1 
ATOM   178  C  CG  . PHE A 1 24  ? 10.533  5.223   0.458   1.00 18.87 ? 24  PHE A CG  1 
ATOM   179  C  CD1 . PHE A 1 24  ? 9.639   5.111   1.522   1.00 19.54 ? 24  PHE A CD1 1 
ATOM   180  C  CD2 . PHE A 1 24  ? 10.033  5.439   -0.821  1.00 11.08 ? 24  PHE A CD2 1 
ATOM   181  C  CE1 . PHE A 1 24  ? 8.269   5.219   1.318   1.00 16.59 ? 24  PHE A CE1 1 
ATOM   182  C  CE2 . PHE A 1 24  ? 8.664   5.548   -1.038  1.00 19.11 ? 24  PHE A CE2 1 
ATOM   183  C  CZ  . PHE A 1 24  ? 7.780   5.439   0.033   1.00 19.31 ? 24  PHE A CZ  1 
ATOM   184  N  N   . SER A 1 25  ? 12.964  7.408   -1.001  1.00 7.96  ? 25  SER A N   1 
ATOM   185  C  CA  . SER A 1 25  ? 12.828  8.356   -2.084  1.00 12.39 ? 25  SER A CA  1 
ATOM   186  C  C   . SER A 1 25  ? 12.716  7.552   -3.365  1.00 10.80 ? 25  SER A C   1 
ATOM   187  O  O   . SER A 1 25  ? 13.270  6.459   -3.465  1.00 13.50 ? 25  SER A O   1 
ATOM   188  C  CB  . SER A 1 25  ? 14.072  9.246   -2.113  1.00 11.59 ? 25  SER A CB  1 
ATOM   189  O  OG  . SER A 1 25  ? 14.002  10.225  -3.124  1.00 23.38 ? 25  SER A OG  1 
ATOM   190  N  N   . VAL A 1 26  ? 11.918  8.051   -4.305  1.00 13.87 ? 26  VAL A N   1 
ATOM   191  C  CA  . VAL A 1 26  ? 11.744  7.398   -5.598  1.00 13.13 ? 26  VAL A CA  1 
ATOM   192  C  C   . VAL A 1 26  ? 11.433  8.389   -6.692  1.00 11.42 ? 26  VAL A C   1 
ATOM   193  O  O   . VAL A 1 26  ? 10.731  9.370   -6.473  1.00 10.60 ? 26  VAL A O   1 
ATOM   194  C  CB  . VAL A 1 26  ? 10.620  6.330   -5.629  1.00 15.43 ? 26  VAL A CB  1 
ATOM   195  C  CG1 . VAL A 1 26  ? 11.223  4.955   -5.750  1.00 13.95 ? 26  VAL A CG1 1 
ATOM   196  C  CG2 . VAL A 1 26  ? 9.704   6.445   -4.419  1.00 14.28 ? 26  VAL A CG2 1 
ATOM   197  N  N   . ASN A 1 27  ? 12.049  8.156   -7.843  1.00 11.88 ? 27  ASN A N   1 
ATOM   198  C  CA  . ASN A 1 27  ? 11.856  8.946   -9.051  1.00 15.52 ? 27  ASN A CA  1 
ATOM   199  C  C   . ASN A 1 27  ? 11.619  7.858   -10.072 1.00 15.43 ? 27  ASN A C   1 
ATOM   200  O  O   . ASN A 1 27  ? 12.343  6.862   -10.088 1.00 16.37 ? 27  ASN A O   1 
ATOM   201  C  CB  . ASN A 1 27  ? 13.120  9.719   -9.420  1.00 19.62 ? 27  ASN A CB  1 
ATOM   202  C  CG  . ASN A 1 27  ? 13.264  11.000  -8.636  1.00 29.23 ? 27  ASN A CG  1 
ATOM   203  O  OD1 . ASN A 1 27  ? 12.553  11.969  -8.890  1.00 37.59 ? 27  ASN A OD1 1 
ATOM   204  N  ND2 . ASN A 1 27  ? 14.189  11.018  -7.683  1.00 33.13 ? 27  ASN A ND2 1 
ATOM   205  N  N   . TRP A 1 28  ? 10.600  8.011   -10.906 1.00 18.36 ? 28  TRP A N   1 
ATOM   206  C  CA  . TRP A 1 28  ? 10.321  6.977   -11.892 1.00 18.54 ? 28  TRP A CA  1 
ATOM   207  C  C   . TRP A 1 28  ? 9.822   7.530   -13.214 1.00 15.49 ? 28  TRP A C   1 
ATOM   208  O  O   . TRP A 1 28  ? 9.384   8.676   -13.296 1.00 19.20 ? 28  TRP A O   1 
ATOM   209  C  CB  . TRP A 1 28  ? 9.324   5.937   -11.323 1.00 22.90 ? 28  TRP A CB  1 
ATOM   210  C  CG  . TRP A 1 28  ? 7.888   6.439   -11.151 1.00 24.98 ? 28  TRP A CG  1 
ATOM   211  C  CD1 . TRP A 1 28  ? 6.885   6.371   -12.077 1.00 28.32 ? 28  TRP A CD1 1 
ATOM   212  C  CD2 . TRP A 1 28  ? 7.324   7.109   -10.003 1.00 20.39 ? 28  TRP A CD2 1 
ATOM   213  N  NE1 . TRP A 1 28  ? 5.745   6.959   -11.583 1.00 23.16 ? 28  TRP A NE1 1 
ATOM   214  C  CE2 . TRP A 1 28  ? 5.982   7.420   -10.320 1.00 19.00 ? 28  TRP A CE2 1 
ATOM   215  C  CE3 . TRP A 1 28  ? 7.822   7.471   -8.746  1.00 18.45 ? 28  TRP A CE3 1 
ATOM   216  C  CZ2 . TRP A 1 28  ? 5.133   8.084   -9.425  1.00 15.36 ? 28  TRP A CZ2 1 
ATOM   217  C  CZ3 . TRP A 1 28  ? 6.974   8.130   -7.857  1.00 16.16 ? 28  TRP A CZ3 1 
ATOM   218  C  CH2 . TRP A 1 28  ? 5.643   8.429   -8.206  1.00 14.03 ? 28  TRP A CH2 1 
ATOM   219  N  N   . ASN A 1 29  ? 9.943   6.707   -14.248 1.00 14.12 ? 29  ASN A N   1 
ATOM   220  C  CA  . ASN A 1 29  ? 9.502   7.010   -15.608 1.00 14.97 ? 29  ASN A CA  1 
ATOM   221  C  C   . ASN A 1 29  ? 9.449   5.633   -16.269 1.00 13.71 ? 29  ASN A C   1 
ATOM   222  O  O   . ASN A 1 29  ? 10.357  5.228   -16.999 1.00 17.24 ? 29  ASN A O   1 
ATOM   223  C  CB  . ASN A 1 29  ? 10.495  7.922   -16.325 1.00 15.93 ? 29  ASN A CB  1 
ATOM   224  C  CG  . ASN A 1 29  ? 9.949   8.451   -17.640 1.00 18.72 ? 29  ASN A CG  1 
ATOM   225  O  OD1 . ASN A 1 29  ? 8.816   8.148   -18.021 1.00 13.81 ? 29  ASN A OD1 1 
ATOM   226  N  ND2 . ASN A 1 29  ? 10.749  9.250   -18.338 1.00 17.85 ? 29  ASN A ND2 1 
ATOM   227  N  N   . THR A 1 30  ? 8.375   4.904   -15.985 1.00 13.95 ? 30  THR A N   1 
ATOM   228  C  CA  . THR A 1 30  ? 8.237   3.549   -16.484 1.00 9.93  ? 30  THR A CA  1 
ATOM   229  C  C   . THR A 1 30  ? 6.828   3.144   -16.917 1.00 8.73  ? 30  THR A C   1 
ATOM   230  O  O   . THR A 1 30  ? 5.835   3.783   -16.558 1.00 11.26 ? 30  THR A O   1 
ATOM   231  C  CB  . THR A 1 30  ? 8.743   2.565   -15.411 1.00 4.90  ? 30  THR A CB  1 
ATOM   232  O  OG1 . THR A 1 30  ? 8.614   1.223   -15.877 1.00 6.59  ? 30  THR A OG1 1 
ATOM   233  C  CG2 . THR A 1 30  ? 7.952   2.720   -14.122 1.00 14.77 ? 30  THR A CG2 1 
ATOM   234  N  N   . GLN A 1 31  ? 6.763   2.093   -17.729 1.00 13.05 ? 31  GLN A N   1 
ATOM   235  C  CA  . GLN A 1 31  ? 5.499   1.544   -18.212 1.00 14.55 ? 31  GLN A CA  1 
ATOM   236  C  C   . GLN A 1 31  ? 5.157   0.346   -17.345 1.00 11.11 ? 31  GLN A C   1 
ATOM   237  O  O   . GLN A 1 31  ? 4.017   -0.113  -17.322 1.00 15.82 ? 31  GLN A O   1 
ATOM   238  C  CB  . GLN A 1 31  ? 5.626   1.069   -19.667 1.00 14.43 ? 31  GLN A CB  1 
ATOM   239  C  CG  . GLN A 1 31  ? 5.619   2.169   -20.713 1.00 17.72 ? 31  GLN A CG  1 
ATOM   240  C  CD  . GLN A 1 31  ? 4.248   2.795   -20.895 1.00 24.20 ? 31  GLN A CD  1 
ATOM   241  O  OE1 . GLN A 1 31  ? 4.014   3.937   -20.495 1.00 19.80 ? 31  GLN A OE1 1 
ATOM   242  N  NE2 . GLN A 1 31  ? 3.331   2.046   -21.508 1.00 20.93 ? 31  GLN A NE2 1 
ATOM   243  N  N   . ASP A 1 32  ? 6.163   -0.148  -16.627 1.00 11.81 ? 32  ASP A N   1 
ATOM   244  C  CA  . ASP A 1 32  ? 6.010   -1.324  -15.783 1.00 16.70 ? 32  ASP A CA  1 
ATOM   245  C  C   . ASP A 1 32  ? 5.820   -1.060  -14.292 1.00 18.12 ? 32  ASP A C   1 
ATOM   246  O  O   . ASP A 1 32  ? 6.427   -0.152  -13.719 1.00 12.21 ? 32  ASP A O   1 
ATOM   247  C  CB  . ASP A 1 32  ? 7.190   -2.276  -15.989 1.00 20.60 ? 32  ASP A CB  1 
ATOM   248  C  CG  . ASP A 1 32  ? 7.399   -2.643  -17.440 1.00 20.61 ? 32  ASP A CG  1 
ATOM   249  O  OD1 . ASP A 1 32  ? 6.432   -3.045  -18.115 1.00 26.10 ? 32  ASP A OD1 1 
ATOM   250  O  OD2 . ASP A 1 32  ? 8.545   -2.537  -17.907 1.00 27.92 ? 32  ASP A OD2 1 
ATOM   251  N  N   . ASP A 1 33  ? 5.020   -1.928  -13.676 1.00 17.56 ? 33  ASP A N   1 
ATOM   252  C  CA  . ASP A 1 33  ? 4.684   -1.860  -12.263 1.00 19.26 ? 33  ASP A CA  1 
ATOM   253  C  C   . ASP A 1 33  ? 5.886   -2.092  -11.362 1.00 20.96 ? 33  ASP A C   1 
ATOM   254  O  O   . ASP A 1 33  ? 6.756   -2.917  -11.654 1.00 26.81 ? 33  ASP A O   1 
ATOM   255  C  CB  . ASP A 1 33  ? 3.591   -2.897  -11.944 1.00 25.61 ? 33  ASP A CB  1 
ATOM   256  C  CG  . ASP A 1 33  ? 3.106   -2.830  -10.493 1.00 29.00 ? 33  ASP A CG  1 
ATOM   257  O  OD1 . ASP A 1 33  ? 2.953   -1.709  -9.961  1.00 26.57 ? 33  ASP A OD1 1 
ATOM   258  O  OD2 . ASP A 1 33  ? 2.866   -3.901  -9.888  1.00 29.61 ? 33  ASP A OD2 1 
ATOM   259  N  N   . PHE A 1 34  ? 5.900   -1.369  -10.251 1.00 20.35 ? 34  PHE A N   1 
ATOM   260  C  CA  . PHE A 1 34  ? 6.948   -1.467  -9.253  1.00 13.91 ? 34  PHE A CA  1 
ATOM   261  C  C   . PHE A 1 34  ? 6.324   -1.103  -7.906  1.00 17.31 ? 34  PHE A C   1 
ATOM   262  O  O   . PHE A 1 34  ? 5.391   -0.291  -7.838  1.00 15.00 ? 34  PHE A O   1 
ATOM   263  C  CB  . PHE A 1 34  ? 8.088   -0.496  -9.579  1.00 13.58 ? 34  PHE A CB  1 
ATOM   264  C  CG  . PHE A 1 34  ? 7.695   0.954   -9.511  1.00 8.16  ? 34  PHE A CG  1 
ATOM   265  C  CD1 . PHE A 1 34  ? 7.114   1.584   -10.598 1.00 5.22  ? 34  PHE A CD1 1 
ATOM   266  C  CD2 . PHE A 1 34  ? 7.893   1.688   -8.347  1.00 10.21 ? 34  PHE A CD2 1 
ATOM   267  C  CE1 . PHE A 1 34  ? 6.731   2.929   -10.530 1.00 7.38  ? 34  PHE A CE1 1 
ATOM   268  C  CE2 . PHE A 1 34  ? 7.512   3.032   -8.269  1.00 9.63  ? 34  PHE A CE2 1 
ATOM   269  C  CZ  . PHE A 1 34  ? 6.930   3.649   -9.365  1.00 7.62  ? 34  PHE A CZ  1 
ATOM   270  N  N   . VAL A 1 35  ? 6.801   -1.745  -6.848  1.00 16.26 ? 35  VAL A N   1 
ATOM   271  C  CA  . VAL A 1 35  ? 6.319   -1.476  -5.500  1.00 13.32 ? 35  VAL A CA  1 
ATOM   272  C  C   . VAL A 1 35  ? 7.544   -1.288  -4.612  1.00 15.22 ? 35  VAL A C   1 
ATOM   273  O  O   . VAL A 1 35  ? 8.261   -2.251  -4.338  1.00 16.66 ? 35  VAL A O   1 
ATOM   274  C  CB  . VAL A 1 35  ? 5.496   -2.663  -4.931  1.00 16.29 ? 35  VAL A CB  1 
ATOM   275  C  CG1 . VAL A 1 35  ? 4.868   -2.271  -3.592  1.00 11.33 ? 35  VAL A CG1 1 
ATOM   276  C  CG2 . VAL A 1 35  ? 4.438   -3.117  -5.920  1.00 10.35 ? 35  VAL A CG2 1 
ATOM   277  N  N   . VAL A 1 36  ? 7.806   -0.051  -4.188  1.00 11.30 ? 36  VAL A N   1 
ATOM   278  C  CA  . VAL A 1 36  ? 8.952   0.216   -3.320  1.00 9.06  ? 36  VAL A CA  1 
ATOM   279  C  C   . VAL A 1 36  ? 8.512   0.962   -2.073  1.00 13.86 ? 36  VAL A C   1 
ATOM   280  O  O   . VAL A 1 36  ? 7.564   1.743   -2.105  1.00 16.66 ? 36  VAL A O   1 
ATOM   281  C  CB  . VAL A 1 36  ? 10.025  1.087   -4.006  1.00 9.23  ? 36  VAL A CB  1 
ATOM   282  C  CG1 . VAL A 1 36  ? 10.618  0.379   -5.207  1.00 6.90  ? 36  VAL A CG1 1 
ATOM   283  C  CG2 . VAL A 1 36  ? 9.439   2.441   -4.384  1.00 7.58  ? 36  VAL A CG2 1 
ATOM   284  N  N   . GLY A 1 37  ? 9.241   0.760   -0.984  1.00 9.97  ? 37  GLY A N   1 
ATOM   285  C  CA  . GLY A 1 37  ? 8.917   1.439   0.254   1.00 6.77  ? 37  GLY A CA  1 
ATOM   286  C  C   . GLY A 1 37  ? 9.631   0.763   1.396   1.00 7.01  ? 37  GLY A C   1 
ATOM   287  O  O   . GLY A 1 37  ? 10.336  -0.227  1.189   1.00 7.28  ? 37  GLY A O   1 
ATOM   288  N  N   . VAL A 1 38  ? 9.449   1.285   2.601   1.00 8.04  ? 38  VAL A N   1 
ATOM   289  C  CA  . VAL A 1 38  ? 10.098  0.722   3.783   1.00 12.42 ? 38  VAL A CA  1 
ATOM   290  C  C   . VAL A 1 38  ? 9.110   0.484   4.918   1.00 8.39  ? 38  VAL A C   1 
ATOM   291  O  O   . VAL A 1 38  ? 8.070   1.130   4.998   1.00 14.02 ? 38  VAL A O   1 
ATOM   292  C  CB  . VAL A 1 38  ? 11.265  1.624   4.277   1.00 11.83 ? 38  VAL A CB  1 
ATOM   293  C  CG1 . VAL A 1 38  ? 12.287  1.813   3.162   1.00 6.53  ? 38  VAL A CG1 1 
ATOM   294  C  CG2 . VAL A 1 38  ? 10.746  2.965   4.773   1.00 9.11  ? 38  VAL A CG2 1 
ATOM   295  N  N   . GLY A 1 39  ? 9.444   -0.437  5.806   1.00 11.82 ? 39  GLY A N   1 
ATOM   296  C  CA  . GLY A 1 39  ? 8.559   -0.730  6.911   1.00 15.25 ? 39  GLY A CA  1 
ATOM   297  C  C   . GLY A 1 39  ? 9.050   -1.811  7.853   1.00 19.42 ? 39  GLY A C   1 
ATOM   298  O  O   . GLY A 1 39  ? 10.196  -1.771  8.306   1.00 20.68 ? 39  GLY A O   1 
ATOM   299  N  N   . TRP A 1 40  ? 8.211   -2.818  8.096   1.00 17.40 ? 40  TRP A N   1 
ATOM   300  C  CA  . TRP A 1 40  ? 8.556   -3.869  9.042   1.00 20.65 ? 40  TRP A CA  1 
ATOM   301  C  C   . TRP A 1 40  ? 8.337   -5.290  8.541   1.00 20.42 ? 40  TRP A C   1 
ATOM   302  O  O   . TRP A 1 40  ? 7.424   -5.560  7.766   1.00 22.60 ? 40  TRP A O   1 
ATOM   303  C  CB  . TRP A 1 40  ? 7.791   -3.627  10.354  1.00 20.62 ? 40  TRP A CB  1 
ATOM   304  C  CG  . TRP A 1 40  ? 7.976   -2.217  10.882  1.00 21.78 ? 40  TRP A CG  1 
ATOM   305  C  CD1 . TRP A 1 40  ? 8.876   -1.807  11.826  1.00 22.91 ? 40  TRP A CD1 1 
ATOM   306  C  CD2 . TRP A 1 40  ? 7.303   -1.024  10.428  1.00 21.65 ? 40  TRP A CD2 1 
ATOM   307  N  NE1 . TRP A 1 40  ? 8.812   -0.438  11.977  1.00 21.33 ? 40  TRP A NE1 1 
ATOM   308  C  CE2 . TRP A 1 40  ? 7.859   0.066   11.133  1.00 19.47 ? 40  TRP A CE2 1 
ATOM   309  C  CE3 . TRP A 1 40  ? 6.291   -0.773  9.488   1.00 17.33 ? 40  TRP A CE3 1 
ATOM   310  C  CZ2 . TRP A 1 40  ? 7.437   1.388   10.925  1.00 23.82 ? 40  TRP A CZ2 1 
ATOM   311  C  CZ3 . TRP A 1 40  ? 5.875   0.536   9.284   1.00 15.47 ? 40  TRP A CZ3 1 
ATOM   312  C  CH2 . TRP A 1 40  ? 6.448   1.601   9.999   1.00 20.84 ? 40  TRP A CH2 1 
ATOM   313  N  N   . THR A 1 41  ? 9.194   -6.193  8.999   1.00 19.20 ? 41  THR A N   1 
ATOM   314  C  CA  . THR A 1 41  ? 9.142   -7.604  8.625   1.00 19.49 ? 41  THR A CA  1 
ATOM   315  C  C   . THR A 1 41  ? 7.842   -8.301  9.061   1.00 21.84 ? 41  THR A C   1 
ATOM   316  O  O   . THR A 1 41  ? 7.386   -9.258  8.421   1.00 24.05 ? 41  THR A O   1 
ATOM   317  C  CB  . THR A 1 41  ? 10.390  -8.347  9.186   1.00 21.52 ? 41  THR A CB  1 
ATOM   318  O  OG1 . THR A 1 41  ? 11.554  -7.943  8.448   1.00 15.36 ? 41  THR A OG1 1 
ATOM   319  C  CG2 . THR A 1 41  ? 10.239  -9.865  9.095   1.00 23.60 ? 41  THR A CG2 1 
ATOM   320  N  N   . THR A 1 42  ? 7.268   -7.839  10.166  1.00 21.67 ? 42  THR A N   1 
ATOM   321  C  CA  . THR A 1 42  ? 6.021   -8.387  10.689  1.00 21.41 ? 42  THR A CA  1 
ATOM   322  C  C   . THR A 1 42  ? 5.176   -7.195  11.124  1.00 22.52 ? 42  THR A C   1 
ATOM   323  O  O   . THR A 1 42  ? 5.544   -6.464  12.045  1.00 21.05 ? 42  THR A O   1 
ATOM   324  C  CB  . THR A 1 42  ? 6.263   -9.322  11.896  1.00 26.41 ? 42  THR A CB  1 
ATOM   325  O  OG1 . THR A 1 42  ? 7.194   -8.709  12.793  1.00 36.72 ? 42  THR A OG1 1 
ATOM   326  C  CG2 . THR A 1 42  ? 6.816   -10.668 11.456  1.00 15.93 ? 42  THR A CG2 1 
ATOM   327  N  N   . GLY A 1 43  ? 4.067   -6.976  10.425  1.00 24.34 ? 43  GLY A N   1 
ATOM   328  C  CA  . GLY A 1 43  ? 3.194   -5.857  10.728  1.00 21.64 ? 43  GLY A CA  1 
ATOM   329  C  C   . GLY A 1 43  ? 2.469   -5.962  12.052  1.00 21.04 ? 43  GLY A C   1 
ATOM   330  O  O   . GLY A 1 43  ? 2.284   -7.056  12.588  1.00 23.31 ? 43  GLY A O   1 
ATOM   331  N  N   . SER A 1 44  ? 2.040   -4.820  12.574  1.00 20.74 ? 44  SER A N   1 
ATOM   332  C  CA  . SER A 1 44  ? 1.329   -4.796  13.843  1.00 21.03 ? 44  SER A CA  1 
ATOM   333  C  C   . SER A 1 44  ? 0.124   -3.854  13.791  1.00 19.00 ? 44  SER A C   1 
ATOM   334  O  O   . SER A 1 44  ? -0.313  -3.436  12.715  1.00 16.98 ? 44  SER A O   1 
ATOM   335  C  CB  . SER A 1 44  ? 2.280   -4.378  14.973  1.00 19.76 ? 44  SER A CB  1 
ATOM   336  O  OG  . SER A 1 44  ? 2.658   -3.014  14.857  1.00 28.01 ? 44  SER A OG  1 
ATOM   337  N  N   . SER A 1 45  ? -0.403  -3.528  14.966  1.00 21.68 ? 45  SER A N   1 
ATOM   338  C  CA  . SER A 1 45  ? -1.552  -2.645  15.100  1.00 19.56 ? 45  SER A CA  1 
ATOM   339  C  C   . SER A 1 45  ? -1.123  -1.204  15.349  1.00 18.39 ? 45  SER A C   1 
ATOM   340  O  O   . SER A 1 45  ? -1.959  -0.318  15.476  1.00 21.20 ? 45  SER A O   1 
ATOM   341  C  CB  . SER A 1 45  ? -2.419  -3.116  16.262  1.00 16.03 ? 45  SER A CB  1 
ATOM   342  O  OG  . SER A 1 45  ? -2.875  -4.437  16.039  1.00 28.68 ? 45  SER A OG  1 
ATOM   343  N  N   . ALA A 1 46  ? 0.179   -0.973  15.400  1.00 18.97 ? 46  ALA A N   1 
ATOM   344  C  CA  . ALA A 1 46  ? 0.709   0.360   15.653  1.00 16.00 ? 46  ALA A CA  1 
ATOM   345  C  C   . ALA A 1 46  ? 0.391   1.353   14.551  1.00 12.68 ? 46  ALA A C   1 
ATOM   346  O  O   . ALA A 1 46  ? 0.576   1.061   13.377  1.00 15.55 ? 46  ALA A O   1 
ATOM   347  C  CB  . ALA A 1 46  ? 2.209   0.285   15.874  1.00 15.17 ? 46  ALA A CB  1 
ATOM   348  N  N   . PRO A 1 47  ? -0.169  2.514   14.921  1.00 14.77 ? 47  PRO A N   1 
ATOM   349  C  CA  . PRO A 1 47  ? -0.519  3.566   13.962  1.00 12.55 ? 47  PRO A CA  1 
ATOM   350  C  C   . PRO A 1 47  ? 0.729   4.011   13.200  1.00 20.05 ? 47  PRO A C   1 
ATOM   351  O  O   . PRO A 1 47  ? 1.723   4.439   13.798  1.00 23.28 ? 47  PRO A O   1 
ATOM   352  C  CB  . PRO A 1 47  ? -1.050  4.677   14.865  1.00 13.30 ? 47  PRO A CB  1 
ATOM   353  C  CG  . PRO A 1 47  ? -1.724  3.898   15.955  1.00 11.29 ? 47  PRO A CG  1 
ATOM   354  C  CD  . PRO A 1 47  ? -0.708  2.821   16.258  1.00 9.74  ? 47  PRO A CD  1 
ATOM   355  N  N   . ILE A 1 48  ? 0.668   3.899   11.875  1.00 21.50 ? 48  ILE A N   1 
ATOM   356  C  CA  . ILE A 1 48  ? 1.778   4.259   11.009  1.00 14.92 ? 48  ILE A CA  1 
ATOM   357  C  C   . ILE A 1 48  ? 1.777   5.710   10.529  1.00 15.46 ? 48  ILE A C   1 
ATOM   358  O  O   . ILE A 1 48  ? 0.798   6.192   9.958   1.00 14.38 ? 48  ILE A O   1 
ATOM   359  C  CB  . ILE A 1 48  ? 1.833   3.320   9.794   1.00 11.36 ? 48  ILE A CB  1 
ATOM   360  C  CG1 . ILE A 1 48  ? 1.983   1.872   10.257  1.00 12.74 ? 48  ILE A CG1 1 
ATOM   361  C  CG2 . ILE A 1 48  ? 2.992   3.697   8.888   1.00 10.44 ? 48  ILE A CG2 1 
ATOM   362  C  CD1 . ILE A 1 48  ? 1.925   0.867   9.112   1.00 17.38 ? 48  ILE A CD1 1 
ATOM   363  N  N   . ASN A 1 49  ? 2.900   6.387   10.756  1.00 19.59 ? 49  ASN A N   1 
ATOM   364  C  CA  . ASN A 1 49  ? 3.090   7.778   10.356  1.00 17.59 ? 49  ASN A CA  1 
ATOM   365  C  C   . ASN A 1 49  ? 3.847   7.842   9.036   1.00 17.10 ? 49  ASN A C   1 
ATOM   366  O  O   . ASN A 1 49  ? 4.802   7.088   8.819   1.00 12.25 ? 49  ASN A O   1 
ATOM   367  C  CB  . ASN A 1 49  ? 3.895   8.526   11.416  1.00 22.85 ? 49  ASN A CB  1 
ATOM   368  C  CG  . ASN A 1 49  ? 3.321   8.363   12.810  1.00 29.89 ? 49  ASN A CG  1 
ATOM   369  O  OD1 . ASN A 1 49  ? 2.566   9.216   13.284  1.00 35.54 ? 49  ASN A OD1 1 
ATOM   370  N  ND2 . ASN A 1 49  ? 3.681   7.267   13.481  1.00 31.38 ? 49  ASN A ND2 1 
ATOM   371  N  N   . PHE A 1 50  ? 3.400   8.729   8.152   1.00 16.08 ? 50  PHE A N   1 
ATOM   372  C  CA  . PHE A 1 50  ? 4.027   8.930   6.848   1.00 12.50 ? 50  PHE A CA  1 
ATOM   373  C  C   . PHE A 1 50  ? 3.957   10.423  6.540   1.00 16.61 ? 50  PHE A C   1 
ATOM   374  O  O   . PHE A 1 50  ? 3.139   11.145  7.105   1.00 18.60 ? 50  PHE A O   1 
ATOM   375  C  CB  . PHE A 1 50  ? 3.308   8.120   5.759   1.00 11.83 ? 50  PHE A CB  1 
ATOM   376  C  CG  . PHE A 1 50  ? 1.902   8.588   5.473   1.00 14.57 ? 50  PHE A CG  1 
ATOM   377  C  CD1 . PHE A 1 50  ? 0.849   8.247   6.325   1.00 14.68 ? 50  PHE A CD1 1 
ATOM   378  C  CD2 . PHE A 1 50  ? 1.636   9.391   4.363   1.00 16.31 ? 50  PHE A CD2 1 
ATOM   379  C  CE1 . PHE A 1 50  ? -0.443  8.700   6.080   1.00 13.02 ? 50  PHE A CE1 1 
ATOM   380  C  CE2 . PHE A 1 50  ? 0.348   9.851   4.107   1.00 16.53 ? 50  PHE A CE2 1 
ATOM   381  C  CZ  . PHE A 1 50  ? -0.695  9.505   4.970   1.00 16.12 ? 50  PHE A CZ  1 
ATOM   382  N  N   . GLY A 1 51  ? 4.830   10.900  5.669   1.00 16.30 ? 51  GLY A N   1 
ATOM   383  C  CA  . GLY A 1 51  ? 4.812   12.311  5.342   1.00 14.97 ? 51  GLY A CA  1 
ATOM   384  C  C   . GLY A 1 51  ? 5.832   12.639  4.280   1.00 19.37 ? 51  GLY A C   1 
ATOM   385  O  O   . GLY A 1 51  ? 6.820   11.932  4.115   1.00 26.26 ? 51  GLY A O   1 
ATOM   386  N  N   . GLY A 1 52  ? 5.594   13.707  3.544   1.00 15.61 ? 52  GLY A N   1 
ATOM   387  C  CA  . GLY A 1 52  ? 6.529   14.078  2.508   1.00 15.35 ? 52  GLY A CA  1 
ATOM   388  C  C   . GLY A 1 52  ? 5.804   14.494  1.258   1.00 14.75 ? 52  GLY A C   1 
ATOM   389  O  O   . GLY A 1 52  ? 4.733   15.096  1.321   1.00 22.80 ? 52  GLY A O   1 
ATOM   390  N  N   . SER A 1 53  ? 6.390   14.176  0.115   1.00 13.47 ? 53  SER A N   1 
ATOM   391  C  CA  . SER A 1 53  ? 5.784   14.535  -1.146  1.00 14.38 ? 53  SER A CA  1 
ATOM   392  C  C   . SER A 1 53  ? 5.481   13.280  -1.951  1.00 13.42 ? 53  SER A C   1 
ATOM   393  O  O   . SER A 1 53  ? 5.982   12.199  -1.651  1.00 9.71  ? 53  SER A O   1 
ATOM   394  C  CB  . SER A 1 53  ? 6.698   15.489  -1.928  1.00 17.13 ? 53  SER A CB  1 
ATOM   395  O  OG  . SER A 1 53  ? 7.831   14.826  -2.463  1.00 16.59 ? 53  SER A OG  1 
ATOM   396  N  N   . PHE A 1 54  ? 4.629   13.437  -2.957  1.00 14.73 ? 54  PHE A N   1 
ATOM   397  C  CA  . PHE A 1 54  ? 4.232   12.342  -3.824  1.00 13.65 ? 54  PHE A CA  1 
ATOM   398  C  C   . PHE A 1 54  ? 3.575   12.984  -5.030  1.00 18.40 ? 54  PHE A C   1 
ATOM   399  O  O   . PHE A 1 54  ? 2.421   13.425  -4.968  1.00 18.28 ? 54  PHE A O   1 
ATOM   400  C  CB  . PHE A 1 54  ? 3.255   11.420  -3.096  1.00 13.51 ? 54  PHE A CB  1 
ATOM   401  C  CG  . PHE A 1 54  ? 2.723   10.304  -3.946  1.00 15.04 ? 54  PHE A CG  1 
ATOM   402  C  CD1 . PHE A 1 54  ? 3.532   9.238   -4.301  1.00 14.51 ? 54  PHE A CD1 1 
ATOM   403  C  CD2 . PHE A 1 54  ? 1.402   10.317  -4.383  1.00 16.03 ? 54  PHE A CD2 1 
ATOM   404  C  CE1 . PHE A 1 54  ? 3.032   8.200   -5.078  1.00 16.89 ? 54  PHE A CE1 1 
ATOM   405  C  CE2 . PHE A 1 54  ? 0.897   9.289   -5.155  1.00 15.07 ? 54  PHE A CE2 1 
ATOM   406  C  CZ  . PHE A 1 54  ? 1.714   8.226   -5.503  1.00 16.73 ? 54  PHE A CZ  1 
ATOM   407  N  N   . SER A 1 55  ? 4.348   13.104  -6.103  1.00 21.00 ? 55  SER A N   1 
ATOM   408  C  CA  . SER A 1 55  ? 3.878   13.714  -7.338  1.00 22.00 ? 55  SER A CA  1 
ATOM   409  C  C   . SER A 1 55  ? 3.785   12.678  -8.456  1.00 22.76 ? 55  SER A C   1 
ATOM   410  O  O   . SER A 1 55  ? 4.668   11.835  -8.610  1.00 19.71 ? 55  SER A O   1 
ATOM   411  C  CB  . SER A 1 55  ? 4.825   14.843  -7.738  1.00 23.72 ? 55  SER A CB  1 
ATOM   412  O  OG  . SER A 1 55  ? 4.357   15.520  -8.887  1.00 30.46 ? 55  SER A OG  1 
ATOM   413  N  N   . VAL A 1 56  ? 2.686   12.718  -9.205  1.00 21.00 ? 56  VAL A N   1 
ATOM   414  C  CA  . VAL A 1 56  ? 2.465   11.794  -10.315 1.00 19.71 ? 56  VAL A CA  1 
ATOM   415  C  C   . VAL A 1 56  ? 2.242   12.643  -11.571 1.00 21.09 ? 56  VAL A C   1 
ATOM   416  O  O   . VAL A 1 56  ? 1.160   13.195  -11.780 1.00 21.83 ? 56  VAL A O   1 
ATOM   417  C  CB  . VAL A 1 56  ? 1.244   10.862  -10.034 1.00 13.92 ? 56  VAL A CB  1 
ATOM   418  C  CG1 . VAL A 1 56  ? 0.992   9.922   -11.199 1.00 6.11  ? 56  VAL A CG1 1 
ATOM   419  C  CG2 . VAL A 1 56  ? 1.490   10.053  -8.774  1.00 17.15 ? 56  VAL A CG2 1 
ATOM   420  N  N   . ASN A 1 57  ? 3.294   12.783  -12.376 1.00 19.36 ? 57  ASN A N   1 
ATOM   421  C  CA  . ASN A 1 57  ? 3.225   13.585  -13.591 1.00 17.81 ? 57  ASN A CA  1 
ATOM   422  C  C   . ASN A 1 57  ? 2.260   12.995  -14.615 1.00 16.65 ? 57  ASN A C   1 
ATOM   423  O  O   . ASN A 1 57  ? 1.540   13.733  -15.290 1.00 15.63 ? 57  ASN A O   1 
ATOM   424  C  CB  . ASN A 1 57  ? 4.621   13.742  -14.211 1.00 26.42 ? 57  ASN A CB  1 
ATOM   425  C  CG  . ASN A 1 57  ? 5.614   14.416  -13.271 1.00 30.34 ? 57  ASN A CG  1 
ATOM   426  O  OD1 . ASN A 1 57  ? 6.576   13.797  -12.814 1.00 32.86 ? 57  ASN A OD1 1 
ATOM   427  N  ND2 . ASN A 1 57  ? 5.388   15.691  -12.988 1.00 30.51 ? 57  ASN A ND2 1 
ATOM   428  N  N   . SER A 1 58  ? 2.232   11.667  -14.700 1.00 10.52 ? 58  SER A N   1 
ATOM   429  C  CA  . SER A 1 58  ? 1.371   10.961  -15.640 1.00 11.92 ? 58  SER A CA  1 
ATOM   430  C  C   . SER A 1 58  ? 1.263   9.509   -15.211 1.00 11.84 ? 58  SER A C   1 
ATOM   431  O  O   . SER A 1 58  ? 2.047   9.054   -14.380 1.00 15.66 ? 58  SER A O   1 
ATOM   432  C  CB  . SER A 1 58  ? 1.984   11.012  -17.044 1.00 18.60 ? 58  SER A CB  1 
ATOM   433  O  OG  . SER A 1 58  ? 3.192   10.261  -17.106 1.00 17.96 ? 58  SER A OG  1 
ATOM   434  N  N   . GLY A 1 59  ? 0.313   8.775   -15.789 1.00 7.32  ? 59  GLY A N   1 
ATOM   435  C  CA  . GLY A 1 59  ? 0.134   7.369   -15.446 1.00 7.20  ? 59  GLY A CA  1 
ATOM   436  C  C   . GLY A 1 59  ? -0.502  7.110   -14.088 1.00 9.85  ? 59  GLY A C   1 
ATOM   437  O  O   . GLY A 1 59  ? -1.049  8.019   -13.470 1.00 11.93 ? 59  GLY A O   1 
ATOM   438  N  N   . THR A 1 60  ? -0.420  5.865   -13.620 1.00 14.61 ? 60  THR A N   1 
ATOM   439  C  CA  . THR A 1 60  ? -0.983  5.461   -12.328 1.00 17.00 ? 60  THR A CA  1 
ATOM   440  C  C   . THR A 1 60  ? 0.034   5.596   -11.191 1.00 20.39 ? 60  THR A C   1 
ATOM   441  O  O   . THR A 1 60  ? 1.176   5.147   -11.321 1.00 19.98 ? 60  THR A O   1 
ATOM   442  C  CB  . THR A 1 60  ? -1.443  3.987   -12.355 1.00 17.01 ? 60  THR A CB  1 
ATOM   443  O  OG1 . THR A 1 60  ? -2.334  3.786   -13.458 1.00 20.12 ? 60  THR A OG1 1 
ATOM   444  C  CG2 . THR A 1 60  ? -2.147  3.612   -11.051 1.00 14.11 ? 60  THR A CG2 1 
ATOM   445  N  N   . GLY A 1 61  ? -0.407  6.171   -10.073 1.00 19.48 ? 61  GLY A N   1 
ATOM   446  C  CA  . GLY A 1 61  ? 0.455   6.344   -8.916  1.00 17.51 ? 61  GLY A CA  1 
ATOM   447  C  C   . GLY A 1 61  ? -0.338  6.188   -7.630  1.00 17.22 ? 61  GLY A C   1 
ATOM   448  O  O   . GLY A 1 61  ? -1.395  6.805   -7.478  1.00 15.50 ? 61  GLY A O   1 
ATOM   449  N  N   . LEU A 1 62  ? 0.170   5.378   -6.700  1.00 17.08 ? 62  LEU A N   1 
ATOM   450  C  CA  . LEU A 1 62  ? -0.507  5.131   -5.426  1.00 15.66 ? 62  LEU A CA  1 
ATOM   451  C  C   . LEU A 1 62  ? 0.420   5.264   -4.217  1.00 17.27 ? 62  LEU A C   1 
ATOM   452  O  O   . LEU A 1 62  ? 1.538   4.748   -4.232  1.00 16.33 ? 62  LEU A O   1 
ATOM   453  C  CB  . LEU A 1 62  ? -1.082  3.704   -5.400  1.00 19.88 ? 62  LEU A CB  1 
ATOM   454  C  CG  . LEU A 1 62  ? -1.555  3.001   -6.680  1.00 16.25 ? 62  LEU A CG  1 
ATOM   455  C  CD1 . LEU A 1 62  ? -1.932  1.554   -6.370  1.00 13.76 ? 62  LEU A CD1 1 
ATOM   456  C  CD2 . LEU A 1 62  ? -2.728  3.738   -7.290  1.00 16.60 ? 62  LEU A CD2 1 
ATOM   457  N  N   . LEU A 1 63  ? -0.030  5.983   -3.190  1.00 15.03 ? 63  LEU A N   1 
ATOM   458  C  CA  . LEU A 1 63  ? 0.733   6.118   -1.947  1.00 12.58 ? 63  LEU A CA  1 
ATOM   459  C  C   . LEU A 1 63  ? -0.115  5.399   -0.893  1.00 14.32 ? 63  LEU A C   1 
ATOM   460  O  O   . LEU A 1 63  ? -1.234  5.823   -0.593  1.00 13.64 ? 63  LEU A O   1 
ATOM   461  C  CB  . LEU A 1 63  ? 0.932   7.589   -1.570  1.00 13.01 ? 63  LEU A CB  1 
ATOM   462  C  CG  . LEU A 1 63  ? 1.699   7.852   -0.262  1.00 14.13 ? 63  LEU A CG  1 
ATOM   463  C  CD1 . LEU A 1 63  ? 3.107   7.244   -0.324  1.00 14.46 ? 63  LEU A CD1 1 
ATOM   464  C  CD2 . LEU A 1 63  ? 1.761   9.350   0.015   1.00 8.74  ? 63  LEU A CD2 1 
ATOM   465  N  N   . SER A 1 64  ? 0.401   4.313   -0.329  1.00 12.04 ? 64  SER A N   1 
ATOM   466  C  CA  . SER A 1 64  ? -0.386  3.569   0.636   1.00 16.24 ? 64  SER A CA  1 
ATOM   467  C  C   . SER A 1 64  ? 0.367   2.653   1.576   1.00 17.15 ? 64  SER A C   1 
ATOM   468  O  O   . SER A 1 64  ? 1.512   2.285   1.325   1.00 18.39 ? 64  SER A O   1 
ATOM   469  C  CB  . SER A 1 64  ? -1.394  2.697   -0.117  1.00 23.60 ? 64  SER A CB  1 
ATOM   470  O  OG  . SER A 1 64  ? -0.746  1.696   -0.892  1.00 13.36 ? 64  SER A OG  1 
ATOM   471  N  N   . VAL A 1 65  ? -0.286  2.314   2.684   1.00 14.64 ? 65  VAL A N   1 
ATOM   472  C  CA  . VAL A 1 65  ? 0.281   1.357   3.613   1.00 11.26 ? 65  VAL A CA  1 
ATOM   473  C  C   . VAL A 1 65  ? -0.051  0.083   2.844   1.00 10.11 ? 65  VAL A C   1 
ATOM   474  O  O   . VAL A 1 65  ? -1.179  -0.081  2.370   1.00 15.84 ? 65  VAL A O   1 
ATOM   475  C  CB  . VAL A 1 65  ? -0.428  1.373   4.994   1.00 10.25 ? 65  VAL A CB  1 
ATOM   476  C  CG1 . VAL A 1 65  ? 0.053   0.199   5.850   1.00 10.26 ? 65  VAL A CG1 1 
ATOM   477  C  CG2 . VAL A 1 65  ? -0.159  2.711   5.725   1.00 4.86  ? 65  VAL A CG2 1 
ATOM   478  N  N   . TYR A 1 66  ? 0.959   -0.748  2.612   1.00 11.05 ? 66  TYR A N   1 
ATOM   479  C  CA  . TYR A 1 66  ? 0.812   -1.987  1.855   1.00 9.25  ? 66  TYR A CA  1 
ATOM   480  C  C   . TYR A 1 66  ? 1.345   -3.164  2.666   1.00 11.78 ? 66  TYR A C   1 
ATOM   481  O  O   . TYR A 1 66  ? 2.315   -3.022  3.413   1.00 13.40 ? 66  TYR A O   1 
ATOM   482  C  CB  . TYR A 1 66  ? 1.588   -1.847  0.527   1.00 6.44  ? 66  TYR A CB  1 
ATOM   483  C  CG  . TYR A 1 66  ? 1.746   -3.118  -0.280  1.00 10.62 ? 66  TYR A CG  1 
ATOM   484  C  CD1 . TYR A 1 66  ? 0.708   -3.604  -1.069  1.00 9.68  ? 66  TYR A CD1 1 
ATOM   485  C  CD2 . TYR A 1 66  ? 2.951   -3.825  -0.276  1.00 2.12  ? 66  TYR A CD2 1 
ATOM   486  C  CE1 . TYR A 1 66  ? 0.869   -4.757  -1.834  1.00 8.81  ? 66  TYR A CE1 1 
ATOM   487  C  CE2 . TYR A 1 66  ? 3.115   -4.964  -1.025  1.00 10.58 ? 66  TYR A CE2 1 
ATOM   488  C  CZ  . TYR A 1 66  ? 2.072   -5.429  -1.808  1.00 12.50 ? 66  TYR A CZ  1 
ATOM   489  O  OH  . TYR A 1 66  ? 2.245   -6.560  -2.573  1.00 16.10 ? 66  TYR A OH  1 
ATOM   490  N  N   . GLY A 1 67  ? 0.731   -4.329  2.504   1.00 10.22 ? 67  GLY A N   1 
ATOM   491  C  CA  . GLY A 1 67  ? 1.185   -5.489  3.241   1.00 6.26  ? 67  GLY A CA  1 
ATOM   492  C  C   . GLY A 1 67  ? 0.595   -6.811  2.791   1.00 11.30 ? 67  GLY A C   1 
ATOM   493  O  O   . GLY A 1 67  ? -0.180  -6.884  1.830   1.00 8.38  ? 67  GLY A O   1 
ATOM   494  N  N   . TRP A 1 68  ? 0.986   -7.862  3.502   1.00 9.44  ? 68  TRP A N   1 
ATOM   495  C  CA  . TRP A 1 68  ? 0.550   -9.224  3.232   1.00 11.53 ? 68  TRP A CA  1 
ATOM   496  C  C   . TRP A 1 68  ? 0.122   -9.935  4.512   1.00 10.26 ? 68  TRP A C   1 
ATOM   497  O  O   . TRP A 1 68  ? 0.404   -9.489  5.623   1.00 14.76 ? 68  TRP A O   1 
ATOM   498  C  CB  . TRP A 1 68  ? 1.672   -10.025 2.567   1.00 14.48 ? 68  TRP A CB  1 
ATOM   499  C  CG  . TRP A 1 68  ? 1.896   -9.647  1.150   1.00 18.41 ? 68  TRP A CG  1 
ATOM   500  C  CD1 . TRP A 1 68  ? 2.587   -8.568  0.699   1.00 17.99 ? 68  TRP A CD1 1 
ATOM   501  C  CD2 . TRP A 1 68  ? 1.364   -10.303 -0.014  1.00 21.40 ? 68  TRP A CD2 1 
ATOM   502  N  NE1 . TRP A 1 68  ? 2.515   -8.499  -0.673  1.00 28.84 ? 68  TRP A NE1 1 
ATOM   503  C  CE2 . TRP A 1 68  ? 1.772   -9.552  -1.138  1.00 20.77 ? 68  TRP A CE2 1 
ATOM   504  C  CE3 . TRP A 1 68  ? 0.580   -11.450 -0.216  1.00 15.80 ? 68  TRP A CE3 1 
ATOM   505  C  CZ2 . TRP A 1 68  ? 1.423   -9.906  -2.446  1.00 20.22 ? 68  TRP A CZ2 1 
ATOM   506  C  CZ3 . TRP A 1 68  ? 0.235   -11.802 -1.517  1.00 15.91 ? 68  TRP A CZ3 1 
ATOM   507  C  CH2 . TRP A 1 68  ? 0.657   -11.032 -2.614  1.00 12.61 ? 68  TRP A CH2 1 
ATOM   508  N  N   . SER A 1 69  ? -0.527  -11.072 4.332   1.00 13.78 ? 69  SER A N   1 
ATOM   509  C  CA  . SER A 1 69  ? -1.016  -11.885 5.432   1.00 9.01  ? 69  SER A CA  1 
ATOM   510  C  C   . SER A 1 69  ? -0.975  -13.324 4.936   1.00 7.68  ? 69  SER A C   1 
ATOM   511  O  O   . SER A 1 69  ? -1.051  -13.567 3.732   1.00 7.04  ? 69  SER A O   1 
ATOM   512  C  CB  . SER A 1 69  ? -2.450  -11.464 5.768   1.00 15.43 ? 69  SER A CB  1 
ATOM   513  O  OG  . SER A 1 69  ? -3.066  -12.349 6.674   1.00 9.72  ? 69  SER A OG  1 
ATOM   514  N  N   . THR A 1 70  ? -0.775  -14.271 5.848   1.00 9.01  ? 70  THR A N   1 
ATOM   515  C  CA  . THR A 1 70  ? -0.737  -15.677 5.470   1.00 14.72 ? 70  THR A CA  1 
ATOM   516  C  C   . THR A 1 70  ? -1.779  -16.491 6.220   1.00 16.78 ? 70  THR A C   1 
ATOM   517  O  O   . THR A 1 70  ? -2.147  -16.158 7.348   1.00 17.25 ? 70  THR A O   1 
ATOM   518  C  CB  . THR A 1 70  ? 0.664   -16.313 5.656   1.00 12.14 ? 70  THR A CB  1 
ATOM   519  O  OG1 . THR A 1 70  ? 1.177   -15.996 6.950   1.00 15.16 ? 70  THR A OG1 1 
ATOM   520  C  CG2 . THR A 1 70  ? 1.625   -15.797 4.603   1.00 19.40 ? 70  THR A CG2 1 
ATOM   521  N  N   . ASN A 1 71  ? -2.296  -17.512 5.538   1.00 19.33 ? 71  ASN A N   1 
ATOM   522  C  CA  . ASN A 1 71  ? -3.312  -18.424 6.068   1.00 18.49 ? 71  ASN A CA  1 
ATOM   523  C  C   . ASN A 1 71  ? -4.513  -17.700 6.686   1.00 17.34 ? 71  ASN A C   1 
ATOM   524  O  O   . ASN A 1 71  ? -4.717  -17.746 7.900   1.00 18.44 ? 71  ASN A O   1 
ATOM   525  C  CB  . ASN A 1 71  ? -2.679  -19.381 7.078   1.00 15.80 ? 71  ASN A CB  1 
ATOM   526  C  CG  . ASN A 1 71  ? -3.497  -20.634 7.279   1.00 10.94 ? 71  ASN A CG  1 
ATOM   527  O  OD1 . ASN A 1 71  ? -3.776  -21.373 6.330   1.00 10.74 ? 71  ASN A OD1 1 
ATOM   528  N  ND2 . ASN A 1 71  ? -3.879  -20.888 8.520   1.00 17.17 ? 71  ASN A ND2 1 
ATOM   529  N  N   . PRO A 1 72  ? -5.362  -17.077 5.849   1.00 17.12 ? 72  PRO A N   1 
ATOM   530  C  CA  . PRO A 1 72  ? -5.309  -16.990 4.383   1.00 15.53 ? 72  PRO A CA  1 
ATOM   531  C  C   . PRO A 1 72  ? -4.295  -15.986 3.813   1.00 18.55 ? 72  PRO A C   1 
ATOM   532  O  O   . PRO A 1 72  ? -3.900  -15.035 4.492   1.00 16.42 ? 72  PRO A O   1 
ATOM   533  C  CB  . PRO A 1 72  ? -6.731  -16.558 4.039   1.00 22.26 ? 72  PRO A CB  1 
ATOM   534  C  CG  . PRO A 1 72  ? -7.046  -15.600 5.150   1.00 12.48 ? 72  PRO A CG  1 
ATOM   535  C  CD  . PRO A 1 72  ? -6.532  -16.342 6.370   1.00 15.30 ? 72  PRO A CD  1 
ATOM   536  N  N   . LEU A 1 73  ? -3.911  -16.194 2.550   1.00 19.41 ? 73  LEU A N   1 
ATOM   537  C  CA  . LEU A 1 73  ? -2.977  -15.304 1.862   1.00 16.92 ? 73  LEU A CA  1 
ATOM   538  C  C   . LEU A 1 73  ? -3.757  -14.059 1.431   1.00 15.87 ? 73  LEU A C   1 
ATOM   539  O  O   . LEU A 1 73  ? -4.694  -14.159 0.636   1.00 15.09 ? 73  LEU A O   1 
ATOM   540  C  CB  . LEU A 1 73  ? -2.354  -15.998 0.642   1.00 12.51 ? 73  LEU A CB  1 
ATOM   541  C  CG  . LEU A 1 73  ? -1.399  -15.165 -0.231  1.00 13.56 ? 73  LEU A CG  1 
ATOM   542  C  CD1 . LEU A 1 73  ? -0.213  -14.684 0.587   1.00 8.83  ? 73  LEU A CD1 1 
ATOM   543  C  CD2 . LEU A 1 73  ? -0.929  -15.976 -1.421  1.00 13.23 ? 73  LEU A CD2 1 
ATOM   544  N  N   . VAL A 1 74  ? -3.358  -12.896 1.951   1.00 15.16 ? 74  VAL A N   1 
ATOM   545  C  CA  . VAL A 1 74  ? -4.040  -11.635 1.663   1.00 14.41 ? 74  VAL A CA  1 
ATOM   546  C  C   . VAL A 1 74  ? -3.113  -10.454 1.386   1.00 11.12 ? 74  VAL A C   1 
ATOM   547  O  O   . VAL A 1 74  ? -2.213  -10.159 2.166   1.00 15.74 ? 74  VAL A O   1 
ATOM   548  C  CB  . VAL A 1 74  ? -4.945  -11.207 2.865   1.00 13.23 ? 74  VAL A CB  1 
ATOM   549  C  CG1 . VAL A 1 74  ? -5.651  -9.891  2.563   1.00 11.62 ? 74  VAL A CG1 1 
ATOM   550  C  CG2 . VAL A 1 74  ? -5.957  -12.300 3.207   1.00 14.19 ? 74  VAL A CG2 1 
ATOM   551  N  N   . GLU A 1 75  ? -3.369  -9.745  0.297   1.00 7.52  ? 75  GLU A N   1 
ATOM   552  C  CA  . GLU A 1 75  ? -2.588  -8.559  -0.030  1.00 6.29  ? 75  GLU A CA  1 
ATOM   553  C  C   . GLU A 1 75  ? -3.508  -7.382  0.279   1.00 9.19  ? 75  GLU A C   1 
ATOM   554  O  O   . GLU A 1 75  ? -4.604  -7.288  -0.260  1.00 14.14 ? 75  GLU A O   1 
ATOM   555  C  CB  . GLU A 1 75  ? -2.221  -8.560  -1.509  1.00 10.19 ? 75  GLU A CB  1 
ATOM   556  C  CG  . GLU A 1 75  ? -1.530  -7.299  -2.001  1.00 16.58 ? 75  GLU A CG  1 
ATOM   557  C  CD  . GLU A 1 75  ? -1.153  -7.387  -3.469  1.00 18.11 ? 75  GLU A CD  1 
ATOM   558  O  OE1 . GLU A 1 75  ? -2.014  -7.781  -4.280  1.00 14.01 ? 75  GLU A OE1 1 
ATOM   559  O  OE2 . GLU A 1 75  ? 0.008   -7.079  -3.812  1.00 20.58 ? 75  GLU A OE2 1 
ATOM   560  N  N   . TYR A 1 76  ? -3.075  -6.476  1.141   1.00 6.86  ? 76  TYR A N   1 
ATOM   561  C  CA  . TYR A 1 76  ? -3.924  -5.363  1.471   1.00 4.47  ? 76  TYR A CA  1 
ATOM   562  C  C   . TYR A 1 76  ? -3.297  -4.006  1.211   1.00 7.49  ? 76  TYR A C   1 
ATOM   563  O  O   . TYR A 1 76  ? -2.079  -3.867  1.183   1.00 10.21 ? 76  TYR A O   1 
ATOM   564  C  CB  . TYR A 1 76  ? -4.424  -5.491  2.918   1.00 9.68  ? 76  TYR A CB  1 
ATOM   565  C  CG  . TYR A 1 76  ? -3.365  -5.403  3.997   1.00 6.91  ? 76  TYR A CG  1 
ATOM   566  C  CD1 . TYR A 1 76  ? -2.911  -4.161  4.443   1.00 9.31  ? 76  TYR A CD1 1 
ATOM   567  C  CD2 . TYR A 1 76  ? -2.813  -6.555  4.573   1.00 7.87  ? 76  TYR A CD2 1 
ATOM   568  C  CE1 . TYR A 1 76  ? -1.934  -4.059  5.430   1.00 8.54  ? 76  TYR A CE1 1 
ATOM   569  C  CE2 . TYR A 1 76  ? -1.830  -6.464  5.566   1.00 4.22  ? 76  TYR A CE2 1 
ATOM   570  C  CZ  . TYR A 1 76  ? -1.398  -5.207  5.985   1.00 9.08  ? 76  TYR A CZ  1 
ATOM   571  O  OH  . TYR A 1 76  ? -0.429  -5.068  6.952   1.00 15.92 ? 76  TYR A OH  1 
ATOM   572  N  N   . TYR A 1 77  ? -4.151  -3.013  0.995   1.00 7.50  ? 77  TYR A N   1 
ATOM   573  C  CA  . TYR A 1 77  ? -3.726  -1.645  0.737   1.00 11.27 ? 77  TYR A CA  1 
ATOM   574  C  C   . TYR A 1 77  ? -4.621  -0.715  1.526   1.00 10.64 ? 77  TYR A C   1 
ATOM   575  O  O   . TYR A 1 77  ? -5.801  -0.992  1.728   1.00 12.14 ? 77  TYR A O   1 
ATOM   576  C  CB  . TYR A 1 77  ? -3.916  -1.240  -0.736  1.00 9.41  ? 77  TYR A CB  1 
ATOM   577  C  CG  . TYR A 1 77  ? -3.089  -1.955  -1.783  1.00 9.57  ? 77  TYR A CG  1 
ATOM   578  C  CD1 . TYR A 1 77  ? -3.269  -3.313  -2.026  1.00 9.34  ? 77  TYR A CD1 1 
ATOM   579  C  CD2 . TYR A 1 77  ? -2.190  -1.250  -2.591  1.00 6.77  ? 77  TYR A CD2 1 
ATOM   580  C  CE1 . TYR A 1 77  ? -2.591  -3.955  -3.039  1.00 15.00 ? 77  TYR A CE1 1 
ATOM   581  C  CE2 . TYR A 1 77  ? -1.498  -1.884  -3.615  1.00 9.33  ? 77  TYR A CE2 1 
ATOM   582  C  CZ  . TYR A 1 77  ? -1.709  -3.244  -3.833  1.00 16.30 ? 77  TYR A CZ  1 
ATOM   583  O  OH  . TYR A 1 77  ? -1.057  -3.913  -4.843  1.00 20.31 ? 77  TYR A OH  1 
ATOM   584  N  N   . ILE A 1 78  ? -4.047  0.402   1.945   1.00 10.88 ? 78  ILE A N   1 
ATOM   585  C  CA  . ILE A 1 78  ? -4.766  1.444   2.651   1.00 8.53  ? 78  ILE A CA  1 
ATOM   586  C  C   . ILE A 1 78  ? -4.225  2.670   1.944   1.00 12.52 ? 78  ILE A C   1 
ATOM   587  O  O   . ILE A 1 78  ? -3.215  3.252   2.356   1.00 13.08 ? 78  ILE A O   1 
ATOM   588  C  CB  . ILE A 1 78  ? -4.447  1.487   4.160   1.00 9.92  ? 78  ILE A CB  1 
ATOM   589  C  CG1 . ILE A 1 78  ? -4.956  0.208   4.836   1.00 6.03  ? 78  ILE A CG1 1 
ATOM   590  C  CG2 . ILE A 1 78  ? -5.122  2.708   4.796   1.00 2.00  ? 78  ILE A CG2 1 
ATOM   591  C  CD1 . ILE A 1 78  ? -4.454  0.005   6.246   1.00 4.23  ? 78  ILE A CD1 1 
ATOM   592  N  N   . MET A 1 79  ? -4.835  2.961   0.797   1.00 9.97  ? 79  MET A N   1 
ATOM   593  C  CA  . MET A 1 79  ? -4.441  4.079   -0.045  1.00 12.05 ? 79  MET A CA  1 
ATOM   594  C  C   . MET A 1 79  ? -4.778  5.427   0.537   1.00 8.34  ? 79  MET A C   1 
ATOM   595  O  O   . MET A 1 79  ? -5.935  5.713   0.807   1.00 16.78 ? 79  MET A O   1 
ATOM   596  C  CB  . MET A 1 79  ? -5.079  3.943   -1.424  1.00 18.34 ? 79  MET A CB  1 
ATOM   597  C  CG  . MET A 1 79  ? -4.427  2.904   -2.293  1.00 21.80 ? 79  MET A CG  1 
ATOM   598  S  SD  . MET A 1 79  ? -5.360  2.605   -3.793  1.00 24.31 ? 79  MET A SD  1 
ATOM   599  C  CE  . MET A 1 79  ? -5.319  0.816   -3.810  1.00 15.85 ? 79  MET A CE  1 
ATOM   600  N  N   . GLU A 1 80  ? -3.750  6.241   0.733   1.00 5.71  ? 80  GLU A N   1 
ATOM   601  C  CA  . GLU A 1 80  ? -3.912  7.580   1.269   1.00 5.86  ? 80  GLU A CA  1 
ATOM   602  C  C   . GLU A 1 80  ? -3.960  8.552   0.119   1.00 10.36 ? 80  GLU A C   1 
ATOM   603  O  O   . GLU A 1 80  ? -4.442  9.684   0.243   1.00 10.79 ? 80  GLU A O   1 
ATOM   604  C  CB  . GLU A 1 80  ? -2.751  7.921   2.206   1.00 13.66 ? 80  GLU A CB  1 
ATOM   605  C  CG  . GLU A 1 80  ? -2.653  6.983   3.402   1.00 13.48 ? 80  GLU A CG  1 
ATOM   606  C  CD  . GLU A 1 80  ? -3.866  7.080   4.306   1.00 17.05 ? 80  GLU A CD  1 
ATOM   607  O  OE1 . GLU A 1 80  ? -4.131  8.184   4.815   1.00 20.19 ? 80  GLU A OE1 1 
ATOM   608  O  OE2 . GLU A 1 80  ? -4.550  6.057   4.517   1.00 18.36 ? 80  GLU A OE2 1 
ATOM   609  N  N   . ASP A 1 81  ? -3.524  8.056   -1.031  1.00 13.77 ? 81  ASP A N   1 
ATOM   610  C  CA  . ASP A 1 81  ? -3.487  8.837   -2.241  1.00 9.95  ? 81  ASP A CA  1 
ATOM   611  C  C   . ASP A 1 81  ? -3.396  7.913   -3.436  1.00 4.97  ? 81  ASP A C   1 
ATOM   612  O  O   . ASP A 1 81  ? -2.824  6.828   -3.349  1.00 3.32  ? 81  ASP A O   1 
ATOM   613  C  CB  . ASP A 1 81  ? -2.272  9.743   -2.188  1.00 19.99 ? 81  ASP A CB  1 
ATOM   614  C  CG  . ASP A 1 81  ? -2.279  10.792  -3.248  1.00 23.09 ? 81  ASP A CG  1 
ATOM   615  O  OD1 . ASP A 1 81  ? -3.340  11.085  -3.844  1.00 22.60 ? 81  ASP A OD1 1 
ATOM   616  O  OD2 . ASP A 1 81  ? -1.183  11.323  -3.469  1.00 31.30 ? 81  ASP A OD2 1 
ATOM   617  N  N   . ASN A 1 82  ? -3.985  8.342   -4.545  1.00 4.57  ? 82  ASN A N   1 
ATOM   618  C  CA  . ASN A 1 82  ? -3.986  7.566   -5.779  1.00 11.21 ? 82  ASN A CA  1 
ATOM   619  C  C   . ASN A 1 82  ? -4.389  8.432   -6.969  1.00 14.09 ? 82  ASN A C   1 
ATOM   620  O  O   . ASN A 1 82  ? -5.185  9.375   -6.830  1.00 15.71 ? 82  ASN A O   1 
ATOM   621  C  CB  . ASN A 1 82  ? -4.910  6.337   -5.678  1.00 16.86 ? 82  ASN A CB  1 
ATOM   622  C  CG  . ASN A 1 82  ? -6.399  6.698   -5.668  1.00 23.95 ? 82  ASN A CG  1 
ATOM   623  O  OD1 . ASN A 1 82  ? -7.120  6.410   -6.630  1.00 28.36 ? 82  ASN A OD1 1 
ATOM   624  N  ND2 . ASN A 1 82  ? -6.871  7.297   -4.570  1.00 24.39 ? 82  ASN A ND2 1 
ATOM   625  N  N   . HIS A 1 83  ? -3.773  8.150   -8.117  1.00 13.02 ? 83  HIS A N   1 
ATOM   626  C  CA  . HIS A 1 83  ? -4.036  8.861   -9.367  1.00 14.52 ? 83  HIS A CA  1 
ATOM   627  C  C   . HIS A 1 83  ? -4.149  7.859   -10.471 1.00 15.41 ? 83  HIS A C   1 
ATOM   628  O  O   . HIS A 1 83  ? -3.299  6.975   -10.581 1.00 15.46 ? 83  HIS A O   1 
ATOM   629  C  CB  . HIS A 1 83  ? -2.879  9.756   -9.734  1.00 15.33 ? 83  HIS A CB  1 
ATOM   630  C  CG  . HIS A 1 83  ? -2.503  10.691  -8.654  1.00 15.02 ? 83  HIS A CG  1 
ATOM   631  N  ND1 . HIS A 1 83  ? -2.804  12.032  -8.702  1.00 22.03 ? 83  HIS A ND1 1 
ATOM   632  C  CD2 . HIS A 1 83  ? -1.874  10.480  -7.477  1.00 21.02 ? 83  HIS A CD2 1 
ATOM   633  C  CE1 . HIS A 1 83  ? -2.372  12.611  -7.599  1.00 24.08 ? 83  HIS A CE1 1 
ATOM   634  N  NE2 . HIS A 1 83  ? -1.801  11.689  -6.840  1.00 27.00 ? 83  HIS A NE2 1 
ATOM   635  N  N   . ASN A 1 84  ? -5.172  8.032   -11.306 1.00 13.64 ? 84  ASN A N   1 
ATOM   636  C  CA  . ASN A 1 84  ? -5.422  7.172   -12.457 1.00 16.41 ? 84  ASN A CA  1 
ATOM   637  C  C   . ASN A 1 84  ? -5.341  5.712   -12.050 1.00 19.63 ? 84  ASN A C   1 
ATOM   638  O  O   . ASN A 1 84  ? -4.679  4.911   -12.700 1.00 23.51 ? 84  ASN A O   1 
ATOM   639  C  CB  . ASN A 1 84  ? -4.409  7.473   -13.568 1.00 25.08 ? 84  ASN A CB  1 
ATOM   640  C  CG  . ASN A 1 84  ? -4.359  8.954   -13.930 1.00 38.30 ? 84  ASN A CG  1 
ATOM   641  O  OD1 . ASN A 1 84  ? -5.286  9.488   -14.545 1.00 45.11 ? 84  ASN A OD1 1 
ATOM   642  N  ND2 . ASN A 1 84  ? -3.280  9.628   -13.536 1.00 37.14 ? 84  ASN A ND2 1 
ATOM   643  N  N   . TYR A 1 85  ? -5.996  5.383   -10.942 1.00 26.21 ? 85  TYR A N   1 
ATOM   644  C  CA  . TYR A 1 85  ? -6.011  4.023   -10.434 1.00 28.39 ? 85  TYR A CA  1 
ATOM   645  C  C   . TYR A 1 85  ? -7.288  3.297   -10.852 1.00 35.54 ? 85  TYR A C   1 
ATOM   646  O  O   . TYR A 1 85  ? -8.375  3.629   -10.381 1.00 31.77 ? 85  TYR A O   1 
ATOM   647  C  CB  . TYR A 1 85  ? -5.886  4.031   -8.912  1.00 26.16 ? 85  TYR A CB  1 
ATOM   648  C  CG  . TYR A 1 85  ? -6.104  2.678   -8.294  1.00 27.08 ? 85  TYR A CG  1 
ATOM   649  C  CD1 . TYR A 1 85  ? -5.348  1.579   -8.702  1.00 25.58 ? 85  TYR A CD1 1 
ATOM   650  C  CD2 . TYR A 1 85  ? -7.108  2.475   -7.340  1.00 27.84 ? 85  TYR A CD2 1 
ATOM   651  C  CE1 . TYR A 1 85  ? -5.586  0.311   -8.189  1.00 26.02 ? 85  TYR A CE1 1 
ATOM   652  C  CE2 . TYR A 1 85  ? -7.354  1.213   -6.818  1.00 26.14 ? 85  TYR A CE2 1 
ATOM   653  C  CZ  . TYR A 1 85  ? -6.588  0.133   -7.249  1.00 29.50 ? 85  TYR A CZ  1 
ATOM   654  O  OH  . TYR A 1 85  ? -6.820  -1.125  -6.743  1.00 35.93 ? 85  TYR A OH  1 
ATOM   655  N  N   . PRO A 1 86  ? -7.165  2.286   -11.734 1.00 41.94 ? 86  PRO A N   1 
ATOM   656  C  CA  . PRO A 1 86  ? -8.288  1.483   -12.240 1.00 45.12 ? 86  PRO A CA  1 
ATOM   657  C  C   . PRO A 1 86  ? -8.946  0.702   -11.108 1.00 43.79 ? 86  PRO A C   1 
ATOM   658  O  O   . PRO A 1 86  ? -8.601  -0.456  -10.869 1.00 44.10 ? 86  PRO A O   1 
ATOM   659  C  CB  . PRO A 1 86  ? -7.609  0.524   -13.223 1.00 46.42 ? 86  PRO A CB  1 
ATOM   660  C  CG  . PRO A 1 86  ? -6.394  1.278   -13.667 1.00 50.55 ? 86  PRO A CG  1 
ATOM   661  C  CD  . PRO A 1 86  ? -5.905  1.865   -12.372 1.00 47.53 ? 86  PRO A CD  1 
ATOM   662  N  N   . ALA A 1 87  ? -9.881  1.348   -10.413 1.00 42.90 ? 87  ALA A N   1 
ATOM   663  C  CA  . ALA A 1 87  ? -10.597 0.743   -9.294  1.00 42.01 ? 87  ALA A CA  1 
ATOM   664  C  C   . ALA A 1 87  ? -11.160 -0.629  -9.655  1.00 40.86 ? 87  ALA A C   1 
ATOM   665  O  O   . ALA A 1 87  ? -12.219 -0.741  -10.274 1.00 43.56 ? 87  ALA A O   1 
ATOM   666  C  CB  . ALA A 1 87  ? -11.710 1.672   -8.830  1.00 43.95 ? 87  ALA A CB  1 
ATOM   667  N  N   . GLN A 1 88  ? -10.436 -1.669  -9.262  1.00 41.45 ? 88  GLN A N   1 
ATOM   668  C  CA  . GLN A 1 88  ? -10.839 -3.038  -9.555  1.00 41.52 ? 88  GLN A CA  1 
ATOM   669  C  C   . GLN A 1 88  ? -11.476 -3.782  -8.389  1.00 38.67 ? 88  GLN A C   1 
ATOM   670  O  O   . GLN A 1 88  ? -11.069 -3.631  -7.229  1.00 37.11 ? 88  GLN A O   1 
ATOM   671  C  CB  . GLN A 1 88  ? -9.642  -3.841  -10.071 1.00 42.26 ? 88  GLN A CB  1 
ATOM   672  C  CG  . GLN A 1 88  ? -9.123  -3.390  -11.422 1.00 49.50 ? 88  GLN A CG  1 
ATOM   673  C  CD  . GLN A 1 88  ? -10.157 -3.540  -12.525 1.00 54.11 ? 88  GLN A CD  1 
ATOM   674  O  OE1 . GLN A 1 88  ? -10.525 -4.657  -12.900 1.00 56.04 ? 88  GLN A OE1 1 
ATOM   675  N  NE2 . GLN A 1 88  ? -10.625 -2.413  -13.057 1.00 55.82 ? 88  GLN A NE2 1 
ATOM   676  N  N   . GLY A 1 89  ? -12.479 -4.589  -8.712  1.00 36.49 ? 89  GLY A N   1 
ATOM   677  C  CA  . GLY A 1 89  ? -13.138 -5.382  -7.696  1.00 32.09 ? 89  GLY A CA  1 
ATOM   678  C  C   . GLY A 1 89  ? -14.547 -4.996  -7.308  1.00 27.96 ? 89  GLY A C   1 
ATOM   679  O  O   . GLY A 1 89  ? -15.294 -4.413  -8.086  1.00 23.37 ? 89  GLY A O   1 
ATOM   680  N  N   . THR A 1 90  ? -14.875 -5.301  -6.059  1.00 30.22 ? 90  THR A N   1 
ATOM   681  C  CA  . THR A 1 90  ? -16.191 -5.061  -5.496  1.00 27.21 ? 90  THR A CA  1 
ATOM   682  C  C   . THR A 1 90  ? -16.155 -4.156  -4.263  1.00 23.06 ? 90  THR A C   1 
ATOM   683  O  O   . THR A 1 90  ? -15.375 -4.383  -3.338  1.00 15.33 ? 90  THR A O   1 
ATOM   684  C  CB  . THR A 1 90  ? -16.824 -6.411  -5.085  1.00 29.21 ? 90  THR A CB  1 
ATOM   685  O  OG1 . THR A 1 90  ? -16.799 -7.313  -6.199  1.00 30.23 ? 90  THR A OG1 1 
ATOM   686  C  CG2 . THR A 1 90  ? -18.252 -6.222  -4.612  1.00 22.47 ? 90  THR A CG2 1 
ATOM   687  N  N   . VAL A 1 91  ? -17.001 -3.132  -4.253  1.00 20.67 ? 91  VAL A N   1 
ATOM   688  C  CA  . VAL A 1 91  ? -17.075 -2.245  -3.100  1.00 21.92 ? 91  VAL A CA  1 
ATOM   689  C  C   . VAL A 1 91  ? -17.825 -3.016  -2.016  1.00 17.26 ? 91  VAL A C   1 
ATOM   690  O  O   . VAL A 1 91  ? -18.797 -3.713  -2.297  1.00 19.13 ? 91  VAL A O   1 
ATOM   691  C  CB  . VAL A 1 91  ? -17.818 -0.934  -3.418  1.00 22.29 ? 91  VAL A CB  1 
ATOM   692  C  CG1 . VAL A 1 91  ? -17.691 0.050   -2.255  1.00 23.82 ? 91  VAL A CG1 1 
ATOM   693  C  CG2 . VAL A 1 91  ? -17.264 -0.316  -4.679  1.00 21.69 ? 91  VAL A CG2 1 
ATOM   694  N  N   . LYS A 1 92  ? -17.336 -2.923  -0.786  1.00 18.56 ? 92  LYS A N   1 
ATOM   695  C  CA  . LYS A 1 92  ? -17.936 -3.614  0.344   1.00 15.68 ? 92  LYS A CA  1 
ATOM   696  C  C   . LYS A 1 92  ? -18.602 -2.676  1.340   1.00 13.61 ? 92  LYS A C   1 
ATOM   697  O  O   . LYS A 1 92  ? -19.605 -3.034  1.960   1.00 17.22 ? 92  LYS A O   1 
ATOM   698  C  CB  . LYS A 1 92  ? -16.881 -4.467  1.038   1.00 13.86 ? 92  LYS A CB  1 
ATOM   699  C  CG  . LYS A 1 92  ? -16.467 -5.664  0.212   1.00 12.44 ? 92  LYS A CG  1 
ATOM   700  C  CD  . LYS A 1 92  ? -17.591 -6.679  0.161   1.00 14.68 ? 92  LYS A CD  1 
ATOM   701  C  CE  . LYS A 1 92  ? -17.288 -7.791  -0.794  1.00 17.57 ? 92  LYS A CE  1 
ATOM   702  N  NZ  . LYS A 1 92  ? -18.235 -8.914  -0.596  1.00 24.95 ? 92  LYS A NZ  1 
ATOM   703  N  N   . GLY A 1 93  ? -18.052 -1.477  1.489   1.00 11.25 ? 93  GLY A N   1 
ATOM   704  C  CA  . GLY A 1 93  ? -18.624 -0.523  2.415   1.00 11.23 ? 93  GLY A CA  1 
ATOM   705  C  C   . GLY A 1 93  ? -17.672 0.620   2.666   1.00 8.13  ? 93  GLY A C   1 
ATOM   706  O  O   . GLY A 1 93  ? -16.944 1.026   1.770   1.00 6.54  ? 93  GLY A O   1 
ATOM   707  N  N   . THR A 1 94  ? -17.703 1.163   3.877   1.00 11.20 ? 94  THR A N   1 
ATOM   708  C  CA  . THR A 1 94  ? -16.820 2.264   4.239   1.00 12.40 ? 94  THR A CA  1 
ATOM   709  C  C   . THR A 1 94  ? -16.357 2.174   5.687   1.00 10.91 ? 94  THR A C   1 
ATOM   710  O  O   . THR A 1 94  ? -16.819 1.336   6.464   1.00 12.20 ? 94  THR A O   1 
ATOM   711  C  CB  . THR A 1 94  ? -17.487 3.666   4.045   1.00 14.82 ? 94  THR A CB  1 
ATOM   712  O  OG1 . THR A 1 94  ? -18.563 3.822   4.979   1.00 16.71 ? 94  THR A OG1 1 
ATOM   713  C  CG2 . THR A 1 94  ? -17.998 3.852   2.614   1.00 15.71 ? 94  THR A CG2 1 
ATOM   714  N  N   . VAL A 1 95  ? -15.423 3.055   6.024   1.00 14.51 ? 95  VAL A N   1 
ATOM   715  C  CA  . VAL A 1 95  ? -14.867 3.169   7.357   1.00 12.28 ? 95  VAL A CA  1 
ATOM   716  C  C   . VAL A 1 95  ? -14.330 4.580   7.454   1.00 13.41 ? 95  VAL A C   1 
ATOM   717  O  O   . VAL A 1 95  ? -13.729 5.087   6.516   1.00 11.23 ? 95  VAL A O   1 
ATOM   718  C  CB  . VAL A 1 95  ? -13.721 2.155   7.608   1.00 11.16 ? 95  VAL A CB  1 
ATOM   719  C  CG1 . VAL A 1 95  ? -12.650 2.260   6.523   1.00 14.06 ? 95  VAL A CG1 1 
ATOM   720  C  CG2 . VAL A 1 95  ? -13.108 2.376   8.993   1.00 10.95 ? 95  VAL A CG2 1 
ATOM   721  N  N   . THR A 1 96  ? -14.669 5.259   8.534   1.00 19.25 ? 96  THR A N   1 
ATOM   722  C  CA  . THR A 1 96  ? -14.186 6.609   8.742   1.00 22.35 ? 96  THR A CA  1 
ATOM   723  C  C   . THR A 1 96  ? -12.995 6.464   9.671   1.00 21.13 ? 96  THR A C   1 
ATOM   724  O  O   . THR A 1 96  ? -13.096 5.879   10.756  1.00 20.14 ? 96  THR A O   1 
ATOM   725  C  CB  . THR A 1 96  ? -15.268 7.498   9.366   1.00 23.79 ? 96  THR A CB  1 
ATOM   726  O  OG1 . THR A 1 96  ? -16.421 7.481   8.519   1.00 27.87 ? 96  THR A OG1 1 
ATOM   727  C  CG2 . THR A 1 96  ? -14.771 8.937   9.513   1.00 23.19 ? 96  THR A CG2 1 
ATOM   728  N  N   . SER A 1 97  ? -11.848 6.931   9.211   1.00 22.02 ? 97  SER A N   1 
ATOM   729  C  CA  . SER A 1 97  ? -10.647 6.823   10.005  1.00 17.30 ? 97  SER A CA  1 
ATOM   730  C  C   . SER A 1 97  ? -9.671  7.925   9.651   1.00 16.02 ? 97  SER A C   1 
ATOM   731  O  O   . SER A 1 97  ? -9.571  8.333   8.496   1.00 13.57 ? 97  SER A O   1 
ATOM   732  C  CB  . SER A 1 97  ? -9.996  5.458   9.762   1.00 16.51 ? 97  SER A CB  1 
ATOM   733  O  OG  . SER A 1 97  ? -8.988  5.193   10.716  1.00 19.63 ? 97  SER A OG  1 
ATOM   734  N  N   . ASP A 1 98  ? -9.028  8.456   10.684  1.00 13.52 ? 98  ASP A N   1 
ATOM   735  C  CA  . ASP A 1 98  ? -8.010  9.482   10.553  1.00 13.71 ? 98  ASP A CA  1 
ATOM   736  C  C   . ASP A 1 98  ? -8.310  10.713  9.705   1.00 13.70 ? 98  ASP A C   1 
ATOM   737  O  O   . ASP A 1 98  ? -7.486  11.127  8.890   1.00 15.01 ? 98  ASP A O   1 
ATOM   738  C  CB  . ASP A 1 98  ? -6.715  8.818   10.096  1.00 17.08 ? 98  ASP A CB  1 
ATOM   739  C  CG  . ASP A 1 98  ? -6.375  7.601   10.929  1.00 15.85 ? 98  ASP A CG  1 
ATOM   740  O  OD1 . ASP A 1 98  ? -6.008  7.769   12.109  1.00 23.12 ? 98  ASP A OD1 1 
ATOM   741  O  OD2 . ASP A 1 98  ? -6.513  6.475   10.416  1.00 17.84 ? 98  ASP A OD2 1 
ATOM   742  N  N   . GLY A 1 99  ? -9.477  11.317  9.919   1.00 9.82  ? 99  GLY A N   1 
ATOM   743  C  CA  . GLY A 1 99  ? -9.833  12.520  9.182   1.00 5.66  ? 99  GLY A CA  1 
ATOM   744  C  C   . GLY A 1 99  ? -10.620 12.359  7.890   1.00 6.71  ? 99  GLY A C   1 
ATOM   745  O  O   . GLY A 1 99  ? -10.955 13.358  7.249   1.00 8.79  ? 99  GLY A O   1 
ATOM   746  N  N   . ALA A 1 100 ? -10.930 11.129  7.497   1.00 6.78  ? 100 ALA A N   1 
ATOM   747  C  CA  . ALA A 1 100 ? -11.690 10.923  6.272   1.00 7.73  ? 100 ALA A CA  1 
ATOM   748  C  C   . ALA A 1 100 ? -12.329 9.545   6.193   1.00 9.98  ? 100 ALA A C   1 
ATOM   749  O  O   . ALA A 1 100 ? -12.055 8.671   7.016   1.00 16.03 ? 100 ALA A O   1 
ATOM   750  C  CB  . ALA A 1 100 ? -10.804 11.144  5.063   1.00 6.30  ? 100 ALA A CB  1 
ATOM   751  N  N   . THR A 1 101 ? -13.190 9.366   5.195   1.00 11.56 ? 101 THR A N   1 
ATOM   752  C  CA  . THR A 1 101 ? -13.869 8.094   4.979   1.00 13.17 ? 101 THR A CA  1 
ATOM   753  C  C   . THR A 1 101 ? -13.114 7.334   3.886   1.00 12.35 ? 101 THR A C   1 
ATOM   754  O  O   . THR A 1 101 ? -12.518 7.940   2.991   1.00 11.61 ? 101 THR A O   1 
ATOM   755  C  CB  . THR A 1 101 ? -15.334 8.293   4.504   1.00 13.48 ? 101 THR A CB  1 
ATOM   756  O  OG1 . THR A 1 101 ? -15.949 9.357   5.239   1.00 19.94 ? 101 THR A OG1 1 
ATOM   757  C  CG2 . THR A 1 101 ? -16.131 7.022   4.730   1.00 9.66  ? 101 THR A CG2 1 
ATOM   758  N  N   . TYR A 1 102 ? -13.159 6.010   3.962   1.00 11.60 ? 102 TYR A N   1 
ATOM   759  C  CA  . TYR A 1 102 ? -12.491 5.143   3.000   1.00 16.98 ? 102 TYR A CA  1 
ATOM   760  C  C   . TYR A 1 102 ? -13.497 4.186   2.389   1.00 15.62 ? 102 TYR A C   1 
ATOM   761  O  O   . TYR A 1 102 ? -14.337 3.643   3.099   1.00 19.72 ? 102 TYR A O   1 
ATOM   762  C  CB  . TYR A 1 102 ? -11.419 4.288   3.694   1.00 16.29 ? 102 TYR A CB  1 
ATOM   763  C  CG  . TYR A 1 102 ? -10.231 5.047   4.231   1.00 13.55 ? 102 TYR A CG  1 
ATOM   764  C  CD1 . TYR A 1 102 ? -10.365 5.928   5.307   1.00 16.17 ? 102 TYR A CD1 1 
ATOM   765  C  CD2 . TYR A 1 102 ? -8.968  4.880   3.665   1.00 14.80 ? 102 TYR A CD2 1 
ATOM   766  C  CE1 . TYR A 1 102 ? -9.265  6.630   5.809   1.00 18.40 ? 102 TYR A CE1 1 
ATOM   767  C  CE2 . TYR A 1 102 ? -7.862  5.573   4.156   1.00 18.79 ? 102 TYR A CE2 1 
ATOM   768  C  CZ  . TYR A 1 102 ? -8.019  6.445   5.224   1.00 21.18 ? 102 TYR A CZ  1 
ATOM   769  O  OH  . TYR A 1 102 ? -6.931  7.139   5.694   1.00 21.47 ? 102 TYR A OH  1 
ATOM   770  N  N   . THR A 1 103 ? -13.428 3.981   1.079   1.00 16.92 ? 103 THR A N   1 
ATOM   771  C  CA  . THR A 1 103 ? -14.325 3.020   0.455   1.00 17.01 ? 103 THR A CA  1 
ATOM   772  C  C   . THR A 1 103 ? -13.557 1.696   0.437   1.00 14.02 ? 103 THR A C   1 
ATOM   773  O  O   . THR A 1 103 ? -12.405 1.627   0.007   1.00 15.21 ? 103 THR A O   1 
ATOM   774  C  CB  . THR A 1 103 ? -14.770 3.440   -0.969  1.00 9.41  ? 103 THR A CB  1 
ATOM   775  O  OG1 . THR A 1 103 ? -13.648 3.439   -1.853  1.00 28.95 ? 103 THR A OG1 1 
ATOM   776  C  CG2 . THR A 1 103 ? -15.374 4.832   -0.942  1.00 16.41 ? 103 THR A CG2 1 
ATOM   777  N  N   . ILE A 1 104 ? -14.165 0.668   1.002   1.00 15.95 ? 104 ILE A N   1 
ATOM   778  C  CA  . ILE A 1 104 ? -13.537 -0.637  1.075   1.00 13.64 ? 104 ILE A CA  1 
ATOM   779  C  C   . ILE A 1 104 ? -13.892 -1.467  -0.149  1.00 17.16 ? 104 ILE A C   1 
ATOM   780  O  O   . ILE A 1 104 ? -15.030 -1.438  -0.607  1.00 14.48 ? 104 ILE A O   1 
ATOM   781  C  CB  . ILE A 1 104 ? -13.965 -1.353  2.364   1.00 7.13  ? 104 ILE A CB  1 
ATOM   782  C  CG1 . ILE A 1 104 ? -13.582 -0.488  3.569   1.00 5.68  ? 104 ILE A CG1 1 
ATOM   783  C  CG2 . ILE A 1 104 ? -13.331 -2.739  2.458   1.00 11.00 ? 104 ILE A CG2 1 
ATOM   784  C  CD1 . ILE A 1 104 ? -14.095 -1.010  4.888   1.00 8.67  ? 104 ILE A CD1 1 
ATOM   785  N  N   . TRP A 1 105 ? -12.891 -2.152  -0.701  1.00 13.99 ? 105 TRP A N   1 
ATOM   786  C  CA  . TRP A 1 105 ? -13.057 -3.008  -1.872  1.00 9.72  ? 105 TRP A CA  1 
ATOM   787  C  C   . TRP A 1 105 ? -12.444 -4.367  -1.591  1.00 10.44 ? 105 TRP A C   1 
ATOM   788  O  O   . TRP A 1 105 ? -11.562 -4.503  -0.745  1.00 10.21 ? 105 TRP A O   1 
ATOM   789  C  CB  . TRP A 1 105 ? -12.314 -2.448  -3.098  1.00 10.93 ? 105 TRP A CB  1 
ATOM   790  C  CG  . TRP A 1 105 ? -12.700 -1.087  -3.529  1.00 8.45  ? 105 TRP A CG  1 
ATOM   791  C  CD1 . TRP A 1 105 ? -12.419 0.090   -2.890  1.00 10.67 ? 105 TRP A CD1 1 
ATOM   792  C  CD2 . TRP A 1 105 ? -13.387 -0.739  -4.732  1.00 11.95 ? 105 TRP A CD2 1 
ATOM   793  N  NE1 . TRP A 1 105 ? -12.879 1.151   -3.628  1.00 5.87  ? 105 TRP A NE1 1 
ATOM   794  C  CE2 . TRP A 1 105 ? -13.481 0.676   -4.764  1.00 9.70  ? 105 TRP A CE2 1 
ATOM   795  C  CE3 . TRP A 1 105 ? -13.929 -1.481  -5.791  1.00 13.58 ? 105 TRP A CE3 1 
ATOM   796  C  CZ2 . TRP A 1 105 ? -14.100 1.368   -5.817  1.00 6.01  ? 105 TRP A CZ2 1 
ATOM   797  C  CZ3 . TRP A 1 105 ? -14.541 -0.796  -6.843  1.00 17.80 ? 105 TRP A CZ3 1 
ATOM   798  C  CH2 . TRP A 1 105 ? -14.620 0.620   -6.844  1.00 14.64 ? 105 TRP A CH2 1 
ATOM   799  N  N   . GLU A 1 106 ? -12.935 -5.378  -2.290  1.00 12.96 ? 106 GLU A N   1 
ATOM   800  C  CA  . GLU A 1 106 ? -12.388 -6.720  -2.185  1.00 13.98 ? 106 GLU A CA  1 
ATOM   801  C  C   . GLU A 1 106 ? -12.157 -7.107  -3.635  1.00 17.31 ? 106 GLU A C   1 
ATOM   802  O  O   . GLU A 1 106 ? -12.998 -6.849  -4.503  1.00 15.59 ? 106 GLU A O   1 
ATOM   803  C  CB  . GLU A 1 106 ? -13.345 -7.707  -1.519  1.00 13.27 ? 106 GLU A CB  1 
ATOM   804  C  CG  . GLU A 1 106 ? -12.818 -9.155  -1.574  1.00 25.52 ? 106 GLU A CG  1 
ATOM   805  C  CD  . GLU A 1 106 ? -13.504 -10.112 -0.600  1.00 34.01 ? 106 GLU A CD  1 
ATOM   806  O  OE1 . GLU A 1 106 ? -14.751 -10.101 -0.515  1.00 38.24 ? 106 GLU A OE1 1 
ATOM   807  O  OE2 . GLU A 1 106 ? -12.790 -10.886 0.079   1.00 33.23 ? 106 GLU A OE2 1 
ATOM   808  N  N   . ASN A 1 107 ? -11.002 -7.698  -3.904  1.00 15.69 ? 107 ASN A N   1 
ATOM   809  C  CA  . ASN A 1 107 ? -10.660 -8.098  -5.254  1.00 11.78 ? 107 ASN A CA  1 
ATOM   810  C  C   . ASN A 1 107 ? -9.937  -9.419  -5.187  1.00 13.66 ? 107 ASN A C   1 
ATOM   811  O  O   . ASN A 1 107 ? -9.550  -9.868  -4.109  1.00 15.69 ? 107 ASN A O   1 
ATOM   812  C  CB  . ASN A 1 107 ? -9.762  -7.036  -5.897  1.00 15.97 ? 107 ASN A CB  1 
ATOM   813  C  CG  . ASN A 1 107 ? -9.497  -7.307  -7.363  1.00 24.48 ? 107 ASN A CG  1 
ATOM   814  O  OD1 . ASN A 1 107 ? -10.333 -7.885  -8.063  1.00 28.20 ? 107 ASN A OD1 1 
ATOM   815  N  ND2 . ASN A 1 107 ? -8.338  -6.877  -7.843  1.00 30.57 ? 107 ASN A ND2 1 
ATOM   816  N  N   . THR A 1 108 ? -9.799  -10.068 -6.334  1.00 10.24 ? 108 THR A N   1 
ATOM   817  C  CA  . THR A 1 108 ? -9.119  -11.342 -6.392  1.00 15.96 ? 108 THR A CA  1 
ATOM   818  C  C   . THR A 1 108 ? -8.069  -11.288 -7.495  1.00 18.30 ? 108 THR A C   1 
ATOM   819  O  O   . THR A 1 108 ? -8.283  -10.701 -8.555  1.00 16.35 ? 108 THR A O   1 
ATOM   820  C  CB  . THR A 1 108 ? -10.114 -12.497 -6.634  1.00 15.78 ? 108 THR A CB  1 
ATOM   821  O  OG1 . THR A 1 108 ? -11.166 -12.425 -5.662  1.00 19.31 ? 108 THR A OG1 1 
ATOM   822  C  CG2 . THR A 1 108 ? -9.419  -13.849 -6.504  1.00 15.73 ? 108 THR A CG2 1 
ATOM   823  N  N   . ARG A 1 109 ? -6.899  -11.827 -7.183  1.00 20.24 ? 109 ARG A N   1 
ATOM   824  C  CA  . ARG A 1 109 ? -5.777  -11.877 -8.104  1.00 20.69 ? 109 ARG A CA  1 
ATOM   825  C  C   . ARG A 1 109 ? -5.511  -13.352 -8.396  1.00 19.84 ? 109 ARG A C   1 
ATOM   826  O  O   . ARG A 1 109 ? -5.099  -14.101 -7.513  1.00 18.41 ? 109 ARG A O   1 
ATOM   827  C  CB  . ARG A 1 109 ? -4.556  -11.213 -7.454  1.00 19.33 ? 109 ARG A CB  1 
ATOM   828  C  CG  . ARG A 1 109 ? -4.609  -9.686  -7.448  1.00 25.16 ? 109 ARG A CG  1 
ATOM   829  C  CD  . ARG A 1 109 ? -4.511  -9.165  -8.874  1.00 38.33 ? 109 ARG A CD  1 
ATOM   830  N  NE  . ARG A 1 109 ? -4.692  -7.721  -8.988  1.00 46.88 ? 109 ARG A NE  1 
ATOM   831  C  CZ  . ARG A 1 109 ? -4.813  -7.071  -10.149 1.00 52.45 ? 109 ARG A CZ  1 
ATOM   832  N  NH1 . ARG A 1 109 ? -4.767  -7.736  -11.300 1.00 46.55 ? 109 ARG A NH1 1 
ATOM   833  N  NH2 . ARG A 1 109 ? -4.998  -5.753  -10.158 1.00 53.78 ? 109 ARG A NH2 1 
ATOM   834  N  N   . VAL A 1 110 ? -5.821  -13.779 -9.616  1.00 20.99 ? 110 VAL A N   1 
ATOM   835  C  CA  . VAL A 1 110 ? -5.621  -15.174 -10.013 1.00 23.28 ? 110 VAL A CA  1 
ATOM   836  C  C   . VAL A 1 110 ? -4.246  -15.402 -10.624 1.00 22.79 ? 110 VAL A C   1 
ATOM   837  O  O   . VAL A 1 110 ? -3.843  -14.676 -11.534 1.00 26.85 ? 110 VAL A O   1 
ATOM   838  C  CB  . VAL A 1 110 ? -6.711  -15.634 -11.015 1.00 24.92 ? 110 VAL A CB  1 
ATOM   839  C  CG1 . VAL A 1 110 ? -6.342  -16.977 -11.629 1.00 22.01 ? 110 VAL A CG1 1 
ATOM   840  C  CG2 . VAL A 1 110 ? -8.056  -15.728 -10.310 1.00 23.39 ? 110 VAL A CG2 1 
ATOM   841  N  N   . ASN A 1 111 ? -3.534  -16.408 -10.118 1.00 20.20 ? 111 ASN A N   1 
ATOM   842  C  CA  . ASN A 1 111 ? -2.197  -16.755 -10.610 1.00 21.58 ? 111 ASN A CA  1 
ATOM   843  C  C   . ASN A 1 111 ? -1.300  -15.528 -10.682 1.00 22.47 ? 111 ASN A C   1 
ATOM   844  O  O   . ASN A 1 111 ? -0.727  -15.225 -11.730 1.00 24.31 ? 111 ASN A O   1 
ATOM   845  C  CB  . ASN A 1 111 ? -2.284  -17.405 -11.992 1.00 23.03 ? 111 ASN A CB  1 
ATOM   846  C  CG  . ASN A 1 111 ? -3.099  -18.680 -11.986 1.00 24.92 ? 111 ASN A CG  1 
ATOM   847  O  OD1 . ASN A 1 111 ? -3.006  -19.489 -11.060 1.00 22.75 ? 111 ASN A OD1 1 
ATOM   848  N  ND2 . ASN A 1 111 ? -3.909  -18.866 -13.024 1.00 29.75 ? 111 ASN A ND2 1 
ATOM   849  N  N   . GLU A 1 112 ? -1.236  -14.795 -9.579  1.00 22.57 ? 112 GLU A N   1 
ATOM   850  C  CA  . GLU A 1 112 ? -0.425  -13.593 -9.495  1.00 24.14 ? 112 GLU A CA  1 
ATOM   851  C  C   . GLU A 1 112 ? 0.740   -13.812 -8.539  1.00 23.51 ? 112 GLU A C   1 
ATOM   852  O  O   . GLU A 1 112 ? 0.660   -14.615 -7.614  1.00 24.36 ? 112 GLU A O   1 
ATOM   853  C  CB  . GLU A 1 112 ? -1.275  -12.422 -9.007  1.00 29.28 ? 112 GLU A CB  1 
ATOM   854  C  CG  . GLU A 1 112 ? -2.465  -12.111 -9.903  1.00 43.05 ? 112 GLU A CG  1 
ATOM   855  C  CD  . GLU A 1 112 ? -2.071  -11.717 -11.312 1.00 50.17 ? 112 GLU A CD  1 
ATOM   856  O  OE1 . GLU A 1 112 ? -1.051  -11.004 -11.469 1.00 54.66 ? 112 GLU A OE1 1 
ATOM   857  O  OE2 . GLU A 1 112 ? -2.786  -12.108 -12.262 1.00 56.25 ? 112 GLU A OE2 1 
ATOM   858  N  N   . PRO A 1 113 ? 1.852   -13.109 -8.760  1.00 23.52 ? 113 PRO A N   1 
ATOM   859  C  CA  . PRO A 1 113 ? 3.008   -13.267 -7.879  1.00 20.86 ? 113 PRO A CA  1 
ATOM   860  C  C   . PRO A 1 113 ? 2.705   -12.848 -6.445  1.00 16.61 ? 113 PRO A C   1 
ATOM   861  O  O   . PRO A 1 113 ? 2.027   -11.845 -6.205  1.00 14.94 ? 113 PRO A O   1 
ATOM   862  C  CB  . PRO A 1 113 ? 4.059   -12.373 -8.536  1.00 19.03 ? 113 PRO A CB  1 
ATOM   863  C  CG  . PRO A 1 113 ? 3.245   -11.334 -9.236  1.00 22.48 ? 113 PRO A CG  1 
ATOM   864  C  CD  . PRO A 1 113 ? 2.149   -12.158 -9.845  1.00 20.90 ? 113 PRO A CD  1 
ATOM   865  N  N   . SER A 1 114 ? 3.203   -13.638 -5.498  1.00 14.63 ? 114 SER A N   1 
ATOM   866  C  CA  . SER A 1 114 ? 2.998   -13.357 -4.084  1.00 16.30 ? 114 SER A CA  1 
ATOM   867  C  C   . SER A 1 114 ? 4.196   -13.802 -3.270  1.00 16.72 ? 114 SER A C   1 
ATOM   868  O  O   . SER A 1 114 ? 5.155   -14.355 -3.810  1.00 17.32 ? 114 SER A O   1 
ATOM   869  C  CB  . SER A 1 114 ? 1.744   -14.073 -3.568  1.00 16.07 ? 114 SER A CB  1 
ATOM   870  O  OG  . SER A 1 114 ? 1.966   -15.462 -3.432  1.00 8.69  ? 114 SER A OG  1 
ATOM   871  N  N   . ILE A 1 115 ? 4.116   -13.573 -1.962  1.00 15.42 ? 115 ILE A N   1 
ATOM   872  C  CA  . ILE A 1 115 ? 5.168   -13.948 -1.030  1.00 17.45 ? 115 ILE A CA  1 
ATOM   873  C  C   . ILE A 1 115 ? 5.250   -15.469 -0.898  1.00 19.01 ? 115 ILE A C   1 
ATOM   874  O  O   . ILE A 1 115 ? 6.179   -15.997 -0.287  1.00 17.97 ? 115 ILE A O   1 
ATOM   875  C  CB  . ILE A 1 115 ? 4.931   -13.326 0.369   1.00 20.64 ? 115 ILE A CB  1 
ATOM   876  C  CG1 . ILE A 1 115 ? 3.545   -13.711 0.895   1.00 21.95 ? 115 ILE A CG1 1 
ATOM   877  C  CG2 . ILE A 1 115 ? 5.065   -11.814 0.300   1.00 16.23 ? 115 ILE A CG2 1 
ATOM   878  C  CD1 . ILE A 1 115 ? 3.268   -13.235 2.299   1.00 20.04 ? 115 ILE A CD1 1 
ATOM   879  N  N   . GLN A 1 116 ? 4.268   -16.157 -1.479  1.00 20.76 ? 116 GLN A N   1 
ATOM   880  C  CA  . GLN A 1 116 ? 4.193   -17.619 -1.459  1.00 20.03 ? 116 GLN A CA  1 
ATOM   881  C  C   . GLN A 1 116 ? 4.423   -18.194 -2.855  1.00 17.39 ? 116 GLN A C   1 
ATOM   882  O  O   . GLN A 1 116 ? 4.223   -19.394 -3.091  1.00 18.96 ? 116 GLN A O   1 
ATOM   883  C  CB  . GLN A 1 116 ? 2.816   -18.066 -0.961  1.00 20.00 ? 116 GLN A CB  1 
ATOM   884  C  CG  . GLN A 1 116 ? 2.418   -17.485 0.386   1.00 20.45 ? 116 GLN A CG  1 
ATOM   885  C  CD  . GLN A 1 116 ? 1.312   -18.283 1.065   1.00 29.82 ? 116 GLN A CD  1 
ATOM   886  O  OE1 . GLN A 1 116 ? 0.982   -19.401 0.652   1.00 30.53 ? 116 GLN A OE1 1 
ATOM   887  N  NE2 . GLN A 1 116 ? 0.745   -17.716 2.121   1.00 24.25 ? 116 GLN A NE2 1 
ATOM   888  N  N   . GLY A 1 117 ? 4.904   -17.341 -3.753  1.00 18.67 ? 117 GLY A N   1 
ATOM   889  C  CA  . GLY A 1 117 ? 5.125   -17.737 -5.132  1.00 19.91 ? 117 GLY A CA  1 
ATOM   890  C  C   . GLY A 1 117 ? 3.911   -17.247 -5.901  1.00 24.04 ? 117 GLY A C   1 
ATOM   891  O  O   . GLY A 1 117 ? 3.124   -16.465 -5.367  1.00 28.96 ? 117 GLY A O   1 
ATOM   892  N  N   . THR A 1 118 ? 3.754   -17.655 -7.155  1.00 27.66 ? 118 THR A N   1 
ATOM   893  C  CA  . THR A 1 118 ? 2.585   -17.224 -7.916  1.00 23.89 ? 118 THR A CA  1 
ATOM   894  C  C   . THR A 1 118 ? 1.378   -17.984 -7.367  1.00 24.24 ? 118 THR A C   1 
ATOM   895  O  O   . THR A 1 118 ? 1.391   -19.223 -7.257  1.00 16.39 ? 118 THR A O   1 
ATOM   896  C  CB  . THR A 1 118 ? 2.769   -17.430 -9.434  1.00 23.51 ? 118 THR A CB  1 
ATOM   897  O  OG1 . THR A 1 118 ? 3.105   -18.792 -9.707  1.00 26.33 ? 118 THR A OG1 1 
ATOM   898  C  CG2 . THR A 1 118 ? 3.888   -16.535 -9.945  1.00 17.76 ? 118 THR A CG2 1 
ATOM   899  N  N   . ALA A 1 119 ? 0.373   -17.224 -6.937  1.00 16.79 ? 119 ALA A N   1 
ATOM   900  C  CA  . ALA A 1 119 ? -0.823  -17.798 -6.341  1.00 19.34 ? 119 ALA A CA  1 
ATOM   901  C  C   . ALA A 1 119 ? -2.071  -16.977 -6.619  1.00 16.81 ? 119 ALA A C   1 
ATOM   902  O  O   . ALA A 1 119 ? -2.017  -15.934 -7.264  1.00 17.71 ? 119 ALA A O   1 
ATOM   903  C  CB  . ALA A 1 119 ? -0.627  -17.932 -4.832  1.00 8.52  ? 119 ALA A CB  1 
ATOM   904  N  N   . THR A 1 120 ? -3.201  -17.484 -6.137  1.00 19.65 ? 120 THR A N   1 
ATOM   905  C  CA  . THR A 1 120 ? -4.489  -16.820 -6.280  1.00 18.25 ? 120 THR A CA  1 
ATOM   906  C  C   . THR A 1 120 ? -4.856  -16.415 -4.865  1.00 17.27 ? 120 THR A C   1 
ATOM   907  O  O   . THR A 1 120 ? -4.809  -17.235 -3.952  1.00 15.14 ? 120 THR A O   1 
ATOM   908  C  CB  . THR A 1 120 ? -5.544  -17.771 -6.866  1.00 20.13 ? 120 THR A CB  1 
ATOM   909  O  OG1 . THR A 1 120 ? -5.184  -18.093 -8.214  1.00 25.55 ? 120 THR A OG1 1 
ATOM   910  C  CG2 . THR A 1 120 ? -6.927  -17.127 -6.860  1.00 24.76 ? 120 THR A CG2 1 
ATOM   911  N  N   . PHE A 1 121 ? -5.223  -15.154 -4.683  1.00 13.17 ? 121 PHE A N   1 
ATOM   912  C  CA  . PHE A 1 121 ? -5.538  -14.650 -3.356  1.00 10.42 ? 121 PHE A CA  1 
ATOM   913  C  C   . PHE A 1 121 ? -6.420  -13.414 -3.466  1.00 13.18 ? 121 PHE A C   1 
ATOM   914  O  O   . PHE A 1 121 ? -6.568  -12.848 -4.541  1.00 18.20 ? 121 PHE A O   1 
ATOM   915  C  CB  . PHE A 1 121 ? -4.227  -14.274 -2.666  1.00 12.33 ? 121 PHE A CB  1 
ATOM   916  C  CG  . PHE A 1 121 ? -3.334  -13.394 -3.511  1.00 10.35 ? 121 PHE A CG  1 
ATOM   917  C  CD1 . PHE A 1 121 ? -2.425  -13.958 -4.400  1.00 2.19  ? 121 PHE A CD1 1 
ATOM   918  C  CD2 . PHE A 1 121 ? -3.444  -12.005 -3.456  1.00 13.49 ? 121 PHE A CD2 1 
ATOM   919  C  CE1 . PHE A 1 121 ? -1.648  -13.158 -5.224  1.00 8.00  ? 121 PHE A CE1 1 
ATOM   920  C  CE2 . PHE A 1 121 ? -2.667  -11.192 -4.277  1.00 7.79  ? 121 PHE A CE2 1 
ATOM   921  C  CZ  . PHE A 1 121 ? -1.770  -11.767 -5.163  1.00 14.66 ? 121 PHE A CZ  1 
ATOM   922  N  N   . ASN A 1 122 ? -6.962  -12.970 -2.344  1.00 13.99 ? 122 ASN A N   1 
ATOM   923  C  CA  . ASN A 1 122 ? -7.823  -11.796 -2.340  1.00 17.50 ? 122 ASN A CA  1 
ATOM   924  C  C   . ASN A 1 122 ? -7.066  -10.535 -1.919  1.00 19.82 ? 122 ASN A C   1 
ATOM   925  O  O   . ASN A 1 122 ? -5.968  -10.608 -1.371  1.00 20.14 ? 122 ASN A O   1 
ATOM   926  C  CB  . ASN A 1 122 ? -9.013  -12.033 -1.405  1.00 19.54 ? 122 ASN A CB  1 
ATOM   927  C  CG  . ASN A 1 122 ? -9.875  -13.204 -1.848  1.00 22.28 ? 122 ASN A CG  1 
ATOM   928  O  OD1 . ASN A 1 122 ? -10.643 -13.095 -2.801  1.00 21.68 ? 122 ASN A OD1 1 
ATOM   929  N  ND2 . ASN A 1 122 ? -9.723  -14.342 -1.178  1.00 29.45 ? 122 ASN A ND2 1 
ATOM   930  N  N   . GLN A 1 123 ? -7.658  -9.380  -2.192  1.00 18.28 ? 123 GLN A N   1 
ATOM   931  C  CA  . GLN A 1 123 ? -7.072  -8.100  -1.828  1.00 16.34 ? 123 GLN A CA  1 
ATOM   932  C  C   . GLN A 1 123 ? -8.099  -7.336  -1.008  1.00 14.41 ? 123 GLN A C   1 
ATOM   933  O  O   . GLN A 1 123 ? -9.276  -7.308  -1.365  1.00 15.80 ? 123 GLN A O   1 
ATOM   934  C  CB  . GLN A 1 123 ? -6.762  -7.259  -3.071  1.00 18.14 ? 123 GLN A CB  1 
ATOM   935  C  CG  . GLN A 1 123 ? -5.760  -7.831  -4.051  1.00 18.44 ? 123 GLN A CG  1 
ATOM   936  C  CD  . GLN A 1 123 ? -5.476  -6.860  -5.192  1.00 22.26 ? 123 GLN A CD  1 
ATOM   937  O  OE1 . GLN A 1 123 ? -6.288  -6.706  -6.099  1.00 23.75 ? 123 GLN A OE1 1 
ATOM   938  N  NE2 . GLN A 1 123 ? -4.337  -6.179  -5.127  1.00 15.61 ? 123 GLN A NE2 1 
ATOM   939  N  N   . TYR A 1 124 ? -7.668  -6.736  0.097   1.00 15.08 ? 124 TYR A N   1 
ATOM   940  C  CA  . TYR A 1 124 ? -8.563  -5.930  0.922   1.00 14.62 ? 124 TYR A CA  1 
ATOM   941  C  C   . TYR A 1 124 ? -8.031  -4.513  0.773   1.00 16.25 ? 124 TYR A C   1 
ATOM   942  O  O   . TYR A 1 124 ? -6.946  -4.192  1.247   1.00 19.67 ? 124 TYR A O   1 
ATOM   943  C  CB  . TYR A 1 124 ? -8.517  -6.357  2.387   1.00 7.92  ? 124 TYR A CB  1 
ATOM   944  C  CG  . TYR A 1 124 ? -8.870  -7.805  2.638   1.00 8.01  ? 124 TYR A CG  1 
ATOM   945  C  CD1 . TYR A 1 124 ? -9.558  -8.563  1.686   1.00 8.11  ? 124 TYR A CD1 1 
ATOM   946  C  CD2 . TYR A 1 124 ? -8.501  -8.425  3.827   1.00 7.26  ? 124 TYR A CD2 1 
ATOM   947  C  CE1 . TYR A 1 124 ? -9.863  -9.901  1.917   1.00 4.70  ? 124 TYR A CE1 1 
ATOM   948  C  CE2 . TYR A 1 124 ? -8.798  -9.755  4.063   1.00 2.96  ? 124 TYR A CE2 1 
ATOM   949  C  CZ  . TYR A 1 124 ? -9.476  -10.487 3.111   1.00 9.45  ? 124 TYR A CZ  1 
ATOM   950  O  OH  . TYR A 1 124 ? -9.757  -11.807 3.368   1.00 12.75 ? 124 TYR A OH  1 
ATOM   951  N  N   . ILE A 1 125 ? -8.787  -3.662  0.094   1.00 15.97 ? 125 ILE A N   1 
ATOM   952  C  CA  . ILE A 1 125 ? -8.337  -2.302  -0.136  1.00 14.37 ? 125 ILE A CA  1 
ATOM   953  C  C   . ILE A 1 125 ? -9.208  -1.250  0.527   1.00 12.32 ? 125 ILE A C   1 
ATOM   954  O  O   . ILE A 1 125 ? -10.427 -1.345  0.512   1.00 14.44 ? 125 ILE A O   1 
ATOM   955  C  CB  . ILE A 1 125 ? -8.267  -2.007  -1.663  1.00 14.05 ? 125 ILE A CB  1 
ATOM   956  C  CG1 . ILE A 1 125 ? -7.441  -3.078  -2.382  1.00 13.10 ? 125 ILE A CG1 1 
ATOM   957  C  CG2 . ILE A 1 125 ? -7.696  -0.615  -1.919  1.00 11.54 ? 125 ILE A CG2 1 
ATOM   958  C  CD1 . ILE A 1 125 ? -7.500  -2.992  -3.900  1.00 17.44 ? 125 ILE A CD1 1 
ATOM   959  N  N   . SER A 1 126 ? -8.559  -0.246  1.104   1.00 15.41 ? 126 SER A N   1 
ATOM   960  C  CA  . SER A 1 126 ? -9.244  0.873   1.742   1.00 12.61 ? 126 SER A CA  1 
ATOM   961  C  C   . SER A 1 126 ? -8.742  2.109   1.004   1.00 10.76 ? 126 SER A C   1 
ATOM   962  O  O   . SER A 1 126 ? -7.586  2.477   1.149   1.00 14.13 ? 126 SER A O   1 
ATOM   963  C  CB  . SER A 1 126 ? -8.860  0.979   3.228   1.00 16.00 ? 126 SER A CB  1 
ATOM   964  O  OG  . SER A 1 126 ? -9.426  -0.052  4.029   1.00 10.17 ? 126 SER A OG  1 
ATOM   965  N  N   . VAL A 1 127 ? -9.587  2.727   0.185   1.00 12.51 ? 127 VAL A N   1 
ATOM   966  C  CA  . VAL A 1 127 ? -9.185  3.922   -0.555  1.00 12.26 ? 127 VAL A CA  1 
ATOM   967  C  C   . VAL A 1 127 ? -9.734  5.204   0.072   1.00 11.25 ? 127 VAL A C   1 
ATOM   968  O  O   . VAL A 1 127 ? -10.945 5.429   0.093   1.00 14.22 ? 127 VAL A O   1 
ATOM   969  C  CB  . VAL A 1 127 ? -9.624  3.854   -2.032  1.00 16.20 ? 127 VAL A CB  1 
ATOM   970  C  CG1 . VAL A 1 127 ? -9.127  5.081   -2.784  1.00 9.24  ? 127 VAL A CG1 1 
ATOM   971  C  CG2 . VAL A 1 127 ? -9.112  2.577   -2.684  1.00 10.39 ? 127 VAL A CG2 1 
ATOM   972  N  N   . ARG A 1 128 ? -8.832  6.044   0.574   1.00 9.37  ? 128 ARG A N   1 
ATOM   973  C  CA  . ARG A 1 128 ? -9.205  7.305   1.207   1.00 7.18  ? 128 ARG A CA  1 
ATOM   974  C  C   . ARG A 1 128 ? -9.947  8.229   0.251   1.00 7.76  ? 128 ARG A C   1 
ATOM   975  O  O   . ARG A 1 128 ? -9.476  8.500   -0.855  1.00 7.86  ? 128 ARG A O   1 
ATOM   976  C  CB  . ARG A 1 128 ? -7.962  7.998   1.750   1.00 4.28  ? 128 ARG A CB  1 
ATOM   977  C  CG  . ARG A 1 128 ? -8.259  9.228   2.553   1.00 6.97  ? 128 ARG A CG  1 
ATOM   978  C  CD  . ARG A 1 128 ? -6.990  9.826   3.104   1.00 9.15  ? 128 ARG A CD  1 
ATOM   979  N  NE  . ARG A 1 128 ? -7.270  10.941  4.006   1.00 14.12 ? 128 ARG A NE  1 
ATOM   980  C  CZ  . ARG A 1 128 ? -7.347  10.843  5.332   1.00 9.71  ? 128 ARG A CZ  1 
ATOM   981  N  NH1 . ARG A 1 128 ? -7.163  9.673   5.933   1.00 6.61  ? 128 ARG A NH1 1 
ATOM   982  N  NH2 . ARG A 1 128 ? -7.611  11.922  6.056   1.00 13.08 ? 128 ARG A NH2 1 
ATOM   983  N  N   . ASN A 1 129 ? -11.098 8.735   0.688   1.00 12.22 ? 129 ASN A N   1 
ATOM   984  C  CA  . ASN A 1 129 ? -11.913 9.619   -0.146  1.00 15.68 ? 129 ASN A CA  1 
ATOM   985  C  C   . ASN A 1 129 ? -11.325 11.016  -0.275  1.00 14.86 ? 129 ASN A C   1 
ATOM   986  O  O   . ASN A 1 129 ? -11.650 11.750  -1.205  1.00 12.86 ? 129 ASN A O   1 
ATOM   987  C  CB  . ASN A 1 129 ? -13.366 9.673   0.359   1.00 23.05 ? 129 ASN A CB  1 
ATOM   988  C  CG  . ASN A 1 129 ? -14.083 8.318   0.255   1.00 21.48 ? 129 ASN A CG  1 
ATOM   989  O  OD1 . ASN A 1 129 ? -13.724 7.474   -0.561  1.00 20.02 ? 129 ASN A OD1 1 
ATOM   990  N  ND2 . ASN A 1 129 ? -15.093 8.115   1.088   1.00 24.64 ? 129 ASN A ND2 1 
ATOM   991  N  N   . SER A 1 130 ? -10.463 11.384  0.664   1.00 16.44 ? 130 SER A N   1 
ATOM   992  C  CA  . SER A 1 130 ? -9.801  12.688  0.620   1.00 20.48 ? 130 SER A CA  1 
ATOM   993  C  C   . SER A 1 130 ? -8.295  12.434  0.657   1.00 23.49 ? 130 SER A C   1 
ATOM   994  O  O   . SER A 1 130 ? -7.694  12.404  1.734   1.00 28.03 ? 130 SER A O   1 
ATOM   995  C  CB  . SER A 1 130 ? -10.224 13.552  1.806   1.00 21.47 ? 130 SER A CB  1 
ATOM   996  O  OG  . SER A 1 130 ? -11.614 13.803  1.772   1.00 32.83 ? 130 SER A OG  1 
ATOM   997  N  N   . PRO A 1 131 ? -7.660  12.272  -0.527  1.00 21.15 ? 131 PRO A N   1 
ATOM   998  C  CA  . PRO A 1 131 ? -6.226  12.010  -0.678  1.00 16.24 ? 131 PRO A CA  1 
ATOM   999  C  C   . PRO A 1 131 ? -5.314  12.980  0.063   1.00 17.69 ? 131 PRO A C   1 
ATOM   1000 O  O   . PRO A 1 131 ? -5.573  14.191  0.098   1.00 17.39 ? 131 PRO A O   1 
ATOM   1001 C  CB  . PRO A 1 131 ? -6.018  12.117  -2.190  1.00 15.72 ? 131 PRO A CB  1 
ATOM   1002 C  CG  . PRO A 1 131 ? -7.334  11.732  -2.751  1.00 18.81 ? 131 PRO A CG  1 
ATOM   1003 C  CD  . PRO A 1 131 ? -8.277  12.476  -1.849  1.00 22.04 ? 131 PRO A CD  1 
ATOM   1004 N  N   . ARG A 1 132 ? -4.255  12.426  0.651   1.00 16.39 ? 132 ARG A N   1 
ATOM   1005 C  CA  . ARG A 1 132 ? -3.252  13.195  1.388   1.00 15.70 ? 132 ARG A CA  1 
ATOM   1006 C  C   . ARG A 1 132 ? -1.883  12.546  1.206   1.00 13.50 ? 132 ARG A C   1 
ATOM   1007 O  O   . ARG A 1 132 ? -1.775  11.399  0.768   1.00 12.89 ? 132 ARG A O   1 
ATOM   1008 C  CB  . ARG A 1 132 ? -3.593  13.299  2.891   1.00 11.70 ? 132 ARG A CB  1 
ATOM   1009 C  CG  . ARG A 1 132 ? -3.749  11.957  3.591   1.00 8.24  ? 132 ARG A CG  1 
ATOM   1010 C  CD  . ARG A 1 132 ? -3.964  12.078  5.106   1.00 8.81  ? 132 ARG A CD  1 
ATOM   1011 N  NE  . ARG A 1 132 ? -4.045  10.742  5.693   1.00 10.03 ? 132 ARG A NE  1 
ATOM   1012 C  CZ  . ARG A 1 132 ? -4.197  10.468  6.986   1.00 6.74  ? 132 ARG A CZ  1 
ATOM   1013 N  NH1 . ARG A 1 132 ? -4.283  11.443  7.878   1.00 4.60  ? 132 ARG A NH1 1 
ATOM   1014 N  NH2 . ARG A 1 132 ? -4.290  9.208   7.383   1.00 2.00  ? 132 ARG A NH2 1 
ATOM   1015 N  N   . THR A 1 133 ? -0.841  13.303  1.532   1.00 14.07 ? 133 THR A N   1 
ATOM   1016 C  CA  . THR A 1 133 ? 0.528   12.832  1.422   1.00 16.76 ? 133 THR A CA  1 
ATOM   1017 C  C   . THR A 1 133 ? 1.247   12.884  2.770   1.00 17.78 ? 133 THR A C   1 
ATOM   1018 O  O   . THR A 1 133 ? 2.438   12.586  2.852   1.00 15.24 ? 133 THR A O   1 
ATOM   1019 C  CB  . THR A 1 133 ? 1.318   13.673  0.399   1.00 20.17 ? 133 THR A CB  1 
ATOM   1020 O  OG1 . THR A 1 133 ? 1.110   15.068  0.660   1.00 19.45 ? 133 THR A OG1 1 
ATOM   1021 C  CG2 . THR A 1 133 ? 0.867   13.349  -1.011  1.00 17.88 ? 133 THR A CG2 1 
ATOM   1022 N  N   . SER A 1 134 ? 0.507   13.233  3.824   1.00 21.23 ? 134 SER A N   1 
ATOM   1023 C  CA  . SER A 1 134 ? 1.056   13.341  5.184   1.00 22.35 ? 134 SER A CA  1 
ATOM   1024 C  C   . SER A 1 134 ? -0.008  12.926  6.199   1.00 21.30 ? 134 SER A C   1 
ATOM   1025 O  O   . SER A 1 134 ? -1.162  13.350  6.091   1.00 23.79 ? 134 SER A O   1 
ATOM   1026 C  CB  . SER A 1 134 ? 1.450   14.797  5.480   1.00 18.13 ? 134 SER A CB  1 
ATOM   1027 O  OG  . SER A 1 134 ? 2.182   15.379  4.413   1.00 23.08 ? 134 SER A OG  1 
ATOM   1028 N  N   . GLY A 1 135 ? 0.366   12.111  7.180   1.00 13.94 ? 135 GLY A N   1 
ATOM   1029 C  CA  . GLY A 1 135 ? -0.602  11.711  8.186   1.00 13.31 ? 135 GLY A CA  1 
ATOM   1030 C  C   . GLY A 1 135 ? -0.279  10.466  8.984   1.00 13.05 ? 135 GLY A C   1 
ATOM   1031 O  O   . GLY A 1 135 ? 0.854   9.982   8.986   1.00 14.80 ? 135 GLY A O   1 
ATOM   1032 N  N   . THR A 1 136 ? -1.279  9.987   9.714   1.00 13.85 ? 136 THR A N   1 
ATOM   1033 C  CA  . THR A 1 136 ? -1.165  8.784   10.529  1.00 12.05 ? 136 THR A CA  1 
ATOM   1034 C  C   . THR A 1 136 ? -2.276  7.874   10.062  1.00 10.67 ? 136 THR A C   1 
ATOM   1035 O  O   . THR A 1 136 ? -3.368  8.341   9.739   1.00 17.43 ? 136 THR A O   1 
ATOM   1036 C  CB  . THR A 1 136 ? -1.406  9.071   12.020  1.00 14.11 ? 136 THR A CB  1 
ATOM   1037 O  OG1 . THR A 1 136 ? -0.450  10.025  12.485  1.00 19.93 ? 136 THR A OG1 1 
ATOM   1038 C  CG2 . THR A 1 136 ? -1.292  7.788   12.843  1.00 13.60 ? 136 THR A CG2 1 
ATOM   1039 N  N   . VAL A 1 137 ? -1.991  6.581   10.021  1.00 10.20 ? 137 VAL A N   1 
ATOM   1040 C  CA  . VAL A 1 137 ? -2.959  5.587   9.595   1.00 12.37 ? 137 VAL A CA  1 
ATOM   1041 C  C   . VAL A 1 137 ? -3.154  4.572   10.719  1.00 12.25 ? 137 VAL A C   1 
ATOM   1042 O  O   . VAL A 1 137 ? -2.284  3.731   10.960  1.00 13.72 ? 137 VAL A O   1 
ATOM   1043 C  CB  . VAL A 1 137 ? -2.473  4.849   8.311   1.00 12.53 ? 137 VAL A CB  1 
ATOM   1044 C  CG1 . VAL A 1 137 ? -3.425  3.717   7.932   1.00 13.09 ? 137 VAL A CG1 1 
ATOM   1045 C  CG2 . VAL A 1 137 ? -2.352  5.819   7.171   1.00 12.80 ? 137 VAL A CG2 1 
ATOM   1046 N  N   . THR A 1 138 ? -4.267  4.697   11.440  1.00 13.04 ? 138 THR A N   1 
ATOM   1047 C  CA  . THR A 1 138 ? -4.599  3.776   12.526  1.00 11.59 ? 138 THR A CA  1 
ATOM   1048 C  C   . THR A 1 138 ? -5.039  2.466   11.855  1.00 14.32 ? 138 THR A C   1 
ATOM   1049 O  O   . THR A 1 138 ? -6.219  2.262   11.566  1.00 15.72 ? 138 THR A O   1 
ATOM   1050 C  CB  . THR A 1 138 ? -5.740  4.347   13.418  1.00 7.75  ? 138 THR A CB  1 
ATOM   1051 O  OG1 . THR A 1 138 ? -5.419  5.688   13.805  1.00 10.68 ? 138 THR A OG1 1 
ATOM   1052 C  CG2 . THR A 1 138 ? -5.900  3.525   14.674  1.00 5.20  ? 138 THR A CG2 1 
ATOM   1053 N  N   . VAL A 1 139 ? -4.073  1.594   11.582  1.00 14.15 ? 139 VAL A N   1 
ATOM   1054 C  CA  . VAL A 1 139 ? -4.339  0.325   10.911  1.00 15.62 ? 139 VAL A CA  1 
ATOM   1055 C  C   . VAL A 1 139 ? -5.413  -0.593  11.501  1.00 17.51 ? 139 VAL A C   1 
ATOM   1056 O  O   . VAL A 1 139 ? -6.070  -1.326  10.754  1.00 14.41 ? 139 VAL A O   1 
ATOM   1057 C  CB  . VAL A 1 139 ? -3.032  -0.478  10.683  1.00 14.64 ? 139 VAL A CB  1 
ATOM   1058 C  CG1 . VAL A 1 139 ? -2.153  0.235   9.669   1.00 12.03 ? 139 VAL A CG1 1 
ATOM   1059 C  CG2 . VAL A 1 139 ? -2.286  -0.659  11.984  1.00 14.19 ? 139 VAL A CG2 1 
ATOM   1060 N  N   . GLN A 1 140 ? -5.601  -0.563  12.820  1.00 20.29 ? 140 GLN A N   1 
ATOM   1061 C  CA  . GLN A 1 140 ? -6.611  -1.419  13.453  1.00 18.27 ? 140 GLN A CA  1 
ATOM   1062 C  C   . GLN A 1 140 ? -8.021  -1.078  12.990  1.00 14.79 ? 140 GLN A C   1 
ATOM   1063 O  O   . GLN A 1 140 ? -8.837  -1.969  12.797  1.00 15.65 ? 140 GLN A O   1 
ATOM   1064 C  CB  . GLN A 1 140 ? -6.547  -1.356  14.980  1.00 15.54 ? 140 GLN A CB  1 
ATOM   1065 C  CG  . GLN A 1 140 ? -5.734  -2.471  15.621  1.00 23.62 ? 140 GLN A CG  1 
ATOM   1066 C  CD  . GLN A 1 140 ? -6.201  -3.874  15.257  1.00 18.85 ? 140 GLN A CD  1 
ATOM   1067 O  OE1 . GLN A 1 140 ? -7.277  -4.313  15.654  1.00 22.55 ? 140 GLN A OE1 1 
ATOM   1068 N  NE2 . GLN A 1 140 ? -5.363  -4.601  14.529  1.00 25.49 ? 140 GLN A NE2 1 
ATOM   1069 N  N   . ASN A 1 141 ? -8.304  0.207   12.812  1.00 13.20 ? 141 ASN A N   1 
ATOM   1070 C  CA  . ASN A 1 141 ? -9.619  0.631   12.347  1.00 13.25 ? 141 ASN A CA  1 
ATOM   1071 C  C   . ASN A 1 141 ? -9.958  -0.024  11.005  1.00 12.12 ? 141 ASN A C   1 
ATOM   1072 O  O   . ASN A 1 141 ? -11.116 -0.348  10.741  1.00 14.01 ? 141 ASN A O   1 
ATOM   1073 C  CB  . ASN A 1 141 ? -9.676  2.154   12.222  1.00 12.02 ? 141 ASN A CB  1 
ATOM   1074 C  CG  . ASN A 1 141 ? -9.621  2.861   13.580  1.00 13.06 ? 141 ASN A CG  1 
ATOM   1075 O  OD1 . ASN A 1 141 ? -9.730  2.229   14.634  1.00 9.19  ? 141 ASN A OD1 1 
ATOM   1076 N  ND2 . ASN A 1 141 ? -9.468  4.178   13.553  1.00 10.95 ? 141 ASN A ND2 1 
ATOM   1077 N  N   . HIS A 1 142 ? -8.946  -0.224  10.166  1.00 10.17 ? 142 HIS A N   1 
ATOM   1078 C  CA  . HIS A 1 142 ? -9.150  -0.857  8.871   1.00 9.32  ? 142 HIS A CA  1 
ATOM   1079 C  C   . HIS A 1 142 ? -9.301  -2.355  9.023   1.00 13.36 ? 142 HIS A C   1 
ATOM   1080 O  O   . HIS A 1 142 ? -10.152 -2.955  8.382   1.00 21.20 ? 142 HIS A O   1 
ATOM   1081 C  CB  . HIS A 1 142 ? -8.016  -0.512  7.908   1.00 4.41  ? 142 HIS A CB  1 
ATOM   1082 C  CG  . HIS A 1 142 ? -7.986  0.935   7.533   1.00 3.53  ? 142 HIS A CG  1 
ATOM   1083 N  ND1 . HIS A 1 142 ? -8.740  1.450   6.502   1.00 4.07  ? 142 HIS A ND1 1 
ATOM   1084 C  CD2 . HIS A 1 142 ? -7.370  1.996   8.111   1.00 3.11  ? 142 HIS A CD2 1 
ATOM   1085 C  CE1 . HIS A 1 142 ? -8.596  2.762   6.463   1.00 2.00  ? 142 HIS A CE1 1 
ATOM   1086 N  NE2 . HIS A 1 142 ? -7.772  3.118   7.430   1.00 2.00  ? 142 HIS A NE2 1 
ATOM   1087 N  N   . PHE A 1 143 ? -8.513  -2.957  9.903   1.00 13.92 ? 143 PHE A N   1 
ATOM   1088 C  CA  . PHE A 1 143 ? -8.607  -4.395  10.122  1.00 18.36 ? 143 PHE A CA  1 
ATOM   1089 C  C   . PHE A 1 143 ? -9.969  -4.759  10.742  1.00 20.08 ? 143 PHE A C   1 
ATOM   1090 O  O   . PHE A 1 143 ? -10.540 -5.810  10.432  1.00 19.68 ? 143 PHE A O   1 
ATOM   1091 C  CB  . PHE A 1 143 ? -7.468  -4.869  11.030  1.00 21.65 ? 143 PHE A CB  1 
ATOM   1092 C  CG  . PHE A 1 143 ? -6.090  -4.606  10.479  1.00 20.73 ? 143 PHE A CG  1 
ATOM   1093 C  CD1 . PHE A 1 143 ? -5.855  -4.614  9.107   1.00 17.18 ? 143 PHE A CD1 1 
ATOM   1094 C  CD2 . PHE A 1 143 ? -5.023  -4.364  11.338  1.00 21.75 ? 143 PHE A CD2 1 
ATOM   1095 C  CE1 . PHE A 1 143 ? -4.583  -4.386  8.597   1.00 17.42 ? 143 PHE A CE1 1 
ATOM   1096 C  CE2 . PHE A 1 143 ? -3.746  -4.135  10.837  1.00 23.91 ? 143 PHE A CE2 1 
ATOM   1097 C  CZ  . PHE A 1 143 ? -3.527  -4.147  9.465   1.00 21.59 ? 143 PHE A CZ  1 
ATOM   1098 N  N   . ASN A 1 144 ? -10.474 -3.899  11.628  1.00 15.79 ? 144 ASN A N   1 
ATOM   1099 C  CA  . ASN A 1 144 ? -11.767 -4.126  12.269  1.00 14.70 ? 144 ASN A CA  1 
ATOM   1100 C  C   . ASN A 1 144 ? -12.876 -4.011  11.223  1.00 11.26 ? 144 ASN A C   1 
ATOM   1101 O  O   . ASN A 1 144 ? -13.714 -4.904  11.102  1.00 11.86 ? 144 ASN A O   1 
ATOM   1102 C  CB  . ASN A 1 144 ? -12.012 -3.119  13.406  1.00 17.45 ? 144 ASN A CB  1 
ATOM   1103 C  CG  . ASN A 1 144 ? -11.168 -3.404  14.650  1.00 10.19 ? 144 ASN A CG  1 
ATOM   1104 O  OD1 . ASN A 1 144 ? -10.467 -4.411  14.730  1.00 16.94 ? 144 ASN A OD1 1 
ATOM   1105 N  ND2 . ASN A 1 144 ? -11.242 -2.514  15.623  1.00 18.07 ? 144 ASN A ND2 1 
ATOM   1106 N  N   . ALA A 1 145 ? -12.841 -2.929  10.445  1.00 14.18 ? 145 ALA A N   1 
ATOM   1107 C  CA  . ALA A 1 145 ? -13.828 -2.683  9.392   1.00 12.10 ? 145 ALA A CA  1 
ATOM   1108 C  C   . ALA A 1 145 ? -13.817 -3.800  8.349   1.00 15.92 ? 145 ALA A C   1 
ATOM   1109 O  O   . ALA A 1 145 ? -14.868 -4.229  7.868   1.00 18.65 ? 145 ALA A O   1 
ATOM   1110 C  CB  . ALA A 1 145 ? -13.563 -1.360  8.736   1.00 7.45  ? 145 ALA A CB  1 
ATOM   1111 N  N   . TRP A 1 146 ? -12.625 -4.285  8.021   1.00 15.92 ? 146 TRP A N   1 
ATOM   1112 C  CA  . TRP A 1 146 ? -12.485 -5.354  7.050   1.00 15.77 ? 146 TRP A CA  1 
ATOM   1113 C  C   . TRP A 1 146 ? -13.118 -6.634  7.587   1.00 18.77 ? 146 TRP A C   1 
ATOM   1114 O  O   . TRP A 1 146 ? -13.914 -7.276  6.903   1.00 21.13 ? 146 TRP A O   1 
ATOM   1115 C  CB  . TRP A 1 146 ? -11.004 -5.580  6.706   1.00 16.14 ? 146 TRP A CB  1 
ATOM   1116 C  CG  . TRP A 1 146 ? -10.366 -4.457  5.893   1.00 22.03 ? 146 TRP A CG  1 
ATOM   1117 C  CD1 . TRP A 1 146 ? -11.009 -3.414  5.262   1.00 16.28 ? 146 TRP A CD1 1 
ATOM   1118 C  CD2 . TRP A 1 146 ? -8.966  -4.279  5.626   1.00 20.45 ? 146 TRP A CD2 1 
ATOM   1119 N  NE1 . TRP A 1 146 ? -10.091 -2.611  4.623   1.00 17.78 ? 146 TRP A NE1 1 
ATOM   1120 C  CE2 . TRP A 1 146 ? -8.834  -3.114  4.828   1.00 19.73 ? 146 TRP A CE2 1 
ATOM   1121 C  CE3 . TRP A 1 146 ? -7.814  -4.987  5.982   1.00 12.87 ? 146 TRP A CE3 1 
ATOM   1122 C  CZ2 . TRP A 1 146 ? -7.595  -2.648  4.383   1.00 13.42 ? 146 TRP A CZ2 1 
ATOM   1123 C  CZ3 . TRP A 1 146 ? -6.585  -4.520  5.539   1.00 15.70 ? 146 TRP A CZ3 1 
ATOM   1124 C  CH2 . TRP A 1 146 ? -6.488  -3.361  4.748   1.00 12.84 ? 146 TRP A CH2 1 
ATOM   1125 N  N   . ALA A 1 147 ? -12.794 -6.973  8.832   1.00 17.73 ? 147 ALA A N   1 
ATOM   1126 C  CA  . ALA A 1 147 ? -13.324 -8.172  9.473   1.00 18.55 ? 147 ALA A CA  1 
ATOM   1127 C  C   . ALA A 1 147 ? -14.846 -8.148  9.562   1.00 19.08 ? 147 ALA A C   1 
ATOM   1128 O  O   . ALA A 1 147 ? -15.493 -9.157  9.283   1.00 16.89 ? 147 ALA A O   1 
ATOM   1129 C  CB  . ALA A 1 147 ? -12.721 -8.334  10.864  1.00 19.27 ? 147 ALA A CB  1 
ATOM   1130 N  N   . SER A 1 148 ? -15.406 -6.983  9.901   1.00 15.26 ? 148 SER A N   1 
ATOM   1131 C  CA  . SER A 1 148 ? -16.856 -6.830  10.040  1.00 16.35 ? 148 SER A CA  1 
ATOM   1132 C  C   . SER A 1 148 ? -17.629 -7.003  8.736   1.00 18.62 ? 148 SER A C   1 
ATOM   1133 O  O   . SER A 1 148 ? -18.824 -7.307  8.755   1.00 22.15 ? 148 SER A O   1 
ATOM   1134 C  CB  . SER A 1 148 ? -17.212 -5.486  10.692  1.00 15.36 ? 148 SER A CB  1 
ATOM   1135 O  OG  . SER A 1 148 ? -16.948 -4.387  9.843   1.00 14.59 ? 148 SER A OG  1 
ATOM   1136 N  N   . LEU A 1 149 ? -16.945 -6.813  7.609   1.00 17.68 ? 149 LEU A N   1 
ATOM   1137 C  CA  . LEU A 1 149 ? -17.553 -6.966  6.293   1.00 13.16 ? 149 LEU A CA  1 
ATOM   1138 C  C   . LEU A 1 149 ? -17.220 -8.325  5.684   1.00 12.24 ? 149 LEU A C   1 
ATOM   1139 O  O   . LEU A 1 149 ? -17.521 -8.579  4.516   1.00 7.61  ? 149 LEU A O   1 
ATOM   1140 C  CB  . LEU A 1 149 ? -17.083 -5.850  5.363   1.00 17.81 ? 149 LEU A CB  1 
ATOM   1141 C  CG  . LEU A 1 149 ? -17.517 -4.434  5.761   1.00 21.73 ? 149 LEU A CG  1 
ATOM   1142 C  CD1 . LEU A 1 149 ? -16.776 -3.385  4.930   1.00 19.58 ? 149 LEU A CD1 1 
ATOM   1143 C  CD2 . LEU A 1 149 ? -19.020 -4.295  5.595   1.00 16.29 ? 149 LEU A CD2 1 
ATOM   1144 N  N   . GLY A 1 150 ? -16.607 -9.197  6.482   1.00 8.64  ? 150 GLY A N   1 
ATOM   1145 C  CA  . GLY A 1 150 ? -16.247 -10.522 5.997   1.00 18.64 ? 150 GLY A CA  1 
ATOM   1146 C  C   . GLY A 1 150 ? -14.864 -10.639 5.366   1.00 19.05 ? 150 GLY A C   1 
ATOM   1147 O  O   . GLY A 1 150 ? -14.517 -11.675 4.799   1.00 15.63 ? 150 GLY A O   1 
ATOM   1148 N  N   . LEU A 1 151 ? -14.088 -9.560  5.426   1.00 22.37 ? 151 LEU A N   1 
ATOM   1149 C  CA  . LEU A 1 151 ? -12.736 -9.559  4.880   1.00 19.97 ? 151 LEU A CA  1 
ATOM   1150 C  C   . LEU A 1 151 ? -11.813 -10.069 5.990   1.00 17.18 ? 151 LEU A C   1 
ATOM   1151 O  O   . LEU A 1 151 ? -11.307 -9.308  6.820   1.00 13.46 ? 151 LEU A O   1 
ATOM   1152 C  CB  . LEU A 1 151 ? -12.351 -8.152  4.385   1.00 17.02 ? 151 LEU A CB  1 
ATOM   1153 C  CG  . LEU A 1 151 ? -13.331 -7.505  3.391   1.00 16.14 ? 151 LEU A CG  1 
ATOM   1154 C  CD1 . LEU A 1 151 ? -12.715 -6.263  2.769   1.00 19.67 ? 151 LEU A CD1 1 
ATOM   1155 C  CD2 . LEU A 1 151 ? -13.713 -8.493  2.300   1.00 17.57 ? 151 LEU A CD2 1 
ATOM   1156 N  N   . HIS A 1 152 ? -11.637 -11.386 5.986   1.00 16.29 ? 152 HIS A N   1 
ATOM   1157 C  CA  . HIS A 1 152 ? -10.851 -12.129 6.969   1.00 18.30 ? 152 HIS A CA  1 
ATOM   1158 C  C   . HIS A 1 152 ? -9.322  -12.162 6.726   1.00 21.10 ? 152 HIS A C   1 
ATOM   1159 O  O   . HIS A 1 152 ? -8.858  -12.585 5.661   1.00 20.75 ? 152 HIS A O   1 
ATOM   1160 C  CB  . HIS A 1 152 ? -11.430 -13.554 7.003   1.00 20.21 ? 152 HIS A CB  1 
ATOM   1161 C  CG  . HIS A 1 152 ? -10.918 -14.412 8.113   1.00 18.02 ? 152 HIS A CG  1 
ATOM   1162 N  ND1 . HIS A 1 152 ? -10.274 -15.610 7.888   1.00 18.68 ? 152 HIS A ND1 1 
ATOM   1163 C  CD2 . HIS A 1 152 ? -10.991 -14.271 9.459   1.00 20.87 ? 152 HIS A CD2 1 
ATOM   1164 C  CE1 . HIS A 1 152 ? -9.972  -16.171 9.045   1.00 22.54 ? 152 HIS A CE1 1 
ATOM   1165 N  NE2 . HIS A 1 152 ? -10.400 -15.379 10.014  1.00 26.21 ? 152 HIS A NE2 1 
ATOM   1166 N  N   . LEU A 1 153 ? -8.551  -11.742 7.736   1.00 21.58 ? 153 LEU A N   1 
ATOM   1167 C  CA  . LEU A 1 153 ? -7.078  -11.731 7.668   1.00 21.75 ? 153 LEU A CA  1 
ATOM   1168 C  C   . LEU A 1 153 ? -6.457  -12.896 8.444   1.00 20.12 ? 153 LEU A C   1 
ATOM   1169 O  O   . LEU A 1 153 ? -7.086  -13.459 9.344   1.00 26.30 ? 153 LEU A O   1 
ATOM   1170 C  CB  . LEU A 1 153 ? -6.506  -10.426 8.227   1.00 17.83 ? 153 LEU A CB  1 
ATOM   1171 C  CG  . LEU A 1 153 ? -6.622  -9.108  7.464   1.00 23.50 ? 153 LEU A CG  1 
ATOM   1172 C  CD1 . LEU A 1 153 ? -5.885  -8.024  8.220   1.00 20.00 ? 153 LEU A CD1 1 
ATOM   1173 C  CD2 . LEU A 1 153 ? -6.022  -9.262  6.081   1.00 32.95 ? 153 LEU A CD2 1 
ATOM   1174 N  N   . GLY A 1 154 ? -5.225  -13.250 8.088   1.00 20.92 ? 154 GLY A N   1 
ATOM   1175 C  CA  . GLY A 1 154 ? -4.522  -14.335 8.760   1.00 24.30 ? 154 GLY A CA  1 
ATOM   1176 C  C   . GLY A 1 154 ? -3.343  -13.818 9.564   1.00 26.26 ? 154 GLY A C   1 
ATOM   1177 O  O   . GLY A 1 154 ? -3.447  -12.762 10.195  1.00 29.96 ? 154 GLY A O   1 
ATOM   1178 N  N   . GLN A 1 155 ? -2.230  -14.559 9.556   1.00 25.65 ? 155 GLN A N   1 
ATOM   1179 C  CA  . GLN A 1 155 ? -1.014  -14.163 10.274  1.00 22.54 ? 155 GLN A CA  1 
ATOM   1180 C  C   . GLN A 1 155 ? -0.357  -12.982 9.562   1.00 22.41 ? 155 GLN A C   1 
ATOM   1181 O  O   . GLN A 1 155 ? -0.176  -13.008 8.345   1.00 25.34 ? 155 GLN A O   1 
ATOM   1182 C  CB  . GLN A 1 155 ? -0.001  -15.304 10.306  1.00 22.36 ? 155 GLN A CB  1 
ATOM   1183 C  CG  . GLN A 1 155 ? -0.561  -16.659 10.663  1.00 36.32 ? 155 GLN A CG  1 
ATOM   1184 C  CD  . GLN A 1 155 ? 0.406   -17.783 10.331  1.00 41.08 ? 155 GLN A CD  1 
ATOM   1185 O  OE1 . GLN A 1 155 ? 0.021   -18.802 9.751   1.00 44.55 ? 155 GLN A OE1 1 
ATOM   1186 N  NE2 . GLN A 1 155 ? 1.673   -17.598 10.687  1.00 43.75 ? 155 GLN A NE2 1 
ATOM   1187 N  N   . MET A 1 156 ? 0.047   -11.972 10.326  1.00 16.39 ? 156 MET A N   1 
ATOM   1188 C  CA  . MET A 1 156 ? 0.687   -10.794 9.758   1.00 18.34 ? 156 MET A CA  1 
ATOM   1189 C  C   . MET A 1 156 ? 2.079   -11.073 9.205   1.00 20.24 ? 156 MET A C   1 
ATOM   1190 O  O   . MET A 1 156 ? 2.918   -11.691 9.867   1.00 22.38 ? 156 MET A O   1 
ATOM   1191 C  CB  . MET A 1 156 ? 0.805   -9.688  10.813  1.00 22.35 ? 156 MET A CB  1 
ATOM   1192 C  CG  . MET A 1 156 ? -0.502  -9.008  11.163  1.00 25.94 ? 156 MET A CG  1 
ATOM   1193 S  SD  . MET A 1 156 ? -1.099  -7.971  9.843   1.00 28.16 ? 156 MET A SD  1 
ATOM   1194 C  CE  . MET A 1 156 ? -0.782  -6.385  10.535  1.00 29.98 ? 156 MET A CE  1 
ATOM   1195 N  N   . ASN A 1 157 ? 2.306   -10.628 7.971   1.00 18.20 ? 157 ASN A N   1 
ATOM   1196 C  CA  . ASN A 1 157 ? 3.603   -10.761 7.336   1.00 11.75 ? 157 ASN A CA  1 
ATOM   1197 C  C   . ASN A 1 157 ? 4.142   -9.333  7.237   1.00 11.57 ? 157 ASN A C   1 
ATOM   1198 O  O   . ASN A 1 157 ? 3.808   -8.516  8.085   1.00 14.32 ? 157 ASN A O   1 
ATOM   1199 C  CB  . ASN A 1 157 ? 3.497   -11.425 5.970   1.00 9.99  ? 157 ASN A CB  1 
ATOM   1200 C  CG  . ASN A 1 157 ? 4.835   -11.950 5.489   1.00 13.25 ? 157 ASN A CG  1 
ATOM   1201 O  OD1 . ASN A 1 157 ? 5.607   -11.237 4.842   1.00 15.39 ? 157 ASN A OD1 1 
ATOM   1202 N  ND2 . ASN A 1 157 ? 5.132   -13.196 5.834   1.00 4.40  ? 157 ASN A ND2 1 
ATOM   1203 N  N   . TYR A 1 158 ? 4.915   -8.993  6.205   1.00 9.94  ? 158 TYR A N   1 
ATOM   1204 C  CA  . TYR A 1 158 ? 5.456   -7.641  6.142   1.00 9.08  ? 158 TYR A CA  1 
ATOM   1205 C  C   . TYR A 1 158 ? 4.424   -6.528  5.942   1.00 14.50 ? 158 TYR A C   1 
ATOM   1206 O  O   . TYR A 1 158 ? 3.323   -6.756  5.430   1.00 13.80 ? 158 TYR A O   1 
ATOM   1207 C  CB  . TYR A 1 158 ? 6.626   -7.544  5.155   1.00 12.53 ? 158 TYR A CB  1 
ATOM   1208 C  CG  . TYR A 1 158 ? 6.277   -7.567  3.681   1.00 13.15 ? 158 TYR A CG  1 
ATOM   1209 C  CD1 . TYR A 1 158 ? 5.875   -6.399  3.024   1.00 8.09  ? 158 TYR A CD1 1 
ATOM   1210 C  CD2 . TYR A 1 158 ? 6.429   -8.734  2.925   1.00 10.27 ? 158 TYR A CD2 1 
ATOM   1211 C  CE1 . TYR A 1 158 ? 5.637   -6.389  1.657   1.00 10.58 ? 158 TYR A CE1 1 
ATOM   1212 C  CE2 . TYR A 1 158 ? 6.199   -8.733  1.555   1.00 8.15  ? 158 TYR A CE2 1 
ATOM   1213 C  CZ  . TYR A 1 158 ? 5.801   -7.558  0.925   1.00 12.56 ? 158 TYR A CZ  1 
ATOM   1214 O  OH  . TYR A 1 158 ? 5.555   -7.545  -0.437  1.00 15.15 ? 158 TYR A OH  1 
ATOM   1215 N  N   . GLN A 1 159 ? 4.788   -5.324  6.374   1.00 10.54 ? 159 GLN A N   1 
ATOM   1216 C  CA  . GLN A 1 159 ? 3.905   -4.169  6.297   1.00 13.32 ? 159 GLN A CA  1 
ATOM   1217 C  C   . GLN A 1 159 ? 4.760   -2.940  6.052   1.00 12.94 ? 159 GLN A C   1 
ATOM   1218 O  O   . GLN A 1 159 ? 5.547   -2.544  6.904   1.00 16.50 ? 159 GLN A O   1 
ATOM   1219 C  CB  . GLN A 1 159 ? 3.144   -4.048  7.618   1.00 13.24 ? 159 GLN A CB  1 
ATOM   1220 C  CG  . GLN A 1 159 ? 2.186   -2.889  7.745   1.00 22.39 ? 159 GLN A CG  1 
ATOM   1221 C  CD  . GLN A 1 159 ? 1.537   -2.853  9.126   1.00 27.63 ? 159 GLN A CD  1 
ATOM   1222 O  OE1 . GLN A 1 159 ? 2.035   -2.197  10.043  1.00 28.16 ? 159 GLN A OE1 1 
ATOM   1223 N  NE2 . GLN A 1 159 ? 0.442   -3.583  9.283   1.00 26.89 ? 159 GLN A NE2 1 
ATOM   1224 N  N   . VAL A 1 160 ? 4.602   -2.335  4.879   1.00 16.05 ? 160 VAL A N   1 
ATOM   1225 C  CA  . VAL A 1 160 ? 5.387   -1.163  4.517   1.00 11.57 ? 160 VAL A CA  1 
ATOM   1226 C  C   . VAL A 1 160 ? 4.515   -0.017  4.040   1.00 9.21  ? 160 VAL A C   1 
ATOM   1227 O  O   . VAL A 1 160 ? 3.311   -0.156  3.922   1.00 11.90 ? 160 VAL A O   1 
ATOM   1228 C  CB  . VAL A 1 160 ? 6.390   -1.494  3.358   1.00 8.97  ? 160 VAL A CB  1 
ATOM   1229 C  CG1 . VAL A 1 160 ? 7.452   -2.501  3.813   1.00 7.36  ? 160 VAL A CG1 1 
ATOM   1230 C  CG2 . VAL A 1 160 ? 5.641   -2.030  2.145   1.00 12.91 ? 160 VAL A CG2 1 
ATOM   1231 N  N   . VAL A 1 161 ? 5.143   1.139   3.867   1.00 10.95 ? 161 VAL A N   1 
ATOM   1232 C  CA  . VAL A 1 161 ? 4.503   2.324   3.324   1.00 9.07  ? 161 VAL A CA  1 
ATOM   1233 C  C   . VAL A 1 161 ? 5.139   2.292   1.939   1.00 12.17 ? 161 VAL A C   1 
ATOM   1234 O  O   . VAL A 1 161 ? 6.356   2.405   1.816   1.00 7.57  ? 161 VAL A O   1 
ATOM   1235 C  CB  . VAL A 1 161 ? 4.941   3.594   4.055   1.00 7.81  ? 161 VAL A CB  1 
ATOM   1236 C  CG1 . VAL A 1 161 ? 4.480   4.829   3.293   1.00 12.11 ? 161 VAL A CG1 1 
ATOM   1237 C  CG2 . VAL A 1 161 ? 4.377   3.600   5.456   1.00 15.98 ? 161 VAL A CG2 1 
ATOM   1238 N  N   . ALA A 1 162 ? 4.336   2.068   0.906   1.00 12.81 ? 162 ALA A N   1 
ATOM   1239 C  CA  . ALA A 1 162 ? 4.874   1.964   -0.442  1.00 11.82 ? 162 ALA A CA  1 
ATOM   1240 C  C   . ALA A 1 162 ? 4.261   2.866   -1.505  1.00 14.52 ? 162 ALA A C   1 
ATOM   1241 O  O   . ALA A 1 162 ? 3.153   3.391   -1.360  1.00 12.88 ? 162 ALA A O   1 
ATOM   1242 C  CB  . ALA A 1 162 ? 4.811   0.501   -0.897  1.00 9.78  ? 162 ALA A CB  1 
ATOM   1243 N  N   . VAL A 1 163 ? 5.036   3.078   -2.561  1.00 12.91 ? 163 VAL A N   1 
ATOM   1244 C  CA  . VAL A 1 163 ? 4.615   3.869   -3.705  1.00 12.25 ? 163 VAL A CA  1 
ATOM   1245 C  C   . VAL A 1 163 ? 4.601   2.843   -4.821  1.00 12.10 ? 163 VAL A C   1 
ATOM   1246 O  O   . VAL A 1 163 ? 5.516   2.023   -4.923  1.00 12.70 ? 163 VAL A O   1 
ATOM   1247 C  CB  . VAL A 1 163 ? 5.628   4.988   -4.044  1.00 14.08 ? 163 VAL A CB  1 
ATOM   1248 C  CG1 . VAL A 1 163 ? 5.305   5.600   -5.394  1.00 18.46 ? 163 VAL A CG1 1 
ATOM   1249 C  CG2 . VAL A 1 163 ? 5.593   6.073   -2.979  1.00 16.66 ? 163 VAL A CG2 1 
ATOM   1250 N  N   . GLU A 1 164 ? 3.536   2.837   -5.609  1.00 10.65 ? 164 GLU A N   1 
ATOM   1251 C  CA  . GLU A 1 164 ? 3.412   1.882   -6.706  1.00 11.62 ? 164 GLU A CA  1 
ATOM   1252 C  C   . GLU A 1 164 ? 2.947   2.629   -7.937  1.00 13.26 ? 164 GLU A C   1 
ATOM   1253 O  O   . GLU A 1 164 ? 2.153   3.563   -7.839  1.00 12.01 ? 164 GLU A O   1 
ATOM   1254 C  CB  . GLU A 1 164 ? 2.424   0.767   -6.335  1.00 12.98 ? 164 GLU A CB  1 
ATOM   1255 C  CG  . GLU A 1 164 ? 2.081   -0.196  -7.474  1.00 4.97  ? 164 GLU A CG  1 
ATOM   1256 C  CD  . GLU A 1 164 ? 1.321   -1.445  -7.013  1.00 14.76 ? 164 GLU A CD  1 
ATOM   1257 O  OE1 . GLU A 1 164 ? 0.894   -1.494  -5.839  1.00 15.48 ? 164 GLU A OE1 1 
ATOM   1258 O  OE2 . GLU A 1 164 ? 1.155   -2.384  -7.829  1.00 17.20 ? 164 GLU A OE2 1 
ATOM   1259 N  N   . GLY A 1 165 ? 3.475   2.252   -9.098  1.00 15.40 ? 165 GLY A N   1 
ATOM   1260 C  CA  . GLY A 1 165 ? 3.080   2.940   -10.308 1.00 14.36 ? 165 GLY A CA  1 
ATOM   1261 C  C   . GLY A 1 165 ? 3.430   2.251   -11.607 1.00 15.34 ? 165 GLY A C   1 
ATOM   1262 O  O   . GLY A 1 165 ? 4.072   1.197   -11.626 1.00 15.80 ? 165 GLY A O   1 
ATOM   1263 N  N   . TRP A 1 166 ? 2.966   2.859   -12.693 1.00 15.41 ? 166 TRP A N   1 
ATOM   1264 C  CA  . TRP A 1 166 ? 3.190   2.378   -14.047 1.00 12.73 ? 166 TRP A CA  1 
ATOM   1265 C  C   . TRP A 1 166 ? 2.564   3.364   -15.024 1.00 15.39 ? 166 TRP A C   1 
ATOM   1266 O  O   . TRP A 1 166 ? 1.761   4.218   -14.630 1.00 11.49 ? 166 TRP A O   1 
ATOM   1267 C  CB  . TRP A 1 166 ? 2.573   0.984   -14.253 1.00 16.65 ? 166 TRP A CB  1 
ATOM   1268 C  CG  . TRP A 1 166 ? 1.064   0.913   -14.131 1.00 20.35 ? 166 TRP A CG  1 
ATOM   1269 C  CD1 . TRP A 1 166 ? 0.144   1.135   -15.127 1.00 19.49 ? 166 TRP A CD1 1 
ATOM   1270 C  CD2 . TRP A 1 166 ? 0.308   0.502   -12.979 1.00 19.76 ? 166 TRP A CD2 1 
ATOM   1271 N  NE1 . TRP A 1 166 ? -1.124  0.872   -14.669 1.00 17.15 ? 166 TRP A NE1 1 
ATOM   1272 C  CE2 . TRP A 1 166 ? -1.056  0.484   -13.358 1.00 18.65 ? 166 TRP A CE2 1 
ATOM   1273 C  CE3 . TRP A 1 166 ? 0.651   0.142   -11.668 1.00 16.93 ? 166 TRP A CE3 1 
ATOM   1274 C  CZ2 . TRP A 1 166 ? -2.075  0.120   -12.472 1.00 21.72 ? 166 TRP A CZ2 1 
ATOM   1275 C  CZ3 . TRP A 1 166 ? -0.366  -0.219  -10.785 1.00 16.92 ? 166 TRP A CZ3 1 
ATOM   1276 C  CH2 . TRP A 1 166 ? -1.712  -0.228  -11.192 1.00 23.25 ? 166 TRP A CH2 1 
ATOM   1277 N  N   . GLY A 1 167 ? 2.977   3.267   -16.285 1.00 17.86 ? 167 GLY A N   1 
ATOM   1278 C  CA  . GLY A 1 167 ? 2.447   4.128   -17.327 1.00 18.57 ? 167 GLY A CA  1 
ATOM   1279 C  C   . GLY A 1 167 ? 2.838   5.594   -17.314 1.00 17.60 ? 167 GLY A C   1 
ATOM   1280 O  O   . GLY A 1 167 ? 2.191   6.408   -17.976 1.00 18.02 ? 167 GLY A O   1 
ATOM   1281 N  N   . GLY A 1 168 ? 3.889   5.948   -16.585 1.00 15.22 ? 168 GLY A N   1 
ATOM   1282 C  CA  . GLY A 1 168 ? 4.298   7.340   -16.560 1.00 12.87 ? 168 GLY A CA  1 
ATOM   1283 C  C   . GLY A 1 168 ? 5.456   7.662   -15.639 1.00 7.64  ? 168 GLY A C   1 
ATOM   1284 O  O   . GLY A 1 168 ? 6.242   6.787   -15.274 1.00 2.00  ? 168 GLY A O   1 
ATOM   1285 N  N   . SER A 1 169 ? 5.538   8.930   -15.254 1.00 9.45  ? 169 SER A N   1 
ATOM   1286 C  CA  . SER A 1 169 ? 6.594   9.404   -14.373 1.00 9.36  ? 169 SER A CA  1 
ATOM   1287 C  C   . SER A 1 169 ? 6.060   10.102  -13.116 1.00 11.87 ? 169 SER A C   1 
ATOM   1288 O  O   . SER A 1 169 ? 4.863   10.418  -13.008 1.00 12.89 ? 169 SER A O   1 
ATOM   1289 C  CB  . SER A 1 169 ? 7.524   10.350  -15.136 1.00 4.84  ? 169 SER A CB  1 
ATOM   1290 O  OG  . SER A 1 169 ? 6.829   11.492  -15.616 1.00 11.32 ? 169 SER A OG  1 
ATOM   1291 N  N   . GLY A 1 170 ? 6.960   10.315  -12.162 1.00 9.92  ? 170 GLY A N   1 
ATOM   1292 C  CA  . GLY A 1 170 ? 6.606   10.974  -10.924 1.00 6.84  ? 170 GLY A CA  1 
ATOM   1293 C  C   . GLY A 1 170 ? 7.741   10.828  -9.938  1.00 11.17 ? 170 GLY A C   1 
ATOM   1294 O  O   . GLY A 1 170 ? 8.780   10.252  -10.265 1.00 9.40  ? 170 GLY A O   1 
ATOM   1295 N  N   . SER A 1 171 ? 7.539   11.331  -8.726  1.00 9.53  ? 171 SER A N   1 
ATOM   1296 C  CA  . SER A 1 171 ? 8.547   11.247  -7.679  1.00 14.68 ? 171 SER A CA  1 
ATOM   1297 C  C   . SER A 1 171 ? 7.889   11.298  -6.301  1.00 16.92 ? 171 SER A C   1 
ATOM   1298 O  O   . SER A 1 171 ? 6.770   11.784  -6.161  1.00 17.34 ? 171 SER A O   1 
ATOM   1299 C  CB  . SER A 1 171 ? 9.572   12.377  -7.823  1.00 10.75 ? 171 SER A CB  1 
ATOM   1300 O  OG  . SER A 1 171 ? 8.970   13.644  -7.663  1.00 23.88 ? 171 SER A OG  1 
ATOM   1301 N  N   . ALA A 1 172 ? 8.598   10.801  -5.291  1.00 19.10 ? 172 ALA A N   1 
ATOM   1302 C  CA  . ALA A 1 172 ? 8.096   10.765  -3.922  1.00 19.21 ? 172 ALA A CA  1 
ATOM   1303 C  C   . ALA A 1 172 ? 9.234   10.682  -2.896  1.00 21.66 ? 172 ALA A C   1 
ATOM   1304 O  O   . ALA A 1 172 ? 10.212  9.960   -3.091  1.00 19.71 ? 172 ALA A O   1 
ATOM   1305 C  CB  . ALA A 1 172 ? 7.148   9.572   -3.750  1.00 10.49 ? 172 ALA A CB  1 
ATOM   1306 N  N   . SER A 1 173 ? 9.110   11.464  -1.827  1.00 20.26 ? 173 SER A N   1 
ATOM   1307 C  CA  . SER A 1 173 ? 10.080  11.482  -0.735  1.00 20.42 ? 173 SER A CA  1 
ATOM   1308 C  C   . SER A 1 173 ? 9.227   11.368  0.507   1.00 18.31 ? 173 SER A C   1 
ATOM   1309 O  O   . SER A 1 173 ? 8.537   12.318  0.885   1.00 15.88 ? 173 SER A O   1 
ATOM   1310 C  CB  . SER A 1 173 ? 10.873  12.791  -0.714  1.00 24.63 ? 173 SER A CB  1 
ATOM   1311 O  OG  . SER A 1 173 ? 11.674  12.925  -1.878  1.00 29.49 ? 173 SER A OG  1 
ATOM   1312 N  N   . GLN A 1 174 ? 9.250   10.187  1.117   1.00 17.01 ? 174 GLN A N   1 
ATOM   1313 C  CA  . GLN A 1 174 ? 8.431   9.918   2.283   1.00 10.80 ? 174 GLN A CA  1 
ATOM   1314 C  C   . GLN A 1 174 ? 9.195   9.501   3.533   1.00 11.96 ? 174 GLN A C   1 
ATOM   1315 O  O   . GLN A 1 174 ? 10.176  8.772   3.458   1.00 15.84 ? 174 GLN A O   1 
ATOM   1316 C  CB  . GLN A 1 174 ? 7.406   8.828   1.934   1.00 11.49 ? 174 GLN A CB  1 
ATOM   1317 C  CG  . GLN A 1 174 ? 6.311   9.267   0.954   1.00 7.48  ? 174 GLN A CG  1 
ATOM   1318 C  CD  . GLN A 1 174 ? 5.287   10.190  1.598   1.00 6.37  ? 174 GLN A CD  1 
ATOM   1319 O  OE1 . GLN A 1 174 ? 4.837   9.941   2.713   1.00 6.25  ? 174 GLN A OE1 1 
ATOM   1320 N  NE2 . GLN A 1 174 ? 4.915   11.255  0.899   1.00 2.00  ? 174 GLN A NE2 1 
ATOM   1321 N  N   . SER A 1 175 ? 8.696   9.946   4.681   1.00 17.67 ? 175 SER A N   1 
ATOM   1322 C  CA  . SER A 1 175 ? 9.258   9.624   5.991   1.00 19.08 ? 175 SER A CA  1 
ATOM   1323 C  C   . SER A 1 175 ? 8.298   8.582   6.571   1.00 19.66 ? 175 SER A C   1 
ATOM   1324 O  O   . SER A 1 175 ? 7.088   8.796   6.571   1.00 16.68 ? 175 SER A O   1 
ATOM   1325 C  CB  . SER A 1 175 ? 9.265   10.874  6.878   1.00 22.24 ? 175 SER A CB  1 
ATOM   1326 O  OG  . SER A 1 175 ? 9.814   11.993  6.189   1.00 28.46 ? 175 SER A OG  1 
ATOM   1327 N  N   . VAL A 1 176 ? 8.839   7.470   7.065   1.00 21.40 ? 176 VAL A N   1 
ATOM   1328 C  CA  . VAL A 1 176 ? 8.048   6.362   7.616   1.00 20.53 ? 176 VAL A CA  1 
ATOM   1329 C  C   . VAL A 1 176 ? 8.403   6.010   9.072   1.00 21.34 ? 176 VAL A C   1 
ATOM   1330 O  O   . VAL A 1 176 ? 9.576   5.983   9.433   1.00 21.54 ? 176 VAL A O   1 
ATOM   1331 C  CB  . VAL A 1 176 ? 8.263   5.093   6.749   1.00 17.14 ? 176 VAL A CB  1 
ATOM   1332 C  CG1 . VAL A 1 176 ? 7.530   3.899   7.327   1.00 13.57 ? 176 VAL A CG1 1 
ATOM   1333 C  CG2 . VAL A 1 176 ? 7.844   5.363   5.316   1.00 13.23 ? 176 VAL A CG2 1 
ATOM   1334 N  N   . SER A 1 177 ? 7.388   5.733   9.896   1.00 20.56 ? 177 SER A N   1 
ATOM   1335 C  CA  . SER A 1 177 ? 7.595   5.347   11.298  1.00 20.57 ? 177 SER A CA  1 
ATOM   1336 C  C   . SER A 1 177 ? 6.318   4.890   12.015  1.00 23.24 ? 177 SER A C   1 
ATOM   1337 O  O   . SER A 1 177 ? 5.213   5.020   11.491  1.00 24.12 ? 177 SER A O   1 
ATOM   1338 C  CB  . SER A 1 177 ? 8.244   6.480   12.104  1.00 15.99 ? 177 SER A CB  1 
ATOM   1339 O  OG  . SER A 1 177 ? 7.345   7.545   12.337  1.00 16.33 ? 177 SER A OG  1 
ATOM   1340 N  N   . ASN A 1 178 ? 6.498   4.343   13.214  1.00 21.06 ? 178 ASN A N   1 
ATOM   1341 C  CA  . ASN A 1 178 ? 5.398   3.870   14.054  1.00 21.42 ? 178 ASN A CA  1 
ATOM   1342 C  C   . ASN A 1 178 ? 5.891   3.727   15.490  1.00 21.75 ? 178 ASN A C   1 
ATOM   1343 O  O   . ASN A 1 178 ? 6.998   4.224   15.782  1.00 29.22 ? 178 ASN A O   1 
ATOM   1344 C  CB  . ASN A 1 178 ? 4.841   2.532   13.544  1.00 18.00 ? 178 ASN A CB  1 
ATOM   1345 C  CG  . ASN A 1 178 ? 5.799   1.377   13.739  1.00 15.61 ? 178 ASN A CG  1 
ATOM   1346 O  OD1 . ASN A 1 178 ? 5.386   0.226   13.812  1.00 18.43 ? 178 ASN A OD1 1 
ATOM   1347 N  ND2 . ASN A 1 178 ? 7.083   1.672   13.799  1.00 23.06 ? 178 ASN A ND2 1 
ATOM   1348 O  OXT . ASN A 1 178 ? 5.183   3.108   16.307  1.00 32.84 ? 178 ASN A OXT 1 
HETATM 1349 CA CA  . CA  B 2 .   ? -1.961  13.470  -4.803  1.00 15.51 ? 601 CA  A CA  1 
HETATM 1350 O  O   . HOH C 3 .   ? 16.496  0.403   5.675   1.00 57.49 ? 501 HOH A O   1 
HETATM 1351 O  O   . HOH C 3 .   ? 16.170  -4.184  -1.142  1.00 42.72 ? 502 HOH A O   1 
HETATM 1352 O  O   . HOH C 3 .   ? 4.710   -6.699  -5.036  1.00 40.05 ? 503 HOH A O   1 
HETATM 1353 O  O   . HOH C 3 .   ? 12.011  -6.448  -8.090  1.00 41.74 ? 504 HOH A O   1 
HETATM 1354 O  O   . HOH C 3 .   ? 13.410  -0.919  -13.219 1.00 41.63 ? 505 HOH A O   1 
HETATM 1355 O  O   . HOH C 3 .   ? 9.228   -0.907  -12.770 1.00 16.49 ? 506 HOH A O   1 
HETATM 1356 O  O   . HOH C 3 .   ? 9.305   -2.009  -20.258 1.00 11.73 ? 507 HOH A O   1 
HETATM 1357 O  O   . HOH C 3 .   ? 9.463   1.143   -19.290 1.00 30.60 ? 508 HOH A O   1 
HETATM 1358 O  O   . HOH C 3 .   ? 13.506  10.573  -17.554 1.00 20.29 ? 509 HOH A O   1 
HETATM 1359 O  O   . HOH C 3 .   ? 15.902  8.424   -6.200  1.00 17.83 ? 510 HOH A O   1 
HETATM 1360 O  O   . HOH C 3 .   ? 3.560   6.597   -21.517 1.00 33.23 ? 513 HOH A O   1 
HETATM 1361 O  O   . HOH C 3 .   ? 8.441   -11.389 6.654   1.00 38.98 ? 514 HOH A O   1 
HETATM 1362 O  O   . HOH C 3 .   ? 8.326   9.612   10.759  1.00 31.70 ? 515 HOH A O   1 
HETATM 1363 O  O   . HOH C 3 .   ? 3.182   16.124  -3.162  1.00 30.29 ? 516 HOH A O   1 
HETATM 1364 O  O   . HOH C 3 .   ? 3.286   7.119   -13.023 1.00 18.41 ? 517 HOH A O   1 
HETATM 1365 O  O   . HOH C 3 .   ? -2.037  4.356   -16.157 1.00 25.45 ? 518 HOH A O   1 
HETATM 1366 O  O   . HOH C 3 .   ? 1.066   1.634   -2.916  1.00 10.77 ? 519 HOH A O   1 
HETATM 1367 O  O   . HOH C 3 .   ? 1.166   -7.362  7.593   1.00 11.45 ? 520 HOH A O   1 
HETATM 1368 O  O   . HOH C 3 .   ? -3.801  -19.357 2.292   1.00 28.34 ? 521 HOH A O   1 
HETATM 1369 O  O   . HOH C 3 .   ? -3.470  -18.683 -0.587  1.00 39.87 ? 522 HOH A O   1 
HETATM 1370 O  O   . HOH C 3 .   ? -6.749  8.142   -1.751  1.00 12.77 ? 523 HOH A O   1 
HETATM 1371 O  O   . HOH C 3 .   ? -5.857  12.484  -6.252  1.00 13.82 ? 525 HOH A O   1 
HETATM 1372 O  O   . HOH C 3 .   ? -19.214 -0.502  5.751   1.00 25.68 ? 526 HOH A O   1 
HETATM 1373 O  O   . HOH C 3 .   ? -13.058 3.626   12.422  1.00 40.17 ? 527 HOH A O   1 
HETATM 1374 O  O   . HOH C 3 .   ? -16.530 3.903   10.498  1.00 28.69 ? 528 HOH A O   1 
HETATM 1375 O  O   . HOH C 3 .   ? -3.985  11.551  10.624  1.00 24.54 ? 529 HOH A O   1 
HETATM 1376 O  O   . HOH C 3 .   ? -13.679 12.691  10.295  1.00 29.28 ? 530 HOH A O   1 
HETATM 1377 O  O   . HOH C 3 .   ? -7.679  14.387  4.139   1.00 19.12 ? 531 HOH A O   1 
HETATM 1378 O  O   . HOH C 3 .   ? -13.545 11.697  2.796   1.00 11.42 ? 532 HOH A O   1 
HETATM 1379 O  O   . HOH C 3 .   ? -8.125  -19.162 -2.778  1.00 50.39 ? 533 HOH A O   1 
HETATM 1380 O  O   . HOH C 3 .   ? -12.394 7.086   -3.142  1.00 26.62 ? 534 HOH A O   1 
HETATM 1381 O  O   . HOH C 3 .   ? -10.051 8.696   -3.790  1.00 19.94 ? 535 HOH A O   1 
HETATM 1382 O  O   . HOH C 3 .   ? -1.619  16.042  1.978   1.00 24.17 ? 536 HOH A O   1 
HETATM 1383 O  O   . HOH C 3 .   ? -6.571  5.583   7.850   1.00 6.01  ? 537 HOH A O   1 
HETATM 1384 O  O   . HOH C 3 .   ? -6.864  -7.379  14.182  1.00 28.79 ? 538 HOH A O   1 
HETATM 1385 O  O   . HOH C 3 .   ? -8.930  -15.543 12.060  1.00 22.21 ? 539 HOH A O   1 
HETATM 1386 O  O   . HOH C 3 .   ? 11.510  5.492   11.456  1.00 43.73 ? 540 HOH A O   1 
HETATM 1387 O  O   . HOH C 3 .   ? 5.777   0.905   18.255  1.00 28.73 ? 541 HOH A O   1 
HETATM 1388 O  O   . HOH C 3 .   ? 16.884  -4.218  6.817   1.00 49.36 ? 542 HOH A O   1 
HETATM 1389 O  O   . HOH C 3 .   ? 12.386  -9.380  0.079   1.00 43.44 ? 543 HOH A O   1 
HETATM 1390 O  O   . HOH C 3 .   ? 14.710  -6.552  -1.674  1.00 57.67 ? 544 HOH A O   1 
HETATM 1391 O  O   . HOH C 3 .   ? 2.112   -0.885  -3.468  1.00 23.55 ? 546 HOH A O   1 
HETATM 1392 O  O   . HOH C 3 .   ? 6.461   -12.040 8.963   1.00 25.81 ? 547 HOH A O   1 
HETATM 1393 O  O   . HOH C 3 .   ? 12.167  -3.533  13.406  1.00 45.77 ? 548 HOH A O   1 
HETATM 1394 O  O   . HOH C 3 .   ? -4.277  1.008   14.897  1.00 25.61 ? 549 HOH A O   1 
HETATM 1395 O  O   . HOH C 3 .   ? 2.274   13.155  9.646   1.00 60.79 ? 550 HOH A O   1 
HETATM 1396 O  O   . HOH C 3 .   ? -4.026  2.418   -15.650 1.00 30.35 ? 551 HOH A O   1 
HETATM 1397 O  O   . HOH C 3 .   ? -3.002  7.053   -17.369 1.00 59.80 ? 552 HOH A O   1 
HETATM 1398 O  O   . HOH C 3 .   ? -1.066  -19.186 3.694   1.00 16.05 ? 553 HOH A O   1 
HETATM 1399 O  O   . HOH C 3 .   ? 1.793   -9.164  -5.800  1.00 57.49 ? 554 HOH A O   1 
HETATM 1400 O  O   . HOH C 3 .   ? 0.409   -5.375  -7.088  1.00 45.16 ? 555 HOH A O   1 
HETATM 1401 O  O   . HOH C 3 .   ? -3.485  15.789  -3.861  1.00 12.47 ? 556 HOH A O   1 
HETATM 1402 O  O   . HOH C 3 .   ? -7.553  9.951   -10.870 1.00 33.42 ? 557 HOH A O   1 
HETATM 1403 O  O   . HOH C 3 .   ? -3.862  12.192  -11.447 1.00 42.91 ? 558 HOH A O   1 
HETATM 1404 O  O   . HOH C 3 .   ? -9.910  -0.259  -5.569  1.00 36.74 ? 559 HOH A O   1 
HETATM 1405 O  O   . HOH C 3 .   ? -16.727 -7.143  -10.251 1.00 46.51 ? 560 HOH A O   1 
HETATM 1406 O  O   . HOH C 3 .   ? -17.523 -1.589  -9.276  1.00 45.83 ? 561 HOH A O   1 
HETATM 1407 O  O   . HOH C 3 .   ? -18.073 -3.374  -6.970  1.00 44.46 ? 562 HOH A O   1 
HETATM 1408 O  O   . HOH C 3 .   ? -14.394 -8.571  -6.744  1.00 43.65 ? 563 HOH A O   1 
HETATM 1409 O  O   . HOH C 3 .   ? -13.217 -10.546 -5.113  1.00 41.19 ? 564 HOH A O   1 
HETATM 1410 O  O   . HOH C 3 .   ? -13.415 0.648   12.542  1.00 24.73 ? 567 HOH A O   1 
HETATM 1411 O  O   . HOH C 3 .   ? -16.987 0.489   9.864   1.00 28.20 ? 568 HOH A O   1 
HETATM 1412 O  O   . HOH C 3 .   ? -7.359  14.939  9.096   1.00 40.58 ? 571 HOH A O   1 
HETATM 1413 O  O   . HOH C 3 .   ? -15.844 12.141  5.268   1.00 40.35 ? 572 HOH A O   1 
HETATM 1414 O  O   . HOH C 3 .   ? -18.296 12.511  6.588   1.00 41.25 ? 573 HOH A O   1 
HETATM 1415 O  O   . HOH C 3 .   ? -13.990 -13.802 0.834   1.00 34.97 ? 574 HOH A O   1 
HETATM 1416 O  O   . HOH C 3 .   ? 8.127   -17.126 -1.759  1.00 64.63 ? 575 HOH A O   1 
HETATM 1417 O  O   . HOH C 3 .   ? 0.070   -20.820 -2.356  1.00 51.27 ? 576 HOH A O   1 
HETATM 1418 O  O   . HOH C 3 .   ? -6.031  -20.758 -9.668  1.00 45.15 ? 577 HOH A O   1 
HETATM 1419 O  O   . HOH C 3 .   ? -3.223  -20.374 -8.623  1.00 31.09 ? 578 HOH A O   1 
HETATM 1420 O  O   . HOH C 3 .   ? -2.971  -20.403 -4.626  1.00 56.08 ? 579 HOH A O   1 
HETATM 1421 O  O   . HOH C 3 .   ? -9.610  -14.338 1.714   1.00 33.56 ? 580 HOH A O   1 
HETATM 1422 O  O   . HOH C 3 .   ? -14.974 10.999  -3.275  1.00 43.69 ? 581 HOH A O   1 
HETATM 1423 O  O   . HOH C 3 .   ? -5.172  17.386  2.492   1.00 57.55 ? 582 HOH A O   1 
HETATM 1424 O  O   . HOH C 3 .   ? -2.546  -7.337  15.946  1.00 57.69 ? 583 HOH A O   1 
HETATM 1425 O  O   . HOH C 3 .   ? -20.397 -8.246  3.745   1.00 54.30 ? 584 HOH A O   1 
HETATM 1426 O  O   . HOH C 3 .   ? 5.666   -14.165 11.944  1.00 61.49 ? 585 HOH A O   1 
HETATM 1427 O  O   . HOH C 3 .   ? 8.831   15.565  -10.005 1.00 55.52 ? 586 HOH A O   1 
HETATM 1428 O  O   . HOH C 3 .   ? 10.478  14.750  2.308   1.00 62.65 ? 587 HOH A O   1 
HETATM 1429 O  O   . HOH C 3 .   ? 10.093  8.257   15.275  1.00 44.59 ? 588 HOH A O   1 
# 
